data_3B18
# 
_entry.id   3B18 
# 
_audit_conform.dict_name       mmcif_pdbx.dic 
_audit_conform.dict_version    5.397 
_audit_conform.dict_location   http://mmcif.pdb.org/dictionaries/ascii/mmcif_pdbx.dic 
# 
loop_
_database_2.database_id 
_database_2.database_code 
_database_2.pdbx_database_accession 
_database_2.pdbx_DOI 
PDB   3B18         pdb_00003b18 10.2210/pdb3b18/pdb 
RCSB  RCSB029950   ?            ?                   
WWPDB D_1000029950 ?            ?                   
# 
loop_
_pdbx_audit_revision_history.ordinal 
_pdbx_audit_revision_history.data_content_type 
_pdbx_audit_revision_history.major_revision 
_pdbx_audit_revision_history.minor_revision 
_pdbx_audit_revision_history.revision_date 
1 'Structure model' 1 0 2012-06-06 
2 'Structure model' 1 1 2019-11-06 
3 'Structure model' 1 2 2023-11-01 
4 'Structure model' 1 3 2024-10-30 
# 
_pdbx_audit_revision_details.ordinal             1 
_pdbx_audit_revision_details.revision_ordinal    1 
_pdbx_audit_revision_details.data_content_type   'Structure model' 
_pdbx_audit_revision_details.provider            repository 
_pdbx_audit_revision_details.type                'Initial release' 
_pdbx_audit_revision_details.description         ? 
_pdbx_audit_revision_details.details             ? 
# 
loop_
_pdbx_audit_revision_group.ordinal 
_pdbx_audit_revision_group.revision_ordinal 
_pdbx_audit_revision_group.data_content_type 
_pdbx_audit_revision_group.group 
1 2 'Structure model' 'Data collection'        
2 2 'Structure model' 'Database references'    
3 3 'Structure model' 'Data collection'        
4 3 'Structure model' 'Database references'    
5 3 'Structure model' 'Derived calculations'   
6 3 'Structure model' 'Refinement description' 
7 4 'Structure model' 'Structure summary'      
# 
loop_
_pdbx_audit_revision_category.ordinal 
_pdbx_audit_revision_category.revision_ordinal 
_pdbx_audit_revision_category.data_content_type 
_pdbx_audit_revision_category.category 
1 2 'Structure model' citation                      
2 3 'Structure model' chem_comp_atom                
3 3 'Structure model' chem_comp_bond                
4 3 'Structure model' database_2                    
5 3 'Structure model' pdbx_initial_refinement_model 
6 3 'Structure model' struct_site                   
7 4 'Structure model' pdbx_entry_details            
8 4 'Structure model' pdbx_modification_feature     
# 
loop_
_pdbx_audit_revision_item.ordinal 
_pdbx_audit_revision_item.revision_ordinal 
_pdbx_audit_revision_item.data_content_type 
_pdbx_audit_revision_item.item 
1 2 'Structure model' '_citation.journal_id_ISSN'           
2 2 'Structure model' '_citation.pdbx_database_id_DOI'      
3 2 'Structure model' '_citation.title'                     
4 3 'Structure model' '_database_2.pdbx_DOI'                
5 3 'Structure model' '_database_2.pdbx_database_accession' 
6 3 'Structure model' '_struct_site.pdbx_auth_asym_id'      
7 3 'Structure model' '_struct_site.pdbx_auth_comp_id'      
8 3 'Structure model' '_struct_site.pdbx_auth_seq_id'       
# 
_pdbx_database_status.status_code                     REL 
_pdbx_database_status.entry_id                        3B18 
_pdbx_database_status.recvd_initial_deposition_date   2011-06-26 
_pdbx_database_status.deposit_site                    PDBJ 
_pdbx_database_status.process_site                    PDBJ 
_pdbx_database_status.status_code_sf                  REL 
_pdbx_database_status.status_code_mr                  ? 
_pdbx_database_status.SG_entry                        ? 
_pdbx_database_status.status_code_cs                  ? 
_pdbx_database_status.methods_development_category    ? 
_pdbx_database_status.pdb_format_compatible           Y 
_pdbx_database_status.status_code_nmr_data            ? 
# 
_pdbx_database_related.db_name        PDB 
_pdbx_database_related.db_id          2PFC 
_pdbx_database_related.details        'Structure of Mycobacterium tuberculosis Rv0098 with disordered loop' 
_pdbx_database_related.content_type   unspecified 
# 
loop_
_audit_author.name 
_audit_author.pdbx_ordinal 
'Maity, K.'  1 
'Suguna, K.' 2 
# 
_citation.id                        primary 
_citation.title                     
;Insights into the substrate specificity of a thioesterase Rv0098 of mycobacterium tuberculosis through X-ray crystallographic and molecular dynamics studies.
;
_citation.journal_abbrev            J.Biomol.Struct.Dyn. 
_citation.journal_volume            29 
_citation.page_first                973 
_citation.page_last                 983 
_citation.year                      2012 
_citation.journal_id_ASTM           JBSDD6 
_citation.country                   US 
_citation.journal_id_ISSN           1538-0254 
_citation.journal_id_CSD            0646 
_citation.book_publisher            ? 
_citation.pdbx_database_id_PubMed   22292955 
_citation.pdbx_database_id_DOI      10.1080/07391102.2012.10507417 
# 
loop_
_citation_author.citation_id 
_citation_author.name 
_citation_author.ordinal 
_citation_author.identifier_ORCID 
primary 'Maity, K.'   1 ? 
primary 'Bajaj, P.'   2 ? 
primary 'Surolia, N.' 3 ? 
primary 'Surolia, A.' 4 ? 
primary 'Suguna, K.'  5 ? 
# 
loop_
_entity.id 
_entity.type 
_entity.src_method 
_entity.pdbx_description 
_entity.formula_weight 
_entity.pdbx_number_of_molecules 
_entity.pdbx_ec 
_entity.pdbx_mutation 
_entity.pdbx_fragment 
_entity.details 
1 polymer     man 'Uncharacterized protein Rv0098/MT0107' 20549.479 1  ? ? ? ? 
2 non-polymer syn 'LAURIC ACID'                           200.318   1  ? ? ? ? 
3 water       nat water                                   18.015    28 ? ? ? ? 
# 
_entity_name_com.entity_id   1 
_entity_name_com.name        'Long-chain fatty acyl-CoA thioesterase Rv0098' 
# 
_entity_poly.entity_id                      1 
_entity_poly.type                           'polypeptide(L)' 
_entity_poly.nstd_linkage                   no 
_entity_poly.nstd_monomer                   no 
_entity_poly.pdbx_seq_one_letter_code       
;MSHTDLTPCTRVLASSGTVPIAEELLARVLEPYSCKGCRYLIDAQYSATEDSVLAYGNFTIGESAYIRSTGHFNAVELIL
CFNQLAYSAFAPAVLNEEIRVLRGWSIDDYCQHQLSSMLIRKASSRFRKPLNPQKFSARLLCRDLQVIERTWRYLKVPCV
IEFWDENGGAASGEIELAALNIP
;
_entity_poly.pdbx_seq_one_letter_code_can   
;MSHTDLTPCTRVLASSGTVPIAEELLARVLEPYSCKGCRYLIDAQYSATEDSVLAYGNFTIGESAYIRSTGHFNAVELIL
CFNQLAYSAFAPAVLNEEIRVLRGWSIDDYCQHQLSSMLIRKASSRFRKPLNPQKFSARLLCRDLQVIERTWRYLKVPCV
IEFWDENGGAASGEIELAALNIP
;
_entity_poly.pdbx_strand_id                 A 
_entity_poly.pdbx_target_identifier         ? 
# 
loop_
_pdbx_entity_nonpoly.entity_id 
_pdbx_entity_nonpoly.name 
_pdbx_entity_nonpoly.comp_id 
2 'LAURIC ACID' DAO 
3 water         HOH 
# 
loop_
_entity_poly_seq.entity_id 
_entity_poly_seq.num 
_entity_poly_seq.mon_id 
_entity_poly_seq.hetero 
1 1   MET n 
1 2   SER n 
1 3   HIS n 
1 4   THR n 
1 5   ASP n 
1 6   LEU n 
1 7   THR n 
1 8   PRO n 
1 9   CYS n 
1 10  THR n 
1 11  ARG n 
1 12  VAL n 
1 13  LEU n 
1 14  ALA n 
1 15  SER n 
1 16  SER n 
1 17  GLY n 
1 18  THR n 
1 19  VAL n 
1 20  PRO n 
1 21  ILE n 
1 22  ALA n 
1 23  GLU n 
1 24  GLU n 
1 25  LEU n 
1 26  LEU n 
1 27  ALA n 
1 28  ARG n 
1 29  VAL n 
1 30  LEU n 
1 31  GLU n 
1 32  PRO n 
1 33  TYR n 
1 34  SER n 
1 35  CYS n 
1 36  LYS n 
1 37  GLY n 
1 38  CYS n 
1 39  ARG n 
1 40  TYR n 
1 41  LEU n 
1 42  ILE n 
1 43  ASP n 
1 44  ALA n 
1 45  GLN n 
1 46  TYR n 
1 47  SER n 
1 48  ALA n 
1 49  THR n 
1 50  GLU n 
1 51  ASP n 
1 52  SER n 
1 53  VAL n 
1 54  LEU n 
1 55  ALA n 
1 56  TYR n 
1 57  GLY n 
1 58  ASN n 
1 59  PHE n 
1 60  THR n 
1 61  ILE n 
1 62  GLY n 
1 63  GLU n 
1 64  SER n 
1 65  ALA n 
1 66  TYR n 
1 67  ILE n 
1 68  ARG n 
1 69  SER n 
1 70  THR n 
1 71  GLY n 
1 72  HIS n 
1 73  PHE n 
1 74  ASN n 
1 75  ALA n 
1 76  VAL n 
1 77  GLU n 
1 78  LEU n 
1 79  ILE n 
1 80  LEU n 
1 81  CYS n 
1 82  PHE n 
1 83  ASN n 
1 84  GLN n 
1 85  LEU n 
1 86  ALA n 
1 87  TYR n 
1 88  SER n 
1 89  ALA n 
1 90  PHE n 
1 91  ALA n 
1 92  PRO n 
1 93  ALA n 
1 94  VAL n 
1 95  LEU n 
1 96  ASN n 
1 97  GLU n 
1 98  GLU n 
1 99  ILE n 
1 100 ARG n 
1 101 VAL n 
1 102 LEU n 
1 103 ARG n 
1 104 GLY n 
1 105 TRP n 
1 106 SER n 
1 107 ILE n 
1 108 ASP n 
1 109 ASP n 
1 110 TYR n 
1 111 CYS n 
1 112 GLN n 
1 113 HIS n 
1 114 GLN n 
1 115 LEU n 
1 116 SER n 
1 117 SER n 
1 118 MET n 
1 119 LEU n 
1 120 ILE n 
1 121 ARG n 
1 122 LYS n 
1 123 ALA n 
1 124 SER n 
1 125 SER n 
1 126 ARG n 
1 127 PHE n 
1 128 ARG n 
1 129 LYS n 
1 130 PRO n 
1 131 LEU n 
1 132 ASN n 
1 133 PRO n 
1 134 GLN n 
1 135 LYS n 
1 136 PHE n 
1 137 SER n 
1 138 ALA n 
1 139 ARG n 
1 140 LEU n 
1 141 LEU n 
1 142 CYS n 
1 143 ARG n 
1 144 ASP n 
1 145 LEU n 
1 146 GLN n 
1 147 VAL n 
1 148 ILE n 
1 149 GLU n 
1 150 ARG n 
1 151 THR n 
1 152 TRP n 
1 153 ARG n 
1 154 TYR n 
1 155 LEU n 
1 156 LYS n 
1 157 VAL n 
1 158 PRO n 
1 159 CYS n 
1 160 VAL n 
1 161 ILE n 
1 162 GLU n 
1 163 PHE n 
1 164 TRP n 
1 165 ASP n 
1 166 GLU n 
1 167 ASN n 
1 168 GLY n 
1 169 GLY n 
1 170 ALA n 
1 171 ALA n 
1 172 SER n 
1 173 GLY n 
1 174 GLU n 
1 175 ILE n 
1 176 GLU n 
1 177 LEU n 
1 178 ALA n 
1 179 ALA n 
1 180 LEU n 
1 181 ASN n 
1 182 ILE n 
1 183 PRO n 
# 
_entity_src_gen.entity_id                          1 
_entity_src_gen.pdbx_src_id                        1 
_entity_src_gen.pdbx_alt_source_flag               sample 
_entity_src_gen.pdbx_seq_type                      ? 
_entity_src_gen.pdbx_beg_seq_num                   ? 
_entity_src_gen.pdbx_end_seq_num                   ? 
_entity_src_gen.gene_src_common_name               ? 
_entity_src_gen.gene_src_genus                     ? 
_entity_src_gen.pdbx_gene_src_gene                 Rv0098 
_entity_src_gen.gene_src_species                   ? 
_entity_src_gen.gene_src_strain                    ? 
_entity_src_gen.gene_src_tissue                    ? 
_entity_src_gen.gene_src_tissue_fraction           ? 
_entity_src_gen.gene_src_details                   ? 
_entity_src_gen.pdbx_gene_src_fragment             ? 
_entity_src_gen.pdbx_gene_src_scientific_name      'Mycobacterium tuberculosis' 
_entity_src_gen.pdbx_gene_src_ncbi_taxonomy_id     1773 
_entity_src_gen.pdbx_gene_src_variant              ? 
_entity_src_gen.pdbx_gene_src_cell_line            ? 
_entity_src_gen.pdbx_gene_src_atcc                 ? 
_entity_src_gen.pdbx_gene_src_organ                ? 
_entity_src_gen.pdbx_gene_src_organelle            ? 
_entity_src_gen.pdbx_gene_src_cell                 ? 
_entity_src_gen.pdbx_gene_src_cellular_location    ? 
_entity_src_gen.host_org_common_name               ? 
_entity_src_gen.pdbx_host_org_scientific_name      'Escherichia coli' 
_entity_src_gen.pdbx_host_org_ncbi_taxonomy_id     562 
_entity_src_gen.host_org_genus                     ? 
_entity_src_gen.pdbx_host_org_gene                 ? 
_entity_src_gen.pdbx_host_org_organ                ? 
_entity_src_gen.host_org_species                   ? 
_entity_src_gen.pdbx_host_org_tissue               ? 
_entity_src_gen.pdbx_host_org_tissue_fraction      ? 
_entity_src_gen.pdbx_host_org_strain               'BL21(DE3)' 
_entity_src_gen.pdbx_host_org_variant              ? 
_entity_src_gen.pdbx_host_org_cell_line            ? 
_entity_src_gen.pdbx_host_org_atcc                 ? 
_entity_src_gen.pdbx_host_org_culture_collection   ? 
_entity_src_gen.pdbx_host_org_cell                 ? 
_entity_src_gen.pdbx_host_org_organelle            ? 
_entity_src_gen.pdbx_host_org_cellular_location    ? 
_entity_src_gen.pdbx_host_org_vector_type          PLASMID 
_entity_src_gen.pdbx_host_org_vector               ? 
_entity_src_gen.host_org_details                   ? 
_entity_src_gen.expression_system_id               ? 
_entity_src_gen.plasmid_name                       'PET-28a(+)(NOVAGEN)' 
_entity_src_gen.plasmid_details                    ? 
_entity_src_gen.pdbx_description                   ? 
# 
loop_
_chem_comp.id 
_chem_comp.type 
_chem_comp.mon_nstd_flag 
_chem_comp.name 
_chem_comp.pdbx_synonyms 
_chem_comp.formula 
_chem_comp.formula_weight 
ALA 'L-peptide linking' y ALANINE         ? 'C3 H7 N O2'     89.093  
ARG 'L-peptide linking' y ARGININE        ? 'C6 H15 N4 O2 1' 175.209 
ASN 'L-peptide linking' y ASPARAGINE      ? 'C4 H8 N2 O3'    132.118 
ASP 'L-peptide linking' y 'ASPARTIC ACID' ? 'C4 H7 N O4'     133.103 
CYS 'L-peptide linking' y CYSTEINE        ? 'C3 H7 N O2 S'   121.158 
DAO non-polymer         . 'LAURIC ACID'   ? 'C12 H24 O2'     200.318 
GLN 'L-peptide linking' y GLUTAMINE       ? 'C5 H10 N2 O3'   146.144 
GLU 'L-peptide linking' y 'GLUTAMIC ACID' ? 'C5 H9 N O4'     147.129 
GLY 'peptide linking'   y GLYCINE         ? 'C2 H5 N O2'     75.067  
HIS 'L-peptide linking' y HISTIDINE       ? 'C6 H10 N3 O2 1' 156.162 
HOH non-polymer         . WATER           ? 'H2 O'           18.015  
ILE 'L-peptide linking' y ISOLEUCINE      ? 'C6 H13 N O2'    131.173 
LEU 'L-peptide linking' y LEUCINE         ? 'C6 H13 N O2'    131.173 
LYS 'L-peptide linking' y LYSINE          ? 'C6 H15 N2 O2 1' 147.195 
MET 'L-peptide linking' y METHIONINE      ? 'C5 H11 N O2 S'  149.211 
PHE 'L-peptide linking' y PHENYLALANINE   ? 'C9 H11 N O2'    165.189 
PRO 'L-peptide linking' y PROLINE         ? 'C5 H9 N O2'     115.130 
SER 'L-peptide linking' y SERINE          ? 'C3 H7 N O3'     105.093 
THR 'L-peptide linking' y THREONINE       ? 'C4 H9 N O3'     119.119 
TRP 'L-peptide linking' y TRYPTOPHAN      ? 'C11 H12 N2 O2'  204.225 
TYR 'L-peptide linking' y TYROSINE        ? 'C9 H11 N O3'    181.189 
VAL 'L-peptide linking' y VALINE          ? 'C5 H11 N O2'    117.146 
# 
loop_
_pdbx_poly_seq_scheme.asym_id 
_pdbx_poly_seq_scheme.entity_id 
_pdbx_poly_seq_scheme.seq_id 
_pdbx_poly_seq_scheme.mon_id 
_pdbx_poly_seq_scheme.ndb_seq_num 
_pdbx_poly_seq_scheme.pdb_seq_num 
_pdbx_poly_seq_scheme.auth_seq_num 
_pdbx_poly_seq_scheme.pdb_mon_id 
_pdbx_poly_seq_scheme.auth_mon_id 
_pdbx_poly_seq_scheme.pdb_strand_id 
_pdbx_poly_seq_scheme.pdb_ins_code 
_pdbx_poly_seq_scheme.hetero 
A 1 1   MET 1   1   ?   ?   ?   A . n 
A 1 2   SER 2   2   ?   ?   ?   A . n 
A 1 3   HIS 3   3   ?   ?   ?   A . n 
A 1 4   THR 4   4   ?   ?   ?   A . n 
A 1 5   ASP 5   5   ?   ?   ?   A . n 
A 1 6   LEU 6   6   ?   ?   ?   A . n 
A 1 7   THR 7   7   ?   ?   ?   A . n 
A 1 8   PRO 8   8   ?   ?   ?   A . n 
A 1 9   CYS 9   9   ?   ?   ?   A . n 
A 1 10  THR 10  10  ?   ?   ?   A . n 
A 1 11  ARG 11  11  ?   ?   ?   A . n 
A 1 12  VAL 12  12  ?   ?   ?   A . n 
A 1 13  LEU 13  13  ?   ?   ?   A . n 
A 1 14  ALA 14  14  ?   ?   ?   A . n 
A 1 15  SER 15  15  ?   ?   ?   A . n 
A 1 16  SER 16  16  16  SER SER A . n 
A 1 17  GLY 17  17  17  GLY GLY A . n 
A 1 18  THR 18  18  18  THR THR A . n 
A 1 19  VAL 19  19  19  VAL VAL A . n 
A 1 20  PRO 20  20  20  PRO PRO A . n 
A 1 21  ILE 21  21  21  ILE ILE A . n 
A 1 22  ALA 22  22  22  ALA ALA A . n 
A 1 23  GLU 23  23  23  GLU GLU A . n 
A 1 24  GLU 24  24  24  GLU GLU A . n 
A 1 25  LEU 25  25  25  LEU LEU A . n 
A 1 26  LEU 26  26  26  LEU LEU A . n 
A 1 27  ALA 27  27  27  ALA ALA A . n 
A 1 28  ARG 28  28  28  ARG ARG A . n 
A 1 29  VAL 29  29  29  VAL VAL A . n 
A 1 30  LEU 30  30  30  LEU LEU A . n 
A 1 31  GLU 31  31  31  GLU GLU A . n 
A 1 32  PRO 32  32  32  PRO PRO A . n 
A 1 33  TYR 33  33  33  TYR TYR A . n 
A 1 34  SER 34  34  34  SER SER A . n 
A 1 35  CYS 35  35  35  CYS CYS A . n 
A 1 36  LYS 36  36  36  LYS LYS A . n 
A 1 37  GLY 37  37  37  GLY GLY A . n 
A 1 38  CYS 38  38  38  CYS CYS A . n 
A 1 39  ARG 39  39  39  ARG ARG A . n 
A 1 40  TYR 40  40  40  TYR TYR A . n 
A 1 41  LEU 41  41  41  LEU LEU A . n 
A 1 42  ILE 42  42  42  ILE ILE A . n 
A 1 43  ASP 43  43  43  ASP ASP A . n 
A 1 44  ALA 44  44  44  ALA ALA A . n 
A 1 45  GLN 45  45  45  GLN GLN A . n 
A 1 46  TYR 46  46  46  TYR TYR A . n 
A 1 47  SER 47  47  47  SER SER A . n 
A 1 48  ALA 48  48  48  ALA ALA A . n 
A 1 49  THR 49  49  49  THR THR A . n 
A 1 50  GLU 50  50  50  GLU GLU A . n 
A 1 51  ASP 51  51  51  ASP ASP A . n 
A 1 52  SER 52  52  52  SER SER A . n 
A 1 53  VAL 53  53  53  VAL VAL A . n 
A 1 54  LEU 54  54  54  LEU LEU A . n 
A 1 55  ALA 55  55  55  ALA ALA A . n 
A 1 56  TYR 56  56  56  TYR TYR A . n 
A 1 57  GLY 57  57  57  GLY GLY A . n 
A 1 58  ASN 58  58  58  ASN ASN A . n 
A 1 59  PHE 59  59  59  PHE PHE A . n 
A 1 60  THR 60  60  60  THR THR A . n 
A 1 61  ILE 61  61  61  ILE ILE A . n 
A 1 62  GLY 62  62  62  GLY GLY A . n 
A 1 63  GLU 63  63  63  GLU GLU A . n 
A 1 64  SER 64  64  64  SER SER A . n 
A 1 65  ALA 65  65  65  ALA ALA A . n 
A 1 66  TYR 66  66  66  TYR TYR A . n 
A 1 67  ILE 67  67  67  ILE ILE A . n 
A 1 68  ARG 68  68  68  ARG ARG A . n 
A 1 69  SER 69  69  69  SER SER A . n 
A 1 70  THR 70  70  70  THR THR A . n 
A 1 71  GLY 71  71  71  GLY GLY A . n 
A 1 72  HIS 72  72  72  HIS HIS A . n 
A 1 73  PHE 73  73  73  PHE PHE A . n 
A 1 74  ASN 74  74  74  ASN ASN A . n 
A 1 75  ALA 75  75  75  ALA ALA A . n 
A 1 76  VAL 76  76  76  VAL VAL A . n 
A 1 77  GLU 77  77  77  GLU GLU A . n 
A 1 78  LEU 78  78  78  LEU LEU A . n 
A 1 79  ILE 79  79  79  ILE ILE A . n 
A 1 80  LEU 80  80  80  LEU LEU A . n 
A 1 81  CYS 81  81  81  CYS CYS A . n 
A 1 82  PHE 82  82  82  PHE PHE A . n 
A 1 83  ASN 83  83  83  ASN ASN A . n 
A 1 84  GLN 84  84  84  GLN GLN A . n 
A 1 85  LEU 85  85  85  LEU LEU A . n 
A 1 86  ALA 86  86  86  ALA ALA A . n 
A 1 87  TYR 87  87  87  TYR TYR A . n 
A 1 88  SER 88  88  88  SER SER A . n 
A 1 89  ALA 89  89  89  ALA ALA A . n 
A 1 90  PHE 90  90  90  PHE PHE A . n 
A 1 91  ALA 91  91  91  ALA ALA A . n 
A 1 92  PRO 92  92  92  PRO PRO A . n 
A 1 93  ALA 93  93  93  ALA ALA A . n 
A 1 94  VAL 94  94  94  VAL VAL A . n 
A 1 95  LEU 95  95  95  LEU LEU A . n 
A 1 96  ASN 96  96  96  ASN ASN A . n 
A 1 97  GLU 97  97  97  GLU GLU A . n 
A 1 98  GLU 98  98  98  GLU GLU A . n 
A 1 99  ILE 99  99  99  ILE ILE A . n 
A 1 100 ARG 100 100 100 ARG ARG A . n 
A 1 101 VAL 101 101 101 VAL VAL A . n 
A 1 102 LEU 102 102 102 LEU LEU A . n 
A 1 103 ARG 103 103 103 ARG ARG A . n 
A 1 104 GLY 104 104 104 GLY GLY A . n 
A 1 105 TRP 105 105 105 TRP TRP A . n 
A 1 106 SER 106 106 106 SER SER A . n 
A 1 107 ILE 107 107 107 ILE ILE A . n 
A 1 108 ASP 108 108 108 ASP ASP A . n 
A 1 109 ASP 109 109 109 ASP ASP A . n 
A 1 110 TYR 110 110 110 TYR TYR A . n 
A 1 111 CYS 111 111 111 CYS CYS A . n 
A 1 112 GLN 112 112 112 GLN GLN A . n 
A 1 113 HIS 113 113 113 HIS HIS A . n 
A 1 114 GLN 114 114 114 GLN GLN A . n 
A 1 115 LEU 115 115 115 LEU LEU A . n 
A 1 116 SER 116 116 116 SER SER A . n 
A 1 117 SER 117 117 117 SER SER A . n 
A 1 118 MET 118 118 118 MET MET A . n 
A 1 119 LEU 119 119 119 LEU LEU A . n 
A 1 120 ILE 120 120 120 ILE ILE A . n 
A 1 121 ARG 121 121 121 ARG ARG A . n 
A 1 122 LYS 122 122 122 LYS LYS A . n 
A 1 123 ALA 123 123 123 ALA ALA A . n 
A 1 124 SER 124 124 124 SER SER A . n 
A 1 125 SER 125 125 125 SER SER A . n 
A 1 126 ARG 126 126 126 ARG ARG A . n 
A 1 127 PHE 127 127 127 PHE PHE A . n 
A 1 128 ARG 128 128 128 ARG ARG A . n 
A 1 129 LYS 129 129 129 LYS LYS A . n 
A 1 130 PRO 130 130 130 PRO PRO A . n 
A 1 131 LEU 131 131 131 LEU LEU A . n 
A 1 132 ASN 132 132 132 ASN ASN A . n 
A 1 133 PRO 133 133 133 PRO PRO A . n 
A 1 134 GLN 134 134 134 GLN GLN A . n 
A 1 135 LYS 135 135 135 LYS LYS A . n 
A 1 136 PHE 136 136 136 PHE PHE A . n 
A 1 137 SER 137 137 137 SER SER A . n 
A 1 138 ALA 138 138 138 ALA ALA A . n 
A 1 139 ARG 139 139 139 ARG ARG A . n 
A 1 140 LEU 140 140 140 LEU LEU A . n 
A 1 141 LEU 141 141 141 LEU LEU A . n 
A 1 142 CYS 142 142 142 CYS CYS A . n 
A 1 143 ARG 143 143 143 ARG ARG A . n 
A 1 144 ASP 144 144 144 ASP ASP A . n 
A 1 145 LEU 145 145 145 LEU LEU A . n 
A 1 146 GLN 146 146 146 GLN GLN A . n 
A 1 147 VAL 147 147 147 VAL VAL A . n 
A 1 148 ILE 148 148 148 ILE ILE A . n 
A 1 149 GLU 149 149 149 GLU GLU A . n 
A 1 150 ARG 150 150 150 ARG ARG A . n 
A 1 151 THR 151 151 151 THR THR A . n 
A 1 152 TRP 152 152 152 TRP TRP A . n 
A 1 153 ARG 153 153 153 ARG ARG A . n 
A 1 154 TYR 154 154 154 TYR TYR A . n 
A 1 155 LEU 155 155 155 LEU LEU A . n 
A 1 156 LYS 156 156 156 LYS LYS A . n 
A 1 157 VAL 157 157 157 VAL VAL A . n 
A 1 158 PRO 158 158 158 PRO PRO A . n 
A 1 159 CYS 159 159 159 CYS CYS A . n 
A 1 160 VAL 160 160 160 VAL VAL A . n 
A 1 161 ILE 161 161 161 ILE ILE A . n 
A 1 162 GLU 162 162 162 GLU GLU A . n 
A 1 163 PHE 163 163 163 PHE PHE A . n 
A 1 164 TRP 164 164 164 TRP TRP A . n 
A 1 165 ASP 165 165 165 ASP ASP A . n 
A 1 166 GLU 166 166 ?   ?   ?   A . n 
A 1 167 ASN 167 167 167 ASN ASN A . n 
A 1 168 GLY 168 168 168 GLY GLY A . n 
A 1 169 GLY 169 169 169 GLY GLY A . n 
A 1 170 ALA 170 170 170 ALA ALA A . n 
A 1 171 ALA 171 171 171 ALA ALA A . n 
A 1 172 SER 172 172 172 SER SER A . n 
A 1 173 GLY 173 173 173 GLY GLY A . n 
A 1 174 GLU 174 174 174 GLU GLU A . n 
A 1 175 ILE 175 175 175 ILE ILE A . n 
A 1 176 GLU 176 176 176 GLU GLU A . n 
A 1 177 LEU 177 177 177 LEU LEU A . n 
A 1 178 ALA 178 178 178 ALA ALA A . n 
A 1 179 ALA 179 179 179 ALA ALA A . n 
A 1 180 LEU 180 180 180 LEU LEU A . n 
A 1 181 ASN 181 181 181 ASN ASN A . n 
A 1 182 ILE 182 182 182 ILE ILE A . n 
A 1 183 PRO 183 183 183 PRO PRO A . n 
# 
loop_
_pdbx_nonpoly_scheme.asym_id 
_pdbx_nonpoly_scheme.entity_id 
_pdbx_nonpoly_scheme.mon_id 
_pdbx_nonpoly_scheme.ndb_seq_num 
_pdbx_nonpoly_scheme.pdb_seq_num 
_pdbx_nonpoly_scheme.auth_seq_num 
_pdbx_nonpoly_scheme.pdb_mon_id 
_pdbx_nonpoly_scheme.auth_mon_id 
_pdbx_nonpoly_scheme.pdb_strand_id 
_pdbx_nonpoly_scheme.pdb_ins_code 
B 2 DAO 1  500 500 DAO DAO A . 
C 3 HOH 1  184 1   HOH HOH A . 
C 3 HOH 2  185 2   HOH HOH A . 
C 3 HOH 3  186 3   HOH HOH A . 
C 3 HOH 4  187 4   HOH HOH A . 
C 3 HOH 5  188 5   HOH HOH A . 
C 3 HOH 6  189 6   HOH HOH A . 
C 3 HOH 7  190 7   HOH HOH A . 
C 3 HOH 8  191 8   HOH HOH A . 
C 3 HOH 9  192 9   HOH HOH A . 
C 3 HOH 10 193 10  HOH HOH A . 
C 3 HOH 11 194 11  HOH HOH A . 
C 3 HOH 12 195 12  HOH HOH A . 
C 3 HOH 13 196 13  HOH HOH A . 
C 3 HOH 14 197 14  HOH HOH A . 
C 3 HOH 15 198 15  HOH HOH A . 
C 3 HOH 16 199 16  HOH HOH A . 
C 3 HOH 17 200 17  HOH HOH A . 
C 3 HOH 18 201 18  HOH HOH A . 
C 3 HOH 19 202 19  HOH HOH A . 
C 3 HOH 20 203 20  HOH HOH A . 
C 3 HOH 21 204 21  HOH HOH A . 
C 3 HOH 22 205 22  HOH HOH A . 
C 3 HOH 23 206 23  HOH HOH A . 
C 3 HOH 24 207 24  HOH HOH A . 
C 3 HOH 25 208 25  HOH HOH A . 
C 3 HOH 26 209 26  HOH HOH A . 
C 3 HOH 27 210 27  HOH HOH A . 
C 3 HOH 28 211 28  HOH HOH A . 
# 
loop_
_pdbx_unobs_or_zero_occ_atoms.id 
_pdbx_unobs_or_zero_occ_atoms.PDB_model_num 
_pdbx_unobs_or_zero_occ_atoms.polymer_flag 
_pdbx_unobs_or_zero_occ_atoms.occupancy_flag 
_pdbx_unobs_or_zero_occ_atoms.auth_asym_id 
_pdbx_unobs_or_zero_occ_atoms.auth_comp_id 
_pdbx_unobs_or_zero_occ_atoms.auth_seq_id 
_pdbx_unobs_or_zero_occ_atoms.PDB_ins_code 
_pdbx_unobs_or_zero_occ_atoms.auth_atom_id 
_pdbx_unobs_or_zero_occ_atoms.label_alt_id 
_pdbx_unobs_or_zero_occ_atoms.label_asym_id 
_pdbx_unobs_or_zero_occ_atoms.label_comp_id 
_pdbx_unobs_or_zero_occ_atoms.label_seq_id 
_pdbx_unobs_or_zero_occ_atoms.label_atom_id 
1 1 Y 1 A GLN 112 ? CG  ? A GLN 112 CG  
2 1 Y 1 A GLN 112 ? CD  ? A GLN 112 CD  
3 1 Y 1 A GLN 112 ? OE1 ? A GLN 112 OE1 
4 1 Y 1 A GLN 112 ? NE2 ? A GLN 112 NE2 
5 1 Y 1 A ASN 167 ? CG  ? A ASN 167 CG  
6 1 Y 1 A ASN 167 ? OD1 ? A ASN 167 OD1 
7 1 Y 1 A ASN 167 ? ND2 ? A ASN 167 ND2 
# 
loop_
_software.name 
_software.classification 
_software.version 
_software.citation_id 
_software.pdbx_ordinal 
MAR345dtb 'data collection' .        ? 1 
PHASER    phasing           .        ? 2 
REFMAC    refinement        5.5.0102 ? 3 
MOSFLM    'data reduction'  .        ? 4 
SCALA     'data scaling'    .        ? 5 
# 
_cell.entry_id           3B18 
_cell.length_a           100.190 
_cell.length_b           100.190 
_cell.length_c           100.190 
_cell.angle_alpha        90.00 
_cell.angle_beta         90.00 
_cell.angle_gamma        90.00 
_cell.Z_PDB              24 
_cell.pdbx_unique_axis   ? 
_cell.length_a_esd       ? 
_cell.length_b_esd       ? 
_cell.length_c_esd       ? 
_cell.angle_alpha_esd    ? 
_cell.angle_beta_esd     ? 
_cell.angle_gamma_esd    ? 
# 
_symmetry.entry_id                         3B18 
_symmetry.space_group_name_H-M             'I 21 3' 
_symmetry.pdbx_full_space_group_name_H-M   ? 
_symmetry.cell_setting                     ? 
_symmetry.Int_Tables_number                199 
_symmetry.space_group_name_Hall            ? 
# 
_exptl.entry_id          3B18 
_exptl.method            'X-RAY DIFFRACTION' 
_exptl.crystals_number   1 
# 
_exptl_crystal.id                    1 
_exptl_crystal.density_meas          ? 
_exptl_crystal.density_Matthews      2.04 
_exptl_crystal.density_percent_sol   39.68 
_exptl_crystal.description           ? 
_exptl_crystal.F_000                 ? 
_exptl_crystal.preparation           ? 
# 
_exptl_crystal_grow.crystal_id      1 
_exptl_crystal_grow.method          'VAPOR DIFFUSION, HANGING DROP' 
_exptl_crystal_grow.temp            289 
_exptl_crystal_grow.temp_details    ? 
_exptl_crystal_grow.pH              7.5 
_exptl_crystal_grow.pdbx_details    
'5%-12% PEG 6000, 0.1M HEPES buffer, 5% MPD , pH 7.5, VAPOR DIFFUSION, HANGING DROP, temperature 289K' 
_exptl_crystal_grow.pdbx_pH_range   . 
# 
_diffrn.id                     1 
_diffrn.ambient_temp           100 
_diffrn.ambient_temp_details   ? 
_diffrn.crystal_id             1 
# 
_diffrn_detector.diffrn_id              1 
_diffrn_detector.detector               'IMAGE PLATE' 
_diffrn_detector.type                   'MAR scanner 345 mm plate' 
_diffrn_detector.pdbx_collection_date   2006-09-15 
_diffrn_detector.details                Mirror 
# 
_diffrn_radiation.diffrn_id                        1 
_diffrn_radiation.wavelength_id                    1 
_diffrn_radiation.pdbx_monochromatic_or_laue_m_l   M 
_diffrn_radiation.monochromator                    'Osmic Mirror' 
_diffrn_radiation.pdbx_diffrn_protocol             'SINGLE WAVELENGTH' 
_diffrn_radiation.pdbx_scattering_type             x-ray 
# 
_diffrn_radiation_wavelength.id           1 
_diffrn_radiation_wavelength.wavelength   1.54 
_diffrn_radiation_wavelength.wt           1.0 
# 
_diffrn_source.diffrn_id                   1 
_diffrn_source.source                      'ROTATING ANODE' 
_diffrn_source.type                        'RIGAKU RU200' 
_diffrn_source.pdbx_synchrotron_site       ? 
_diffrn_source.pdbx_synchrotron_beamline   ? 
_diffrn_source.pdbx_wavelength             ? 
_diffrn_source.pdbx_wavelength_list        1.54 
# 
_reflns.entry_id                     3B18 
_reflns.observed_criterion_sigma_I   0 
_reflns.observed_criterion_sigma_F   ? 
_reflns.d_resolution_low             50.1 
_reflns.d_resolution_high            2.75 
_reflns.number_obs                   4502 
_reflns.number_all                   ? 
_reflns.percent_possible_obs         100 
_reflns.pdbx_Rmerge_I_obs            0.091 
_reflns.pdbx_Rsym_value              ? 
_reflns.pdbx_netI_over_sigmaI        23.3 
_reflns.B_iso_Wilson_estimate        75.7 
_reflns.pdbx_redundancy              16.1 
_reflns.R_free_details               ? 
_reflns.limit_h_max                  ? 
_reflns.limit_h_min                  ? 
_reflns.limit_k_max                  ? 
_reflns.limit_k_min                  ? 
_reflns.limit_l_max                  ? 
_reflns.limit_l_min                  ? 
_reflns.observed_criterion_F_max     ? 
_reflns.observed_criterion_F_min     ? 
_reflns.pdbx_chi_squared             ? 
_reflns.pdbx_scaling_rejects         ? 
_reflns.pdbx_ordinal                 1 
_reflns.pdbx_diffrn_id               1 
# 
_reflns_shell.d_res_high                  2.75 
_reflns_shell.d_res_low                   2.90 
_reflns_shell.percent_possible_all        100 
_reflns_shell.Rmerge_I_obs                0.760 
_reflns_shell.pdbx_Rsym_value             ? 
_reflns_shell.meanI_over_sigI_obs         4.0 
_reflns_shell.pdbx_redundancy             16.3 
_reflns_shell.percent_possible_obs        ? 
_reflns_shell.number_unique_all           648 
_reflns_shell.number_measured_all         ? 
_reflns_shell.number_measured_obs         ? 
_reflns_shell.number_unique_obs           ? 
_reflns_shell.pdbx_chi_squared            ? 
_reflns_shell.pdbx_rejects                ? 
_reflns_shell.pdbx_netI_over_sigmaI_obs   ? 
_reflns_shell.number_possible             ? 
_reflns_shell.Rmerge_F_all                ? 
_reflns_shell.Rmerge_F_obs                ? 
_reflns_shell.Rmerge_I_all                ? 
_reflns_shell.meanI_over_sigI_all         ? 
_reflns_shell.pdbx_Rrim_I_all             ? 
_reflns_shell.pdbx_Rpim_I_all             ? 
_reflns_shell.pdbx_ordinal                1 
_reflns_shell.pdbx_diffrn_id              1 
# 
_refine.entry_id                                 3B18 
_refine.ls_number_reflns_obs                     4276 
_refine.ls_number_reflns_all                     ? 
_refine.pdbx_ls_sigma_I                          ? 
_refine.pdbx_ls_sigma_F                          0 
_refine.pdbx_data_cutoff_high_absF               ? 
_refine.pdbx_data_cutoff_low_absF                ? 
_refine.pdbx_data_cutoff_high_rms_absF           ? 
_refine.ls_d_res_low                             50.01 
_refine.ls_d_res_high                            2.75 
_refine.ls_percent_reflns_obs                    100.00 
_refine.ls_R_factor_obs                          0.22694 
_refine.ls_R_factor_all                          ? 
_refine.ls_R_factor_R_work                       0.22421 
_refine.ls_R_factor_R_free                       0.27679 
_refine.ls_R_factor_R_free_error                 ? 
_refine.ls_R_factor_R_free_error_details         ? 
_refine.ls_percent_reflns_R_free                 4.6 
_refine.ls_number_reflns_R_free                  205 
_refine.ls_number_parameters                     ? 
_refine.ls_number_restraints                     ? 
_refine.occupancy_min                            ? 
_refine.occupancy_max                            ? 
_refine.correlation_coeff_Fo_to_Fc               0.930 
_refine.correlation_coeff_Fo_to_Fc_free          0.913 
_refine.B_iso_mean                               59.096 
_refine.aniso_B[1][1]                            ? 
_refine.aniso_B[2][2]                            ? 
_refine.aniso_B[3][3]                            ? 
_refine.aniso_B[1][2]                            ? 
_refine.aniso_B[1][3]                            ? 
_refine.aniso_B[2][3]                            ? 
_refine.solvent_model_details                    'BABINET MODEL WITH MASK' 
_refine.solvent_model_param_ksol                 ? 
_refine.solvent_model_param_bsol                 ? 
_refine.pdbx_solvent_vdw_probe_radii             1.40 
_refine.pdbx_solvent_ion_probe_radii             0.80 
_refine.pdbx_solvent_shrinkage_radii             0.80 
_refine.pdbx_ls_cross_valid_method               THROUGHOUT 
_refine.details                                  'BULK SOLVENT MODEL USED' 
_refine.pdbx_starting_model                      2PFC 
_refine.pdbx_method_to_determine_struct          'MOLECULAR REPLACEMENT' 
_refine.pdbx_isotropic_thermal_model             RESTRAINED 
_refine.pdbx_stereochemistry_target_values       'MAXIMUM LIKELIHOOD' 
_refine.pdbx_stereochem_target_val_spec_case     ? 
_refine.pdbx_R_Free_selection_details            RANDOM 
_refine.pdbx_overall_ESU_R_Free                  0.093 
_refine.overall_SU_ML                            0.239 
_refine.pdbx_overall_phase_error                 ? 
_refine.overall_SU_B                             12.006 
_refine.overall_SU_R_Cruickshank_DPI             ? 
_refine.ls_redundancy_reflns_obs                 ? 
_refine.B_iso_min                                ? 
_refine.B_iso_max                                ? 
_refine.overall_SU_R_free                        ? 
_refine.ls_wR_factor_R_free                      ? 
_refine.ls_wR_factor_R_work                      ? 
_refine.overall_FOM_free_R_set                   ? 
_refine.overall_FOM_work_R_set                   ? 
_refine.pdbx_diffrn_id                           1 
_refine.pdbx_refine_id                           'X-RAY DIFFRACTION' 
_refine.pdbx_overall_ESU_R                       ? 
_refine.pdbx_TLS_residual_ADP_flag               ? 
_refine.pdbx_overall_SU_R_free_Cruickshank_DPI   ? 
_refine.pdbx_overall_SU_R_Blow_DPI               ? 
_refine.pdbx_overall_SU_R_free_Blow_DPI          ? 
# 
_refine_hist.pdbx_refine_id                   'X-RAY DIFFRACTION' 
_refine_hist.cycle_id                         LAST 
_refine_hist.pdbx_number_atoms_protein        1316 
_refine_hist.pdbx_number_atoms_nucleic_acid   0 
_refine_hist.pdbx_number_atoms_ligand         14 
_refine_hist.number_atoms_solvent             28 
_refine_hist.number_atoms_total               1358 
_refine_hist.d_res_high                       2.75 
_refine_hist.d_res_low                        50.01 
# 
loop_
_refine_ls_restr.type 
_refine_ls_restr.dev_ideal 
_refine_ls_restr.dev_ideal_target 
_refine_ls_restr.weight 
_refine_ls_restr.number 
_refine_ls_restr.pdbx_restraint_function 
_refine_ls_restr.pdbx_refine_id 
r_bond_refined_d       0.014  0.022  ? 1367 ? 'X-RAY DIFFRACTION' 
r_angle_refined_deg    1.712  1.971  ? 1851 ? 'X-RAY DIFFRACTION' 
r_dihedral_angle_1_deg 7.976  5.000  ? 167  ? 'X-RAY DIFFRACTION' 
r_dihedral_angle_2_deg 39.870 22.581 ? 62   ? 'X-RAY DIFFRACTION' 
r_dihedral_angle_3_deg 21.397 15.000 ? 224  ? 'X-RAY DIFFRACTION' 
r_dihedral_angle_4_deg 20.901 15.000 ? 13   ? 'X-RAY DIFFRACTION' 
r_chiral_restr         0.127  0.200  ? 204  ? 'X-RAY DIFFRACTION' 
r_gen_planes_refined   0.006  0.021  ? 1036 ? 'X-RAY DIFFRACTION' 
r_mcbond_it            0.731  1.500  ? 835  ? 'X-RAY DIFFRACTION' 
r_mcangle_it           1.366  2.000  ? 1339 ? 'X-RAY DIFFRACTION' 
r_scbond_it            1.665  3.000  ? 532  ? 'X-RAY DIFFRACTION' 
r_scangle_it           2.886  4.500  ? 511  ? 'X-RAY DIFFRACTION' 
# 
_refine_ls_shell.pdbx_refine_id                   'X-RAY DIFFRACTION' 
_refine_ls_shell.pdbx_total_number_of_bins_used   20 
_refine_ls_shell.d_res_high                       2.752 
_refine_ls_shell.d_res_low                        2.823 
_refine_ls_shell.number_reflns_R_work             311 
_refine_ls_shell.R_factor_R_work                  0.200 
_refine_ls_shell.percent_reflns_obs               100.00 
_refine_ls_shell.R_factor_R_free                  0.560 
_refine_ls_shell.R_factor_R_free_error            ? 
_refine_ls_shell.percent_reflns_R_free            ? 
_refine_ls_shell.number_reflns_R_free             13 
_refine_ls_shell.number_reflns_all                ? 
_refine_ls_shell.R_factor_all                     ? 
_refine_ls_shell.number_reflns_obs                ? 
_refine_ls_shell.redundancy_reflns_obs            ? 
# 
_struct.entry_id                  3B18 
_struct.title                     'Rv0098 of Mycobacterium tuberculosis with ordered loop between beta-4 and beta-5' 
_struct.pdbx_model_details        ? 
_struct.pdbx_CASP_flag            ? 
_struct.pdbx_model_type_details   ? 
# 
_struct_keywords.entry_id        3B18 
_struct_keywords.pdbx_keywords   HYDROLASE 
_struct_keywords.text            
'hot dog fold, long-chain fatty acyl-CoA thioesterase, acyl carrier protein, Mycobacterium tuberculosis, HYDROLASE' 
# 
loop_
_struct_asym.id 
_struct_asym.pdbx_blank_PDB_chainid_flag 
_struct_asym.pdbx_modified 
_struct_asym.entity_id 
_struct_asym.details 
A N N 1 ? 
B N N 2 ? 
C N N 3 ? 
# 
_struct_ref.id                         1 
_struct_ref.db_name                    UNP 
_struct_ref.db_code                    Y098_MYCTU 
_struct_ref.pdbx_db_accession          P64685 
_struct_ref.entity_id                  1 
_struct_ref.pdbx_seq_one_letter_code   
;MSHTDLTPCTRVLASSGTVPIAEELLARVLEPYSCKGCRYLIDAQYSATEDSVLAYGNFTIGESAYIRSTGHFNAVELIL
CFNQLAYSAFAPAVLNEEIRVLRGWSIDDYCQHQLSSMLIRKASSRFRKPLNPQKFSARLLCRDLQVIERTWRYLKVPCV
IEFWDENGGAASGEIELAALNIP
;
_struct_ref.pdbx_align_begin           1 
_struct_ref.pdbx_db_isoform            ? 
# 
_struct_ref_seq.align_id                      1 
_struct_ref_seq.ref_id                        1 
_struct_ref_seq.pdbx_PDB_id_code              3B18 
_struct_ref_seq.pdbx_strand_id                A 
_struct_ref_seq.seq_align_beg                 1 
_struct_ref_seq.pdbx_seq_align_beg_ins_code   ? 
_struct_ref_seq.seq_align_end                 183 
_struct_ref_seq.pdbx_seq_align_end_ins_code   ? 
_struct_ref_seq.pdbx_db_accession             P64685 
_struct_ref_seq.db_align_beg                  1 
_struct_ref_seq.pdbx_db_align_beg_ins_code    ? 
_struct_ref_seq.db_align_end                  183 
_struct_ref_seq.pdbx_db_align_end_ins_code    ? 
_struct_ref_seq.pdbx_auth_seq_align_beg       1 
_struct_ref_seq.pdbx_auth_seq_align_end       183 
# 
loop_
_pdbx_struct_assembly.id 
_pdbx_struct_assembly.details 
_pdbx_struct_assembly.method_details 
_pdbx_struct_assembly.oligomeric_details 
_pdbx_struct_assembly.oligomeric_count 
1 author_defined_assembly   ?    hexameric 6 
2 software_defined_assembly PISA dimeric   2 
# 
loop_
_pdbx_struct_assembly_prop.biol_id 
_pdbx_struct_assembly_prop.type 
_pdbx_struct_assembly_prop.value 
_pdbx_struct_assembly_prop.details 
2 'ABSA (A^2)' 2810  ? 
2 MORE         -21   ? 
2 'SSA (A^2)'  13980 ? 
# 
loop_
_pdbx_struct_assembly_gen.assembly_id 
_pdbx_struct_assembly_gen.oper_expression 
_pdbx_struct_assembly_gen.asym_id_list 
1 1,2,3,4,5,6 A,B,C 
2 1,4         A,B,C 
# 
loop_
_pdbx_struct_oper_list.id 
_pdbx_struct_oper_list.type 
_pdbx_struct_oper_list.name 
_pdbx_struct_oper_list.symmetry_operation 
_pdbx_struct_oper_list.matrix[1][1] 
_pdbx_struct_oper_list.matrix[1][2] 
_pdbx_struct_oper_list.matrix[1][3] 
_pdbx_struct_oper_list.vector[1] 
_pdbx_struct_oper_list.matrix[2][1] 
_pdbx_struct_oper_list.matrix[2][2] 
_pdbx_struct_oper_list.matrix[2][3] 
_pdbx_struct_oper_list.vector[2] 
_pdbx_struct_oper_list.matrix[3][1] 
_pdbx_struct_oper_list.matrix[3][2] 
_pdbx_struct_oper_list.matrix[3][3] 
_pdbx_struct_oper_list.vector[3] 
1 'identity operation'         1_555  x,y,z             1.0000000000  0.0000000000  0.0000000000  0.0000000000   0.0000000000  1.0000000000  0.0000000000  0.0000000000   0.0000000000  0.0000000000  1.0000000000  0.0000000000   
2 'crystal symmetry operation' 7_454  -z-1/2,-x,y-1/2   -0.1746580745 -0.4485516652 -0.8765249344 8.1973547027   0.9515956750  -0.3055482125 -0.0332559949 -33.7455974393 -0.2529035951 -0.8399057646 0.4802062871  -10.3075440532 
3 'crystal symmetry operation' 10_554 -y,z+1/2,-x-1/2   -0.1746580745 0.9515956750  -0.2529035951 30.9370838136  -0.4485516652 -0.3055482125 -0.8399057646 -15.2913355464 -0.8765249344 -0.0332559949 0.4802062871  11.0126898343  
4 'crystal symmetry operation' 14_555 -x,-y+1/2,z       -0.7607046356 -0.5059720070 0.4065965881  7.8708297464   -0.5059720070 0.0698396625  -0.8597178314 17.7732514396  0.4065965881  -0.8597178314 -0.3091350269 17.4849342986  
5 'crystal symmetry operation' 20_455 -z-1/2,x,-y       0.0034257455  0.8106095154  0.5855770468  -16.4755516841 -0.5828061729 -0.4742293857 0.6598813943  -32.2678139892 0.8126039805  -0.3435385033 0.4708036402  -18.8295861535 
6 'crystal symmetry operation' 21_454 y-1/2,z+1/2,x-1/2 -0.4514473055 0.3722569476  -0.8109377876 42.0533263017  0.1543113551  0.9276971648  0.3399499611  -38.9380916556 0.8788534213  0.0283325850  -0.4762498594 11.9190195262 
# 
_struct_biol.id        1 
_struct_biol.details   ? 
# 
loop_
_struct_conf.conf_type_id 
_struct_conf.id 
_struct_conf.pdbx_PDB_helix_id 
_struct_conf.beg_label_comp_id 
_struct_conf.beg_label_asym_id 
_struct_conf.beg_label_seq_id 
_struct_conf.pdbx_beg_PDB_ins_code 
_struct_conf.end_label_comp_id 
_struct_conf.end_label_asym_id 
_struct_conf.end_label_seq_id 
_struct_conf.pdbx_end_PDB_ins_code 
_struct_conf.beg_auth_comp_id 
_struct_conf.beg_auth_asym_id 
_struct_conf.beg_auth_seq_id 
_struct_conf.end_auth_comp_id 
_struct_conf.end_auth_asym_id 
_struct_conf.end_auth_seq_id 
_struct_conf.pdbx_PDB_helix_class 
_struct_conf.details 
_struct_conf.pdbx_PDB_helix_length 
HELX_P HELX_P1 1 LEU A 25  ? LEU A 30  ? LEU A 25  LEU A 30  1 ? 6  
HELX_P HELX_P2 2 LEU A 30  ? CYS A 35  ? LEU A 30  CYS A 35  1 ? 6  
HELX_P HELX_P3 3 ALA A 75  ? ASN A 96  ? ALA A 75  ASN A 96  1 ? 22 
HELX_P HELX_P4 4 SER A 106 ? HIS A 113 ? SER A 106 HIS A 113 1 ? 8  
HELX_P HELX_P5 5 HIS A 113 ? SER A 117 ? HIS A 113 SER A 117 1 ? 5  
# 
_struct_conf_type.id          HELX_P 
_struct_conf_type.criteria    ? 
_struct_conf_type.reference   ? 
# 
_struct_conn.id                            disulf1 
_struct_conn.conn_type_id                  disulf 
_struct_conn.pdbx_leaving_atom_flag        ? 
_struct_conn.pdbx_PDB_id                   ? 
_struct_conn.ptnr1_label_asym_id           A 
_struct_conn.ptnr1_label_comp_id           CYS 
_struct_conn.ptnr1_label_seq_id            142 
_struct_conn.ptnr1_label_atom_id           SG 
_struct_conn.pdbx_ptnr1_label_alt_id       ? 
_struct_conn.pdbx_ptnr1_PDB_ins_code       ? 
_struct_conn.pdbx_ptnr1_standard_comp_id   ? 
_struct_conn.ptnr1_symmetry                1_555 
_struct_conn.ptnr2_label_asym_id           A 
_struct_conn.ptnr2_label_comp_id           CYS 
_struct_conn.ptnr2_label_seq_id            159 
_struct_conn.ptnr2_label_atom_id           SG 
_struct_conn.pdbx_ptnr2_label_alt_id       ? 
_struct_conn.pdbx_ptnr2_PDB_ins_code       ? 
_struct_conn.ptnr1_auth_asym_id            A 
_struct_conn.ptnr1_auth_comp_id            CYS 
_struct_conn.ptnr1_auth_seq_id             142 
_struct_conn.ptnr2_auth_asym_id            A 
_struct_conn.ptnr2_auth_comp_id            CYS 
_struct_conn.ptnr2_auth_seq_id             159 
_struct_conn.ptnr2_symmetry                1_555 
_struct_conn.pdbx_ptnr3_label_atom_id      ? 
_struct_conn.pdbx_ptnr3_label_seq_id       ? 
_struct_conn.pdbx_ptnr3_label_comp_id      ? 
_struct_conn.pdbx_ptnr3_label_asym_id      ? 
_struct_conn.pdbx_ptnr3_label_alt_id       ? 
_struct_conn.pdbx_ptnr3_PDB_ins_code       ? 
_struct_conn.details                       ? 
_struct_conn.pdbx_dist_value               2.163 
_struct_conn.pdbx_value_order              ? 
_struct_conn.pdbx_role                     ? 
# 
_struct_conn_type.id          disulf 
_struct_conn_type.criteria    ? 
_struct_conn_type.reference   ? 
# 
_pdbx_modification_feature.ordinal                            1 
_pdbx_modification_feature.label_comp_id                      CYS 
_pdbx_modification_feature.label_asym_id                      A 
_pdbx_modification_feature.label_seq_id                       142 
_pdbx_modification_feature.label_alt_id                       ? 
_pdbx_modification_feature.modified_residue_label_comp_id     CYS 
_pdbx_modification_feature.modified_residue_label_asym_id     A 
_pdbx_modification_feature.modified_residue_label_seq_id      159 
_pdbx_modification_feature.modified_residue_label_alt_id      ? 
_pdbx_modification_feature.auth_comp_id                       CYS 
_pdbx_modification_feature.auth_asym_id                       A 
_pdbx_modification_feature.auth_seq_id                        142 
_pdbx_modification_feature.PDB_ins_code                       ? 
_pdbx_modification_feature.symmetry                           1_555 
_pdbx_modification_feature.modified_residue_auth_comp_id      CYS 
_pdbx_modification_feature.modified_residue_auth_asym_id      A 
_pdbx_modification_feature.modified_residue_auth_seq_id       159 
_pdbx_modification_feature.modified_residue_PDB_ins_code      ? 
_pdbx_modification_feature.modified_residue_symmetry          1_555 
_pdbx_modification_feature.comp_id_linking_atom               SG 
_pdbx_modification_feature.modified_residue_id_linking_atom   SG 
_pdbx_modification_feature.modified_residue_id                . 
_pdbx_modification_feature.ref_pcm_id                         . 
_pdbx_modification_feature.ref_comp_id                        . 
_pdbx_modification_feature.type                               None 
_pdbx_modification_feature.category                           'Disulfide bridge' 
# 
_struct_mon_prot_cis.pdbx_id                1 
_struct_mon_prot_cis.label_comp_id          ILE 
_struct_mon_prot_cis.label_seq_id           182 
_struct_mon_prot_cis.label_asym_id          A 
_struct_mon_prot_cis.label_alt_id           . 
_struct_mon_prot_cis.pdbx_PDB_ins_code      ? 
_struct_mon_prot_cis.auth_comp_id           ILE 
_struct_mon_prot_cis.auth_seq_id            182 
_struct_mon_prot_cis.auth_asym_id           A 
_struct_mon_prot_cis.pdbx_label_comp_id_2   PRO 
_struct_mon_prot_cis.pdbx_label_seq_id_2    183 
_struct_mon_prot_cis.pdbx_label_asym_id_2   A 
_struct_mon_prot_cis.pdbx_PDB_ins_code_2    ? 
_struct_mon_prot_cis.pdbx_auth_comp_id_2    PRO 
_struct_mon_prot_cis.pdbx_auth_seq_id_2     183 
_struct_mon_prot_cis.pdbx_auth_asym_id_2    A 
_struct_mon_prot_cis.pdbx_PDB_model_num     1 
_struct_mon_prot_cis.pdbx_omega_angle       -6.40 
# 
loop_
_struct_sheet.id 
_struct_sheet.type 
_struct_sheet.number_strands 
_struct_sheet.details 
A ? 7 ? 
B ? 4 ? 
# 
loop_
_struct_sheet_order.sheet_id 
_struct_sheet_order.range_id_1 
_struct_sheet_order.range_id_2 
_struct_sheet_order.offset 
_struct_sheet_order.sense 
A 1 2 ? anti-parallel 
A 2 3 ? anti-parallel 
A 3 4 ? anti-parallel 
A 4 5 ? anti-parallel 
A 5 6 ? anti-parallel 
A 6 7 ? anti-parallel 
B 1 2 ? anti-parallel 
B 2 3 ? anti-parallel 
B 3 4 ? anti-parallel 
# 
loop_
_struct_sheet_range.sheet_id 
_struct_sheet_range.id 
_struct_sheet_range.beg_label_comp_id 
_struct_sheet_range.beg_label_asym_id 
_struct_sheet_range.beg_label_seq_id 
_struct_sheet_range.pdbx_beg_PDB_ins_code 
_struct_sheet_range.end_label_comp_id 
_struct_sheet_range.end_label_asym_id 
_struct_sheet_range.end_label_seq_id 
_struct_sheet_range.pdbx_end_PDB_ins_code 
_struct_sheet_range.beg_auth_comp_id 
_struct_sheet_range.beg_auth_asym_id 
_struct_sheet_range.beg_auth_seq_id 
_struct_sheet_range.end_auth_comp_id 
_struct_sheet_range.end_auth_asym_id 
_struct_sheet_range.end_auth_seq_id 
A 1 VAL A 19  ? PRO A 20  ? VAL A 19  PRO A 20  
A 2 LEU A 41  ? THR A 49  ? LEU A 41  THR A 49  
A 3 SER A 52  ? PHE A 59  ? SER A 52  PHE A 59  
A 4 PHE A 136 ? ARG A 143 ? PHE A 136 ARG A 143 
A 5 TYR A 154 ? TRP A 164 ? TYR A 154 TRP A 164 
A 6 ALA A 170 ? ALA A 179 ? ALA A 170 ALA A 179 
A 7 SER A 125 ? PHE A 127 ? SER A 125 PHE A 127 
B 1 MET A 118 ? LYS A 122 ? MET A 118 LYS A 122 
B 2 ALA A 170 ? ALA A 179 ? ALA A 170 ALA A 179 
B 3 TYR A 154 ? TRP A 164 ? TYR A 154 TRP A 164 
B 4 GLN A 146 ? ILE A 148 ? GLN A 146 ILE A 148 
# 
loop_
_pdbx_struct_sheet_hbond.sheet_id 
_pdbx_struct_sheet_hbond.range_id_1 
_pdbx_struct_sheet_hbond.range_id_2 
_pdbx_struct_sheet_hbond.range_1_label_atom_id 
_pdbx_struct_sheet_hbond.range_1_label_comp_id 
_pdbx_struct_sheet_hbond.range_1_label_asym_id 
_pdbx_struct_sheet_hbond.range_1_label_seq_id 
_pdbx_struct_sheet_hbond.range_1_PDB_ins_code 
_pdbx_struct_sheet_hbond.range_1_auth_atom_id 
_pdbx_struct_sheet_hbond.range_1_auth_comp_id 
_pdbx_struct_sheet_hbond.range_1_auth_asym_id 
_pdbx_struct_sheet_hbond.range_1_auth_seq_id 
_pdbx_struct_sheet_hbond.range_2_label_atom_id 
_pdbx_struct_sheet_hbond.range_2_label_comp_id 
_pdbx_struct_sheet_hbond.range_2_label_asym_id 
_pdbx_struct_sheet_hbond.range_2_label_seq_id 
_pdbx_struct_sheet_hbond.range_2_PDB_ins_code 
_pdbx_struct_sheet_hbond.range_2_auth_atom_id 
_pdbx_struct_sheet_hbond.range_2_auth_comp_id 
_pdbx_struct_sheet_hbond.range_2_auth_asym_id 
_pdbx_struct_sheet_hbond.range_2_auth_seq_id 
A 1 2 N VAL A 19  ? N VAL A 19  O TYR A 46  ? O TYR A 46  
A 2 3 N ILE A 42  ? N ILE A 42  O ASN A 58  ? O ASN A 58  
A 3 4 N ALA A 55  ? N ALA A 55  O LEU A 140 ? O LEU A 140 
A 4 5 N LEU A 141 ? N LEU A 141 O VAL A 160 ? O VAL A 160 
A 5 6 N VAL A 157 ? N VAL A 157 O LEU A 177 ? O LEU A 177 
A 6 7 O SER A 172 ? O SER A 172 N ARG A 126 ? N ARG A 126 
B 1 2 N LEU A 119 ? N LEU A 119 O ALA A 178 ? O ALA A 178 
B 2 3 O LEU A 177 ? O LEU A 177 N VAL A 157 ? N VAL A 157 
B 3 4 O TYR A 154 ? O TYR A 154 N ILE A 148 ? N ILE A 148 
# 
_struct_site.id                   AC1 
_struct_site.pdbx_evidence_code   Software 
_struct_site.pdbx_auth_asym_id    A 
_struct_site.pdbx_auth_comp_id    DAO 
_struct_site.pdbx_auth_seq_id     500 
_struct_site.pdbx_auth_ins_code   ? 
_struct_site.pdbx_num_residues    8 
_struct_site.details              'BINDING SITE FOR RESIDUE DAO A 500' 
# 
loop_
_struct_site_gen.id 
_struct_site_gen.site_id 
_struct_site_gen.pdbx_num_res 
_struct_site_gen.label_comp_id 
_struct_site_gen.label_asym_id 
_struct_site_gen.label_seq_id 
_struct_site_gen.pdbx_auth_ins_code 
_struct_site_gen.auth_comp_id 
_struct_site_gen.auth_asym_id 
_struct_site_gen.auth_seq_id 
_struct_site_gen.label_atom_id 
_struct_site_gen.label_alt_id 
_struct_site_gen.symmetry 
_struct_site_gen.details 
1 AC1 8 ASN A 83  ? ASN A 83  . ? 1_555 ? 
2 AC1 8 TYR A 110 ? TYR A 110 . ? 1_555 ? 
3 AC1 8 MET A 118 ? MET A 118 . ? 1_555 ? 
4 AC1 8 LEU A 177 ? LEU A 177 . ? 1_555 ? 
5 AC1 8 ALA A 179 ? ALA A 179 . ? 1_555 ? 
6 AC1 8 HOH C .   ? HOH A 196 . ? 1_555 ? 
7 AC1 8 HOH C .   ? HOH A 198 . ? 1_555 ? 
8 AC1 8 HOH C .   ? HOH A 199 . ? 1_555 ? 
# 
_pdbx_entry_details.entry_id                   3B18 
_pdbx_entry_details.compound_details           ? 
_pdbx_entry_details.source_details             ? 
_pdbx_entry_details.nonpolymer_details         ? 
_pdbx_entry_details.sequence_details           ? 
_pdbx_entry_details.has_ligand_of_interest     ? 
_pdbx_entry_details.has_protein_modification   Y 
# 
loop_
_pdbx_validate_torsion.id 
_pdbx_validate_torsion.PDB_model_num 
_pdbx_validate_torsion.auth_comp_id 
_pdbx_validate_torsion.auth_asym_id 
_pdbx_validate_torsion.auth_seq_id 
_pdbx_validate_torsion.PDB_ins_code 
_pdbx_validate_torsion.label_alt_id 
_pdbx_validate_torsion.phi 
_pdbx_validate_torsion.psi 
1 1 GLU A 24  ? ? 78.24   -7.70   
2 1 CYS A 35  ? ? -57.36  -7.41   
3 1 GLU A 50  ? ? -14.78  -56.20  
4 1 ARG A 68  ? ? -55.70  -96.49  
5 1 ASN A 74  ? ? 70.35   174.20  
6 1 ARG A 128 ? ? -104.26 -141.64 
7 1 ARG A 150 ? ? 164.92  -156.62 
8 1 ASN A 181 ? ? -91.73  -73.06  
9 1 ILE A 182 ? ? 35.51   178.73  
# 
loop_
_pdbx_unobs_or_zero_occ_residues.id 
_pdbx_unobs_or_zero_occ_residues.PDB_model_num 
_pdbx_unobs_or_zero_occ_residues.polymer_flag 
_pdbx_unobs_or_zero_occ_residues.occupancy_flag 
_pdbx_unobs_or_zero_occ_residues.auth_asym_id 
_pdbx_unobs_or_zero_occ_residues.auth_comp_id 
_pdbx_unobs_or_zero_occ_residues.auth_seq_id 
_pdbx_unobs_or_zero_occ_residues.PDB_ins_code 
_pdbx_unobs_or_zero_occ_residues.label_asym_id 
_pdbx_unobs_or_zero_occ_residues.label_comp_id 
_pdbx_unobs_or_zero_occ_residues.label_seq_id 
1  1 Y 1 A MET 1   ? A MET 1   
2  1 Y 1 A SER 2   ? A SER 2   
3  1 Y 1 A HIS 3   ? A HIS 3   
4  1 Y 1 A THR 4   ? A THR 4   
5  1 Y 1 A ASP 5   ? A ASP 5   
6  1 Y 1 A LEU 6   ? A LEU 6   
7  1 Y 1 A THR 7   ? A THR 7   
8  1 Y 1 A PRO 8   ? A PRO 8   
9  1 Y 1 A CYS 9   ? A CYS 9   
10 1 Y 1 A THR 10  ? A THR 10  
11 1 Y 1 A ARG 11  ? A ARG 11  
12 1 Y 1 A VAL 12  ? A VAL 12  
13 1 Y 1 A LEU 13  ? A LEU 13  
14 1 Y 1 A ALA 14  ? A ALA 14  
15 1 Y 1 A SER 15  ? A SER 15  
16 1 Y 1 A GLU 166 ? A GLU 166 
# 
loop_
_chem_comp_atom.comp_id 
_chem_comp_atom.atom_id 
_chem_comp_atom.type_symbol 
_chem_comp_atom.pdbx_aromatic_flag 
_chem_comp_atom.pdbx_stereo_config 
_chem_comp_atom.pdbx_ordinal 
ALA N    N N N 1   
ALA CA   C N S 2   
ALA C    C N N 3   
ALA O    O N N 4   
ALA CB   C N N 5   
ALA OXT  O N N 6   
ALA H    H N N 7   
ALA H2   H N N 8   
ALA HA   H N N 9   
ALA HB1  H N N 10  
ALA HB2  H N N 11  
ALA HB3  H N N 12  
ALA HXT  H N N 13  
ARG N    N N N 14  
ARG CA   C N S 15  
ARG C    C N N 16  
ARG O    O N N 17  
ARG CB   C N N 18  
ARG CG   C N N 19  
ARG CD   C N N 20  
ARG NE   N N N 21  
ARG CZ   C N N 22  
ARG NH1  N N N 23  
ARG NH2  N N N 24  
ARG OXT  O N N 25  
ARG H    H N N 26  
ARG H2   H N N 27  
ARG HA   H N N 28  
ARG HB2  H N N 29  
ARG HB3  H N N 30  
ARG HG2  H N N 31  
ARG HG3  H N N 32  
ARG HD2  H N N 33  
ARG HD3  H N N 34  
ARG HE   H N N 35  
ARG HH11 H N N 36  
ARG HH12 H N N 37  
ARG HH21 H N N 38  
ARG HH22 H N N 39  
ARG HXT  H N N 40  
ASN N    N N N 41  
ASN CA   C N S 42  
ASN C    C N N 43  
ASN O    O N N 44  
ASN CB   C N N 45  
ASN CG   C N N 46  
ASN OD1  O N N 47  
ASN ND2  N N N 48  
ASN OXT  O N N 49  
ASN H    H N N 50  
ASN H2   H N N 51  
ASN HA   H N N 52  
ASN HB2  H N N 53  
ASN HB3  H N N 54  
ASN HD21 H N N 55  
ASN HD22 H N N 56  
ASN HXT  H N N 57  
ASP N    N N N 58  
ASP CA   C N S 59  
ASP C    C N N 60  
ASP O    O N N 61  
ASP CB   C N N 62  
ASP CG   C N N 63  
ASP OD1  O N N 64  
ASP OD2  O N N 65  
ASP OXT  O N N 66  
ASP H    H N N 67  
ASP H2   H N N 68  
ASP HA   H N N 69  
ASP HB2  H N N 70  
ASP HB3  H N N 71  
ASP HD2  H N N 72  
ASP HXT  H N N 73  
CYS N    N N N 74  
CYS CA   C N R 75  
CYS C    C N N 76  
CYS O    O N N 77  
CYS CB   C N N 78  
CYS SG   S N N 79  
CYS OXT  O N N 80  
CYS H    H N N 81  
CYS H2   H N N 82  
CYS HA   H N N 83  
CYS HB2  H N N 84  
CYS HB3  H N N 85  
CYS HG   H N N 86  
CYS HXT  H N N 87  
DAO O1   O N N 88  
DAO O2   O N N 89  
DAO C1   C N N 90  
DAO C2   C N N 91  
DAO C3   C N N 92  
DAO C4   C N N 93  
DAO C5   C N N 94  
DAO C6   C N N 95  
DAO C7   C N N 96  
DAO C8   C N N 97  
DAO C9   C N N 98  
DAO C10  C N N 99  
DAO C11  C N N 100 
DAO C12  C N N 101 
DAO HO2  H N N 102 
DAO H21  H N N 103 
DAO H22  H N N 104 
DAO H31  H N N 105 
DAO H32  H N N 106 
DAO H41  H N N 107 
DAO H42  H N N 108 
DAO H51  H N N 109 
DAO H52  H N N 110 
DAO H61  H N N 111 
DAO H62  H N N 112 
DAO H71  H N N 113 
DAO H72  H N N 114 
DAO H81  H N N 115 
DAO H82  H N N 116 
DAO H91  H N N 117 
DAO H92  H N N 118 
DAO H101 H N N 119 
DAO H102 H N N 120 
DAO H111 H N N 121 
DAO H112 H N N 122 
DAO H121 H N N 123 
DAO H122 H N N 124 
DAO H123 H N N 125 
GLN N    N N N 126 
GLN CA   C N S 127 
GLN C    C N N 128 
GLN O    O N N 129 
GLN CB   C N N 130 
GLN CG   C N N 131 
GLN CD   C N N 132 
GLN OE1  O N N 133 
GLN NE2  N N N 134 
GLN OXT  O N N 135 
GLN H    H N N 136 
GLN H2   H N N 137 
GLN HA   H N N 138 
GLN HB2  H N N 139 
GLN HB3  H N N 140 
GLN HG2  H N N 141 
GLN HG3  H N N 142 
GLN HE21 H N N 143 
GLN HE22 H N N 144 
GLN HXT  H N N 145 
GLU N    N N N 146 
GLU CA   C N S 147 
GLU C    C N N 148 
GLU O    O N N 149 
GLU CB   C N N 150 
GLU CG   C N N 151 
GLU CD   C N N 152 
GLU OE1  O N N 153 
GLU OE2  O N N 154 
GLU OXT  O N N 155 
GLU H    H N N 156 
GLU H2   H N N 157 
GLU HA   H N N 158 
GLU HB2  H N N 159 
GLU HB3  H N N 160 
GLU HG2  H N N 161 
GLU HG3  H N N 162 
GLU HE2  H N N 163 
GLU HXT  H N N 164 
GLY N    N N N 165 
GLY CA   C N N 166 
GLY C    C N N 167 
GLY O    O N N 168 
GLY OXT  O N N 169 
GLY H    H N N 170 
GLY H2   H N N 171 
GLY HA2  H N N 172 
GLY HA3  H N N 173 
GLY HXT  H N N 174 
HIS N    N N N 175 
HIS CA   C N S 176 
HIS C    C N N 177 
HIS O    O N N 178 
HIS CB   C N N 179 
HIS CG   C Y N 180 
HIS ND1  N Y N 181 
HIS CD2  C Y N 182 
HIS CE1  C Y N 183 
HIS NE2  N Y N 184 
HIS OXT  O N N 185 
HIS H    H N N 186 
HIS H2   H N N 187 
HIS HA   H N N 188 
HIS HB2  H N N 189 
HIS HB3  H N N 190 
HIS HD1  H N N 191 
HIS HD2  H N N 192 
HIS HE1  H N N 193 
HIS HE2  H N N 194 
HIS HXT  H N N 195 
HOH O    O N N 196 
HOH H1   H N N 197 
HOH H2   H N N 198 
ILE N    N N N 199 
ILE CA   C N S 200 
ILE C    C N N 201 
ILE O    O N N 202 
ILE CB   C N S 203 
ILE CG1  C N N 204 
ILE CG2  C N N 205 
ILE CD1  C N N 206 
ILE OXT  O N N 207 
ILE H    H N N 208 
ILE H2   H N N 209 
ILE HA   H N N 210 
ILE HB   H N N 211 
ILE HG12 H N N 212 
ILE HG13 H N N 213 
ILE HG21 H N N 214 
ILE HG22 H N N 215 
ILE HG23 H N N 216 
ILE HD11 H N N 217 
ILE HD12 H N N 218 
ILE HD13 H N N 219 
ILE HXT  H N N 220 
LEU N    N N N 221 
LEU CA   C N S 222 
LEU C    C N N 223 
LEU O    O N N 224 
LEU CB   C N N 225 
LEU CG   C N N 226 
LEU CD1  C N N 227 
LEU CD2  C N N 228 
LEU OXT  O N N 229 
LEU H    H N N 230 
LEU H2   H N N 231 
LEU HA   H N N 232 
LEU HB2  H N N 233 
LEU HB3  H N N 234 
LEU HG   H N N 235 
LEU HD11 H N N 236 
LEU HD12 H N N 237 
LEU HD13 H N N 238 
LEU HD21 H N N 239 
LEU HD22 H N N 240 
LEU HD23 H N N 241 
LEU HXT  H N N 242 
LYS N    N N N 243 
LYS CA   C N S 244 
LYS C    C N N 245 
LYS O    O N N 246 
LYS CB   C N N 247 
LYS CG   C N N 248 
LYS CD   C N N 249 
LYS CE   C N N 250 
LYS NZ   N N N 251 
LYS OXT  O N N 252 
LYS H    H N N 253 
LYS H2   H N N 254 
LYS HA   H N N 255 
LYS HB2  H N N 256 
LYS HB3  H N N 257 
LYS HG2  H N N 258 
LYS HG3  H N N 259 
LYS HD2  H N N 260 
LYS HD3  H N N 261 
LYS HE2  H N N 262 
LYS HE3  H N N 263 
LYS HZ1  H N N 264 
LYS HZ2  H N N 265 
LYS HZ3  H N N 266 
LYS HXT  H N N 267 
MET N    N N N 268 
MET CA   C N S 269 
MET C    C N N 270 
MET O    O N N 271 
MET CB   C N N 272 
MET CG   C N N 273 
MET SD   S N N 274 
MET CE   C N N 275 
MET OXT  O N N 276 
MET H    H N N 277 
MET H2   H N N 278 
MET HA   H N N 279 
MET HB2  H N N 280 
MET HB3  H N N 281 
MET HG2  H N N 282 
MET HG3  H N N 283 
MET HE1  H N N 284 
MET HE2  H N N 285 
MET HE3  H N N 286 
MET HXT  H N N 287 
PHE N    N N N 288 
PHE CA   C N S 289 
PHE C    C N N 290 
PHE O    O N N 291 
PHE CB   C N N 292 
PHE CG   C Y N 293 
PHE CD1  C Y N 294 
PHE CD2  C Y N 295 
PHE CE1  C Y N 296 
PHE CE2  C Y N 297 
PHE CZ   C Y N 298 
PHE OXT  O N N 299 
PHE H    H N N 300 
PHE H2   H N N 301 
PHE HA   H N N 302 
PHE HB2  H N N 303 
PHE HB3  H N N 304 
PHE HD1  H N N 305 
PHE HD2  H N N 306 
PHE HE1  H N N 307 
PHE HE2  H N N 308 
PHE HZ   H N N 309 
PHE HXT  H N N 310 
PRO N    N N N 311 
PRO CA   C N S 312 
PRO C    C N N 313 
PRO O    O N N 314 
PRO CB   C N N 315 
PRO CG   C N N 316 
PRO CD   C N N 317 
PRO OXT  O N N 318 
PRO H    H N N 319 
PRO HA   H N N 320 
PRO HB2  H N N 321 
PRO HB3  H N N 322 
PRO HG2  H N N 323 
PRO HG3  H N N 324 
PRO HD2  H N N 325 
PRO HD3  H N N 326 
PRO HXT  H N N 327 
SER N    N N N 328 
SER CA   C N S 329 
SER C    C N N 330 
SER O    O N N 331 
SER CB   C N N 332 
SER OG   O N N 333 
SER OXT  O N N 334 
SER H    H N N 335 
SER H2   H N N 336 
SER HA   H N N 337 
SER HB2  H N N 338 
SER HB3  H N N 339 
SER HG   H N N 340 
SER HXT  H N N 341 
THR N    N N N 342 
THR CA   C N S 343 
THR C    C N N 344 
THR O    O N N 345 
THR CB   C N R 346 
THR OG1  O N N 347 
THR CG2  C N N 348 
THR OXT  O N N 349 
THR H    H N N 350 
THR H2   H N N 351 
THR HA   H N N 352 
THR HB   H N N 353 
THR HG1  H N N 354 
THR HG21 H N N 355 
THR HG22 H N N 356 
THR HG23 H N N 357 
THR HXT  H N N 358 
TRP N    N N N 359 
TRP CA   C N S 360 
TRP C    C N N 361 
TRP O    O N N 362 
TRP CB   C N N 363 
TRP CG   C Y N 364 
TRP CD1  C Y N 365 
TRP CD2  C Y N 366 
TRP NE1  N Y N 367 
TRP CE2  C Y N 368 
TRP CE3  C Y N 369 
TRP CZ2  C Y N 370 
TRP CZ3  C Y N 371 
TRP CH2  C Y N 372 
TRP OXT  O N N 373 
TRP H    H N N 374 
TRP H2   H N N 375 
TRP HA   H N N 376 
TRP HB2  H N N 377 
TRP HB3  H N N 378 
TRP HD1  H N N 379 
TRP HE1  H N N 380 
TRP HE3  H N N 381 
TRP HZ2  H N N 382 
TRP HZ3  H N N 383 
TRP HH2  H N N 384 
TRP HXT  H N N 385 
TYR N    N N N 386 
TYR CA   C N S 387 
TYR C    C N N 388 
TYR O    O N N 389 
TYR CB   C N N 390 
TYR CG   C Y N 391 
TYR CD1  C Y N 392 
TYR CD2  C Y N 393 
TYR CE1  C Y N 394 
TYR CE2  C Y N 395 
TYR CZ   C Y N 396 
TYR OH   O N N 397 
TYR OXT  O N N 398 
TYR H    H N N 399 
TYR H2   H N N 400 
TYR HA   H N N 401 
TYR HB2  H N N 402 
TYR HB3  H N N 403 
TYR HD1  H N N 404 
TYR HD2  H N N 405 
TYR HE1  H N N 406 
TYR HE2  H N N 407 
TYR HH   H N N 408 
TYR HXT  H N N 409 
VAL N    N N N 410 
VAL CA   C N S 411 
VAL C    C N N 412 
VAL O    O N N 413 
VAL CB   C N N 414 
VAL CG1  C N N 415 
VAL CG2  C N N 416 
VAL OXT  O N N 417 
VAL H    H N N 418 
VAL H2   H N N 419 
VAL HA   H N N 420 
VAL HB   H N N 421 
VAL HG11 H N N 422 
VAL HG12 H N N 423 
VAL HG13 H N N 424 
VAL HG21 H N N 425 
VAL HG22 H N N 426 
VAL HG23 H N N 427 
VAL HXT  H N N 428 
# 
loop_
_chem_comp_bond.comp_id 
_chem_comp_bond.atom_id_1 
_chem_comp_bond.atom_id_2 
_chem_comp_bond.value_order 
_chem_comp_bond.pdbx_aromatic_flag 
_chem_comp_bond.pdbx_stereo_config 
_chem_comp_bond.pdbx_ordinal 
ALA N   CA   sing N N 1   
ALA N   H    sing N N 2   
ALA N   H2   sing N N 3   
ALA CA  C    sing N N 4   
ALA CA  CB   sing N N 5   
ALA CA  HA   sing N N 6   
ALA C   O    doub N N 7   
ALA C   OXT  sing N N 8   
ALA CB  HB1  sing N N 9   
ALA CB  HB2  sing N N 10  
ALA CB  HB3  sing N N 11  
ALA OXT HXT  sing N N 12  
ARG N   CA   sing N N 13  
ARG N   H    sing N N 14  
ARG N   H2   sing N N 15  
ARG CA  C    sing N N 16  
ARG CA  CB   sing N N 17  
ARG CA  HA   sing N N 18  
ARG C   O    doub N N 19  
ARG C   OXT  sing N N 20  
ARG CB  CG   sing N N 21  
ARG CB  HB2  sing N N 22  
ARG CB  HB3  sing N N 23  
ARG CG  CD   sing N N 24  
ARG CG  HG2  sing N N 25  
ARG CG  HG3  sing N N 26  
ARG CD  NE   sing N N 27  
ARG CD  HD2  sing N N 28  
ARG CD  HD3  sing N N 29  
ARG NE  CZ   sing N N 30  
ARG NE  HE   sing N N 31  
ARG CZ  NH1  sing N N 32  
ARG CZ  NH2  doub N N 33  
ARG NH1 HH11 sing N N 34  
ARG NH1 HH12 sing N N 35  
ARG NH2 HH21 sing N N 36  
ARG NH2 HH22 sing N N 37  
ARG OXT HXT  sing N N 38  
ASN N   CA   sing N N 39  
ASN N   H    sing N N 40  
ASN N   H2   sing N N 41  
ASN CA  C    sing N N 42  
ASN CA  CB   sing N N 43  
ASN CA  HA   sing N N 44  
ASN C   O    doub N N 45  
ASN C   OXT  sing N N 46  
ASN CB  CG   sing N N 47  
ASN CB  HB2  sing N N 48  
ASN CB  HB3  sing N N 49  
ASN CG  OD1  doub N N 50  
ASN CG  ND2  sing N N 51  
ASN ND2 HD21 sing N N 52  
ASN ND2 HD22 sing N N 53  
ASN OXT HXT  sing N N 54  
ASP N   CA   sing N N 55  
ASP N   H    sing N N 56  
ASP N   H2   sing N N 57  
ASP CA  C    sing N N 58  
ASP CA  CB   sing N N 59  
ASP CA  HA   sing N N 60  
ASP C   O    doub N N 61  
ASP C   OXT  sing N N 62  
ASP CB  CG   sing N N 63  
ASP CB  HB2  sing N N 64  
ASP CB  HB3  sing N N 65  
ASP CG  OD1  doub N N 66  
ASP CG  OD2  sing N N 67  
ASP OD2 HD2  sing N N 68  
ASP OXT HXT  sing N N 69  
CYS N   CA   sing N N 70  
CYS N   H    sing N N 71  
CYS N   H2   sing N N 72  
CYS CA  C    sing N N 73  
CYS CA  CB   sing N N 74  
CYS CA  HA   sing N N 75  
CYS C   O    doub N N 76  
CYS C   OXT  sing N N 77  
CYS CB  SG   sing N N 78  
CYS CB  HB2  sing N N 79  
CYS CB  HB3  sing N N 80  
CYS SG  HG   sing N N 81  
CYS OXT HXT  sing N N 82  
DAO O1  C1   doub N N 83  
DAO O2  C1   sing N N 84  
DAO O2  HO2  sing N N 85  
DAO C1  C2   sing N N 86  
DAO C2  C3   sing N N 87  
DAO C2  H21  sing N N 88  
DAO C2  H22  sing N N 89  
DAO C3  C4   sing N N 90  
DAO C3  H31  sing N N 91  
DAO C3  H32  sing N N 92  
DAO C4  C5   sing N N 93  
DAO C4  H41  sing N N 94  
DAO C4  H42  sing N N 95  
DAO C5  C6   sing N N 96  
DAO C5  H51  sing N N 97  
DAO C5  H52  sing N N 98  
DAO C6  C7   sing N N 99  
DAO C6  H61  sing N N 100 
DAO C6  H62  sing N N 101 
DAO C7  C8   sing N N 102 
DAO C7  H71  sing N N 103 
DAO C7  H72  sing N N 104 
DAO C8  C9   sing N N 105 
DAO C8  H81  sing N N 106 
DAO C8  H82  sing N N 107 
DAO C9  C10  sing N N 108 
DAO C9  H91  sing N N 109 
DAO C9  H92  sing N N 110 
DAO C10 C11  sing N N 111 
DAO C10 H101 sing N N 112 
DAO C10 H102 sing N N 113 
DAO C11 C12  sing N N 114 
DAO C11 H111 sing N N 115 
DAO C11 H112 sing N N 116 
DAO C12 H121 sing N N 117 
DAO C12 H122 sing N N 118 
DAO C12 H123 sing N N 119 
GLN N   CA   sing N N 120 
GLN N   H    sing N N 121 
GLN N   H2   sing N N 122 
GLN CA  C    sing N N 123 
GLN CA  CB   sing N N 124 
GLN CA  HA   sing N N 125 
GLN C   O    doub N N 126 
GLN C   OXT  sing N N 127 
GLN CB  CG   sing N N 128 
GLN CB  HB2  sing N N 129 
GLN CB  HB3  sing N N 130 
GLN CG  CD   sing N N 131 
GLN CG  HG2  sing N N 132 
GLN CG  HG3  sing N N 133 
GLN CD  OE1  doub N N 134 
GLN CD  NE2  sing N N 135 
GLN NE2 HE21 sing N N 136 
GLN NE2 HE22 sing N N 137 
GLN OXT HXT  sing N N 138 
GLU N   CA   sing N N 139 
GLU N   H    sing N N 140 
GLU N   H2   sing N N 141 
GLU CA  C    sing N N 142 
GLU CA  CB   sing N N 143 
GLU CA  HA   sing N N 144 
GLU C   O    doub N N 145 
GLU C   OXT  sing N N 146 
GLU CB  CG   sing N N 147 
GLU CB  HB2  sing N N 148 
GLU CB  HB3  sing N N 149 
GLU CG  CD   sing N N 150 
GLU CG  HG2  sing N N 151 
GLU CG  HG3  sing N N 152 
GLU CD  OE1  doub N N 153 
GLU CD  OE2  sing N N 154 
GLU OE2 HE2  sing N N 155 
GLU OXT HXT  sing N N 156 
GLY N   CA   sing N N 157 
GLY N   H    sing N N 158 
GLY N   H2   sing N N 159 
GLY CA  C    sing N N 160 
GLY CA  HA2  sing N N 161 
GLY CA  HA3  sing N N 162 
GLY C   O    doub N N 163 
GLY C   OXT  sing N N 164 
GLY OXT HXT  sing N N 165 
HIS N   CA   sing N N 166 
HIS N   H    sing N N 167 
HIS N   H2   sing N N 168 
HIS CA  C    sing N N 169 
HIS CA  CB   sing N N 170 
HIS CA  HA   sing N N 171 
HIS C   O    doub N N 172 
HIS C   OXT  sing N N 173 
HIS CB  CG   sing N N 174 
HIS CB  HB2  sing N N 175 
HIS CB  HB3  sing N N 176 
HIS CG  ND1  sing Y N 177 
HIS CG  CD2  doub Y N 178 
HIS ND1 CE1  doub Y N 179 
HIS ND1 HD1  sing N N 180 
HIS CD2 NE2  sing Y N 181 
HIS CD2 HD2  sing N N 182 
HIS CE1 NE2  sing Y N 183 
HIS CE1 HE1  sing N N 184 
HIS NE2 HE2  sing N N 185 
HIS OXT HXT  sing N N 186 
HOH O   H1   sing N N 187 
HOH O   H2   sing N N 188 
ILE N   CA   sing N N 189 
ILE N   H    sing N N 190 
ILE N   H2   sing N N 191 
ILE CA  C    sing N N 192 
ILE CA  CB   sing N N 193 
ILE CA  HA   sing N N 194 
ILE C   O    doub N N 195 
ILE C   OXT  sing N N 196 
ILE CB  CG1  sing N N 197 
ILE CB  CG2  sing N N 198 
ILE CB  HB   sing N N 199 
ILE CG1 CD1  sing N N 200 
ILE CG1 HG12 sing N N 201 
ILE CG1 HG13 sing N N 202 
ILE CG2 HG21 sing N N 203 
ILE CG2 HG22 sing N N 204 
ILE CG2 HG23 sing N N 205 
ILE CD1 HD11 sing N N 206 
ILE CD1 HD12 sing N N 207 
ILE CD1 HD13 sing N N 208 
ILE OXT HXT  sing N N 209 
LEU N   CA   sing N N 210 
LEU N   H    sing N N 211 
LEU N   H2   sing N N 212 
LEU CA  C    sing N N 213 
LEU CA  CB   sing N N 214 
LEU CA  HA   sing N N 215 
LEU C   O    doub N N 216 
LEU C   OXT  sing N N 217 
LEU CB  CG   sing N N 218 
LEU CB  HB2  sing N N 219 
LEU CB  HB3  sing N N 220 
LEU CG  CD1  sing N N 221 
LEU CG  CD2  sing N N 222 
LEU CG  HG   sing N N 223 
LEU CD1 HD11 sing N N 224 
LEU CD1 HD12 sing N N 225 
LEU CD1 HD13 sing N N 226 
LEU CD2 HD21 sing N N 227 
LEU CD2 HD22 sing N N 228 
LEU CD2 HD23 sing N N 229 
LEU OXT HXT  sing N N 230 
LYS N   CA   sing N N 231 
LYS N   H    sing N N 232 
LYS N   H2   sing N N 233 
LYS CA  C    sing N N 234 
LYS CA  CB   sing N N 235 
LYS CA  HA   sing N N 236 
LYS C   O    doub N N 237 
LYS C   OXT  sing N N 238 
LYS CB  CG   sing N N 239 
LYS CB  HB2  sing N N 240 
LYS CB  HB3  sing N N 241 
LYS CG  CD   sing N N 242 
LYS CG  HG2  sing N N 243 
LYS CG  HG3  sing N N 244 
LYS CD  CE   sing N N 245 
LYS CD  HD2  sing N N 246 
LYS CD  HD3  sing N N 247 
LYS CE  NZ   sing N N 248 
LYS CE  HE2  sing N N 249 
LYS CE  HE3  sing N N 250 
LYS NZ  HZ1  sing N N 251 
LYS NZ  HZ2  sing N N 252 
LYS NZ  HZ3  sing N N 253 
LYS OXT HXT  sing N N 254 
MET N   CA   sing N N 255 
MET N   H    sing N N 256 
MET N   H2   sing N N 257 
MET CA  C    sing N N 258 
MET CA  CB   sing N N 259 
MET CA  HA   sing N N 260 
MET C   O    doub N N 261 
MET C   OXT  sing N N 262 
MET CB  CG   sing N N 263 
MET CB  HB2  sing N N 264 
MET CB  HB3  sing N N 265 
MET CG  SD   sing N N 266 
MET CG  HG2  sing N N 267 
MET CG  HG3  sing N N 268 
MET SD  CE   sing N N 269 
MET CE  HE1  sing N N 270 
MET CE  HE2  sing N N 271 
MET CE  HE3  sing N N 272 
MET OXT HXT  sing N N 273 
PHE N   CA   sing N N 274 
PHE N   H    sing N N 275 
PHE N   H2   sing N N 276 
PHE CA  C    sing N N 277 
PHE CA  CB   sing N N 278 
PHE CA  HA   sing N N 279 
PHE C   O    doub N N 280 
PHE C   OXT  sing N N 281 
PHE CB  CG   sing N N 282 
PHE CB  HB2  sing N N 283 
PHE CB  HB3  sing N N 284 
PHE CG  CD1  doub Y N 285 
PHE CG  CD2  sing Y N 286 
PHE CD1 CE1  sing Y N 287 
PHE CD1 HD1  sing N N 288 
PHE CD2 CE2  doub Y N 289 
PHE CD2 HD2  sing N N 290 
PHE CE1 CZ   doub Y N 291 
PHE CE1 HE1  sing N N 292 
PHE CE2 CZ   sing Y N 293 
PHE CE2 HE2  sing N N 294 
PHE CZ  HZ   sing N N 295 
PHE OXT HXT  sing N N 296 
PRO N   CA   sing N N 297 
PRO N   CD   sing N N 298 
PRO N   H    sing N N 299 
PRO CA  C    sing N N 300 
PRO CA  CB   sing N N 301 
PRO CA  HA   sing N N 302 
PRO C   O    doub N N 303 
PRO C   OXT  sing N N 304 
PRO CB  CG   sing N N 305 
PRO CB  HB2  sing N N 306 
PRO CB  HB3  sing N N 307 
PRO CG  CD   sing N N 308 
PRO CG  HG2  sing N N 309 
PRO CG  HG3  sing N N 310 
PRO CD  HD2  sing N N 311 
PRO CD  HD3  sing N N 312 
PRO OXT HXT  sing N N 313 
SER N   CA   sing N N 314 
SER N   H    sing N N 315 
SER N   H2   sing N N 316 
SER CA  C    sing N N 317 
SER CA  CB   sing N N 318 
SER CA  HA   sing N N 319 
SER C   O    doub N N 320 
SER C   OXT  sing N N 321 
SER CB  OG   sing N N 322 
SER CB  HB2  sing N N 323 
SER CB  HB3  sing N N 324 
SER OG  HG   sing N N 325 
SER OXT HXT  sing N N 326 
THR N   CA   sing N N 327 
THR N   H    sing N N 328 
THR N   H2   sing N N 329 
THR CA  C    sing N N 330 
THR CA  CB   sing N N 331 
THR CA  HA   sing N N 332 
THR C   O    doub N N 333 
THR C   OXT  sing N N 334 
THR CB  OG1  sing N N 335 
THR CB  CG2  sing N N 336 
THR CB  HB   sing N N 337 
THR OG1 HG1  sing N N 338 
THR CG2 HG21 sing N N 339 
THR CG2 HG22 sing N N 340 
THR CG2 HG23 sing N N 341 
THR OXT HXT  sing N N 342 
TRP N   CA   sing N N 343 
TRP N   H    sing N N 344 
TRP N   H2   sing N N 345 
TRP CA  C    sing N N 346 
TRP CA  CB   sing N N 347 
TRP CA  HA   sing N N 348 
TRP C   O    doub N N 349 
TRP C   OXT  sing N N 350 
TRP CB  CG   sing N N 351 
TRP CB  HB2  sing N N 352 
TRP CB  HB3  sing N N 353 
TRP CG  CD1  doub Y N 354 
TRP CG  CD2  sing Y N 355 
TRP CD1 NE1  sing Y N 356 
TRP CD1 HD1  sing N N 357 
TRP CD2 CE2  doub Y N 358 
TRP CD2 CE3  sing Y N 359 
TRP NE1 CE2  sing Y N 360 
TRP NE1 HE1  sing N N 361 
TRP CE2 CZ2  sing Y N 362 
TRP CE3 CZ3  doub Y N 363 
TRP CE3 HE3  sing N N 364 
TRP CZ2 CH2  doub Y N 365 
TRP CZ2 HZ2  sing N N 366 
TRP CZ3 CH2  sing Y N 367 
TRP CZ3 HZ3  sing N N 368 
TRP CH2 HH2  sing N N 369 
TRP OXT HXT  sing N N 370 
TYR N   CA   sing N N 371 
TYR N   H    sing N N 372 
TYR N   H2   sing N N 373 
TYR CA  C    sing N N 374 
TYR CA  CB   sing N N 375 
TYR CA  HA   sing N N 376 
TYR C   O    doub N N 377 
TYR C   OXT  sing N N 378 
TYR CB  CG   sing N N 379 
TYR CB  HB2  sing N N 380 
TYR CB  HB3  sing N N 381 
TYR CG  CD1  doub Y N 382 
TYR CG  CD2  sing Y N 383 
TYR CD1 CE1  sing Y N 384 
TYR CD1 HD1  sing N N 385 
TYR CD2 CE2  doub Y N 386 
TYR CD2 HD2  sing N N 387 
TYR CE1 CZ   doub Y N 388 
TYR CE1 HE1  sing N N 389 
TYR CE2 CZ   sing Y N 390 
TYR CE2 HE2  sing N N 391 
TYR CZ  OH   sing N N 392 
TYR OH  HH   sing N N 393 
TYR OXT HXT  sing N N 394 
VAL N   CA   sing N N 395 
VAL N   H    sing N N 396 
VAL N   H2   sing N N 397 
VAL CA  C    sing N N 398 
VAL CA  CB   sing N N 399 
VAL CA  HA   sing N N 400 
VAL C   O    doub N N 401 
VAL C   OXT  sing N N 402 
VAL CB  CG1  sing N N 403 
VAL CB  CG2  sing N N 404 
VAL CB  HB   sing N N 405 
VAL CG1 HG11 sing N N 406 
VAL CG1 HG12 sing N N 407 
VAL CG1 HG13 sing N N 408 
VAL CG2 HG21 sing N N 409 
VAL CG2 HG22 sing N N 410 
VAL CG2 HG23 sing N N 411 
VAL OXT HXT  sing N N 412 
# 
_pdbx_initial_refinement_model.id               1 
_pdbx_initial_refinement_model.entity_id_list   ? 
_pdbx_initial_refinement_model.type             'experimental model' 
_pdbx_initial_refinement_model.source_name      PDB 
_pdbx_initial_refinement_model.accession_code   2PFC 
_pdbx_initial_refinement_model.details          ? 
# 
_atom_sites.entry_id                    3B18 
_atom_sites.fract_transf_matrix[1][1]   -0.00247046 
_atom_sites.fract_transf_matrix[1][2]   0.00532072 
_atom_sites.fract_transf_matrix[1][3]   0.00807509 
_atom_sites.fract_transf_matrix[2][1]   0.00903315 
_atom_sites.fract_transf_matrix[2][2]   0.00424516 
_atom_sites.fract_transf_matrix[2][3]   -0.00003359 
_atom_sites.fract_transf_matrix[3][1]   -0.00345244 
_atom_sites.fract_transf_matrix[3][2]   0.00729993 
_atom_sites.fract_transf_matrix[3][3]   -0.00586618 
_atom_sites.fract_transf_vector[1]      -0.108157 
_atom_sites.fract_transf_vector[2]      0.177018 
_atom_sites.fract_transf_vector[3]      -0.108804 
# 
loop_
_atom_type.symbol 
C 
N 
O 
S 
# 
loop_
_atom_site.group_PDB 
_atom_site.id 
_atom_site.type_symbol 
_atom_site.label_atom_id 
_atom_site.label_alt_id 
_atom_site.label_comp_id 
_atom_site.label_asym_id 
_atom_site.label_entity_id 
_atom_site.label_seq_id 
_atom_site.pdbx_PDB_ins_code 
_atom_site.Cartn_x 
_atom_site.Cartn_y 
_atom_site.Cartn_z 
_atom_site.occupancy 
_atom_site.B_iso_or_equiv 
_atom_site.pdbx_formal_charge 
_atom_site.auth_seq_id 
_atom_site.auth_comp_id 
_atom_site.auth_asym_id 
_atom_site.auth_atom_id 
_atom_site.pdbx_PDB_model_num 
ATOM   1    N N   . SER A 1 16  ? 10.283  -13.254 -8.156  1.00 70.44 ? 16  SER A N   1 
ATOM   2    C CA  . SER A 1 16  ? 9.019   -12.462 -8.038  1.00 70.28 ? 16  SER A CA  1 
ATOM   3    C C   . SER A 1 16  ? 7.784   -13.358 -8.229  1.00 70.09 ? 16  SER A C   1 
ATOM   4    O O   . SER A 1 16  ? 7.180   -13.813 -7.230  1.00 69.58 ? 16  SER A O   1 
ATOM   5    C CB  . SER A 1 16  ? 9.021   -11.241 -8.996  1.00 70.22 ? 16  SER A CB  1 
ATOM   6    O OG  . SER A 1 16  ? 9.999   -11.359 -10.022 1.00 70.75 ? 16  SER A OG  1 
ATOM   7    N N   . GLY A 1 17  ? 7.442   -13.618 -9.501  1.00 69.78 ? 17  GLY A N   1 
ATOM   8    C CA  . GLY A 1 17  ? 6.253   -14.398 -9.869  1.00 68.79 ? 17  GLY A CA  1 
ATOM   9    C C   . GLY A 1 17  ? 5.000   -13.527 -9.920  1.00 68.10 ? 17  GLY A C   1 
ATOM   10   O O   . GLY A 1 17  ? 3.882   -14.011 -9.654  1.00 67.92 ? 17  GLY A O   1 
ATOM   11   N N   . THR A 1 18  ? 5.193   -12.251 -10.271 1.00 66.92 ? 18  THR A N   1 
ATOM   12   C CA  . THR A 1 18  ? 4.137   -11.251 -10.166 1.00 65.63 ? 18  THR A CA  1 
ATOM   13   C C   . THR A 1 18  ? 3.748   -10.684 -11.504 1.00 65.39 ? 18  THR A C   1 
ATOM   14   O O   . THR A 1 18  ? 4.608   -10.423 -12.358 1.00 65.06 ? 18  THR A O   1 
ATOM   15   C CB  . THR A 1 18  ? 4.505   -10.050 -9.231  1.00 65.70 ? 18  THR A CB  1 
ATOM   16   O OG1 . THR A 1 18  ? 5.480   -9.186  -9.847  1.00 64.87 ? 18  THR A OG1 1 
ATOM   17   C CG2 . THR A 1 18  ? 4.986   -10.512 -7.889  1.00 64.91 ? 18  THR A CG2 1 
ATOM   18   N N   . VAL A 1 19  ? 2.437   -10.465 -11.637 1.00 65.28 ? 19  VAL A N   1 
ATOM   19   C CA  . VAL A 1 19  ? 1.764   -9.896  -12.812 1.00 64.97 ? 19  VAL A CA  1 
ATOM   20   C C   . VAL A 1 19  ? 1.765   -8.370  -12.642 1.00 65.18 ? 19  VAL A C   1 
ATOM   21   O O   . VAL A 1 19  ? 1.820   -7.899  -11.507 1.00 65.59 ? 19  VAL A O   1 
ATOM   22   C CB  . VAL A 1 19  ? 0.299   -10.382 -12.823 0.60 65.02 ? 19  VAL A CB  1 
ATOM   23   C CG1 . VAL A 1 19  ? -0.393  -10.065 -14.150 0.60 65.35 ? 19  VAL A CG1 1 
ATOM   24   C CG2 . VAL A 1 19  ? 0.227   -11.877 -12.489 0.60 64.52 ? 19  VAL A CG2 1 
ATOM   25   N N   . PRO A 1 20  ? 1.694   -7.584  -13.744 1.00 64.98 ? 20  PRO A N   1 
ATOM   26   C CA  . PRO A 1 20  ? 1.462   -6.135  -13.538 1.00 64.57 ? 20  PRO A CA  1 
ATOM   27   C C   . PRO A 1 20  ? 0.007   -5.824  -13.164 1.00 64.29 ? 20  PRO A C   1 
ATOM   28   O O   . PRO A 1 20  ? -0.871  -6.680  -13.374 1.00 63.92 ? 20  PRO A O   1 
ATOM   29   C CB  . PRO A 1 20  ? 1.791   -5.512  -14.914 1.00 64.47 ? 20  PRO A CB  1 
ATOM   30   C CG  . PRO A 1 20  ? 2.552   -6.562  -15.658 1.00 64.71 ? 20  PRO A CG  1 
ATOM   31   C CD  . PRO A 1 20  ? 2.025   -7.884  -15.149 1.00 65.14 ? 20  PRO A CD  1 
ATOM   32   N N   . ILE A 1 21  ? -0.222  -4.613  -12.619 1.00 63.66 ? 21  ILE A N   1 
ATOM   33   C CA  . ILE A 1 21  ? -1.574  -4.059  -12.358 1.00 62.78 ? 21  ILE A CA  1 
ATOM   34   C C   . ILE A 1 21  ? -1.851  -2.923  -13.329 1.00 62.11 ? 21  ILE A C   1 
ATOM   35   O O   . ILE A 1 21  ? -1.044  -1.994  -13.473 1.00 61.81 ? 21  ILE A O   1 
ATOM   36   C CB  . ILE A 1 21  ? -1.747  -3.465  -10.910 1.00 63.08 ? 21  ILE A CB  1 
ATOM   37   C CG1 . ILE A 1 21  ? -1.211  -4.420  -9.830  1.00 63.92 ? 21  ILE A CG1 1 
ATOM   38   C CG2 . ILE A 1 21  ? -3.223  -3.055  -10.639 1.00 62.13 ? 21  ILE A CG2 1 
ATOM   39   C CD1 . ILE A 1 21  ? -1.219  -3.832  -8.426  1.00 64.41 ? 21  ILE A CD1 1 
ATOM   40   N N   . ALA A 1 22  ? -3.008  -2.984  -13.971 1.00 61.26 ? 22  ALA A N   1 
ATOM   41   C CA  . ALA A 1 22  ? -3.404  -1.952  -14.899 1.00 60.72 ? 22  ALA A CA  1 
ATOM   42   C C   . ALA A 1 22  ? -3.471  -0.579  -14.222 1.00 60.40 ? 22  ALA A C   1 
ATOM   43   O O   . ALA A 1 22  ? -4.137  -0.421  -13.192 1.00 60.42 ? 22  ALA A O   1 
ATOM   44   C CB  . ALA A 1 22  ? -4.737  -2.316  -15.506 1.00 60.78 ? 22  ALA A CB  1 
ATOM   45   N N   . GLU A 1 23  ? -2.758  0.399   -14.783 1.00 60.20 ? 23  GLU A N   1 
ATOM   46   C CA  . GLU A 1 23  ? -3.009  1.810   -14.506 1.00 60.64 ? 23  GLU A CA  1 
ATOM   47   C C   . GLU A 1 23  ? -4.492  1.959   -14.761 1.00 60.74 ? 23  GLU A C   1 
ATOM   48   O O   . GLU A 1 23  ? -5.030  1.149   -15.501 1.00 61.18 ? 23  GLU A O   1 
ATOM   49   C CB  . GLU A 1 23  ? -2.285  2.649   -15.541 1.00 60.54 ? 23  GLU A CB  1 
ATOM   50   C CG  . GLU A 1 23  ? -2.504  4.161   -15.416 1.00 61.78 ? 23  GLU A CG  1 
ATOM   51   C CD  . GLU A 1 23  ? -1.576  4.843   -14.413 1.00 60.98 ? 23  GLU A CD  1 
ATOM   52   O OE1 . GLU A 1 23  ? -1.694  6.081   -14.272 1.00 60.75 ? 23  GLU A OE1 1 
ATOM   53   O OE2 . GLU A 1 23  ? -0.735  4.160   -13.783 1.00 59.96 ? 23  GLU A OE2 1 
ATOM   54   N N   . GLU A 1 24  ? -5.172  2.943   -14.173 1.00 60.92 ? 24  GLU A N   1 
ATOM   55   C CA  . GLU A 1 24  ? -6.639  3.117   -14.429 1.00 61.84 ? 24  GLU A CA  1 
ATOM   56   C C   . GLU A 1 24  ? -7.481  2.094   -13.613 1.00 61.57 ? 24  GLU A C   1 
ATOM   57   O O   . GLU A 1 24  ? -8.734  2.127   -13.634 1.00 61.38 ? 24  GLU A O   1 
ATOM   58   C CB  . GLU A 1 24  ? -7.078  2.829   -15.893 1.00 61.94 ? 24  GLU A CB  1 
ATOM   59   C CG  . GLU A 1 24  ? -6.223  3.478   -16.993 1.00 63.71 ? 24  GLU A CG  1 
ATOM   60   C CD  . GLU A 1 24  ? -6.012  2.561   -18.222 1.00 66.92 ? 24  GLU A CD  1 
ATOM   61   O OE1 . GLU A 1 24  ? -5.524  1.390   -18.084 1.00 65.72 ? 24  GLU A OE1 1 
ATOM   62   O OE2 . GLU A 1 24  ? -6.335  3.037   -19.341 1.00 68.73 ? 24  GLU A OE2 1 
ATOM   63   N N   . LEU A 1 25  ? -6.796  1.148   -12.964 1.00 60.93 ? 25  LEU A N   1 
ATOM   64   C CA  . LEU A 1 25  ? -7.369  0.480   -11.817 1.00 60.17 ? 25  LEU A CA  1 
ATOM   65   C C   . LEU A 1 25  ? -6.657  1.301   -10.748 1.00 59.73 ? 25  LEU A C   1 
ATOM   66   O O   . LEU A 1 25  ? -7.297  1.953   -9.948  1.00 60.18 ? 25  LEU A O   1 
ATOM   67   C CB  . LEU A 1 25  ? -6.905  -0.966  -11.729 1.00 59.83 ? 25  LEU A CB  1 
ATOM   68   C CG  . LEU A 1 25  ? -7.857  -1.967  -11.076 1.00 59.39 ? 25  LEU A CG  1 
ATOM   69   C CD1 . LEU A 1 25  ? -7.107  -3.205  -10.632 1.00 58.88 ? 25  LEU A CD1 1 
ATOM   70   C CD2 . LEU A 1 25  ? -8.633  -1.368  -9.914  1.00 59.40 ? 25  LEU A CD2 1 
ATOM   71   N N   . LEU A 1 26  ? -5.330  1.307   -10.789 1.00 58.70 ? 26  LEU A N   1 
ATOM   72   C CA  . LEU A 1 26  ? -4.521  2.183   -9.965  1.00 57.72 ? 26  LEU A CA  1 
ATOM   73   C C   . LEU A 1 26  ? -5.113  3.589   -9.888  1.00 57.26 ? 26  LEU A C   1 
ATOM   74   O O   . LEU A 1 26  ? -5.430  4.089   -8.804  1.00 57.09 ? 26  LEU A O   1 
ATOM   75   C CB  . LEU A 1 26  ? -3.105  2.240   -10.556 1.00 57.75 ? 26  LEU A CB  1 
ATOM   76   C CG  . LEU A 1 26  ? -1.995  1.326   -9.998  1.00 57.91 ? 26  LEU A CG  1 
ATOM   77   C CD1 . LEU A 1 26  ? -2.499  -0.014  -9.392  1.00 56.89 ? 26  LEU A CD1 1 
ATOM   78   C CD2 . LEU A 1 26  ? -0.920  1.096   -11.051 1.00 56.61 ? 26  LEU A CD2 1 
ATOM   79   N N   . ALA A 1 27  ? -5.283  4.213   -11.048 1.00 56.58 ? 27  ALA A N   1 
ATOM   80   C CA  . ALA A 1 27  ? -5.722  5.594   -11.112 1.00 55.49 ? 27  ALA A CA  1 
ATOM   81   C C   . ALA A 1 27  ? -7.049  5.796   -10.402 1.00 55.04 ? 27  ALA A C   1 
ATOM   82   O O   . ALA A 1 27  ? -7.288  6.873   -9.850  1.00 54.98 ? 27  ALA A O   1 
ATOM   83   C CB  . ALA A 1 27  ? -5.818  6.036   -12.538 1.00 55.90 ? 27  ALA A CB  1 
ATOM   84   N N   . ARG A 1 28  ? -7.906  4.769   -10.424 1.00 54.16 ? 28  ARG A N   1 
ATOM   85   C CA  . ARG A 1 28  ? -9.182  4.782   -9.680  1.00 53.64 ? 28  ARG A CA  1 
ATOM   86   C C   . ARG A 1 28  ? -8.946  4.693   -8.180  1.00 53.76 ? 28  ARG A C   1 
ATOM   87   O O   . ARG A 1 28  ? -9.438  5.527   -7.420  1.00 53.45 ? 28  ARG A O   1 
ATOM   88   C CB  . ARG A 1 28  ? -10.095 3.633   -10.106 1.00 52.99 ? 28  ARG A CB  1 
ATOM   89   C CG  . ARG A 1 28  ? -11.325 3.488   -9.246  1.00 51.97 ? 28  ARG A CG  1 
ATOM   90   C CD  . ARG A 1 28  ? -12.142 2.271   -9.673  1.00 50.88 ? 28  ARG A CD  1 
ATOM   91   N NE  . ARG A 1 28  ? -13.390 2.133   -8.913  1.00 50.34 ? 28  ARG A NE  1 
ATOM   92   C CZ  . ARG A 1 28  ? -14.275 1.153   -9.113  1.00 50.89 ? 28  ARG A CZ  1 
ATOM   93   N NH1 . ARG A 1 28  ? -14.043 0.226   -10.049 1.00 51.26 ? 28  ARG A NH1 1 
ATOM   94   N NH2 . ARG A 1 28  ? -15.387 1.082   -8.377  1.00 48.37 ? 28  ARG A NH2 1 
ATOM   95   N N   . VAL A 1 29  ? -8.198  3.658   -7.783  1.00 53.90 ? 29  VAL A N   1 
ATOM   96   C CA  . VAL A 1 29  ? -7.849  3.368   -6.394  1.00 53.89 ? 29  VAL A CA  1 
ATOM   97   C C   . VAL A 1 29  ? -7.136  4.544   -5.706  1.00 54.23 ? 29  VAL A C   1 
ATOM   98   O O   . VAL A 1 29  ? -7.421  4.852   -4.552  1.00 53.39 ? 29  VAL A O   1 
ATOM   99   C CB  . VAL A 1 29  ? -7.014  2.068   -6.303  1.00 53.55 ? 29  VAL A CB  1 
ATOM   100  C CG1 . VAL A 1 29  ? -6.589  1.795   -4.893  1.00 54.03 ? 29  VAL A CG1 1 
ATOM   101  C CG2 . VAL A 1 29  ? -7.824  0.887   -6.804  1.00 52.96 ? 29  VAL A CG2 1 
ATOM   102  N N   . LEU A 1 30  ? -6.247  5.216   -6.435  1.00 55.57 ? 30  LEU A N   1 
ATOM   103  C CA  . LEU A 1 30  ? -5.372  6.259   -5.854  1.00 56.63 ? 30  LEU A CA  1 
ATOM   104  C C   . LEU A 1 30  ? -5.855  7.681   -6.157  1.00 57.96 ? 30  LEU A C   1 
ATOM   105  O O   . LEU A 1 30  ? -5.136  8.676   -5.919  1.00 58.26 ? 30  LEU A O   1 
ATOM   106  C CB  . LEU A 1 30  ? -3.912  6.103   -6.324  1.00 55.80 ? 30  LEU A CB  1 
ATOM   107  C CG  . LEU A 1 30  ? -3.214  4.758   -6.333  1.00 54.31 ? 30  LEU A CG  1 
ATOM   108  C CD1 . LEU A 1 30  ? -1.957  4.921   -7.089  1.00 55.11 ? 30  LEU A CD1 1 
ATOM   109  C CD2 . LEU A 1 30  ? -2.903  4.288   -4.955  1.00 53.34 ? 30  LEU A CD2 1 
ATOM   110  N N   . GLU A 1 31  ? -7.068  7.777   -6.688  1.00 59.30 ? 31  GLU A N   1 
ATOM   111  C CA  . GLU A 1 31  ? -7.644  9.079   -7.025  1.00 60.62 ? 31  GLU A CA  1 
ATOM   112  C C   . GLU A 1 31  ? -7.702  10.024  -5.799  1.00 60.50 ? 31  GLU A C   1 
ATOM   113  O O   . GLU A 1 31  ? -7.454  11.226  -5.964  1.00 60.51 ? 31  GLU A O   1 
ATOM   114  C CB  . GLU A 1 31  ? -8.993  8.903   -7.760  1.00 61.29 ? 31  GLU A CB  1 
ATOM   115  C CG  . GLU A 1 31  ? -9.867  10.149  -7.900  1.00 64.25 ? 31  GLU A CG  1 
ATOM   116  C CD  . GLU A 1 31  ? -10.875 10.250  -6.756  1.00 68.29 ? 31  GLU A CD  1 
ATOM   117  O OE1 . GLU A 1 31  ? -11.235 9.185   -6.181  1.00 68.69 ? 31  GLU A OE1 1 
ATOM   118  O OE2 . GLU A 1 31  ? -11.287 11.389  -6.427  1.00 69.17 ? 31  GLU A OE2 1 
ATOM   119  N N   . PRO A 1 32  ? -7.992  9.484   -4.579  1.00 60.32 ? 32  PRO A N   1 
ATOM   120  C CA  . PRO A 1 32  ? -7.897  10.289  -3.352  1.00 60.25 ? 32  PRO A CA  1 
ATOM   121  C C   . PRO A 1 32  ? -6.591  11.044  -3.207  1.00 60.17 ? 32  PRO A C   1 
ATOM   122  O O   . PRO A 1 32  ? -6.581  12.163  -2.704  1.00 60.22 ? 32  PRO A O   1 
ATOM   123  C CB  . PRO A 1 32  ? -8.034  9.244   -2.246  1.00 60.25 ? 32  PRO A CB  1 
ATOM   124  C CG  . PRO A 1 32  ? -9.008  8.267   -2.826  1.00 59.87 ? 32  PRO A CG  1 
ATOM   125  C CD  . PRO A 1 32  ? -8.648  8.186   -4.299  1.00 60.14 ? 32  PRO A CD  1 
ATOM   126  N N   . TYR A 1 33  ? -5.503  10.455  -3.669  1.00 60.15 ? 33  TYR A N   1 
ATOM   127  C CA  . TYR A 1 33  ? -4.233  11.150  -3.628  1.00 60.66 ? 33  TYR A CA  1 
ATOM   128  C C   . TYR A 1 33  ? -3.992  11.986  -4.876  1.00 61.83 ? 33  TYR A C   1 
ATOM   129  O O   . TYR A 1 33  ? -3.332  13.017  -4.799  1.00 61.86 ? 33  TYR A O   1 
ATOM   130  C CB  . TYR A 1 33  ? -3.072  10.165  -3.463  1.00 60.04 ? 33  TYR A CB  1 
ATOM   131  C CG  . TYR A 1 33  ? -3.200  9.236   -2.286  1.00 57.07 ? 33  TYR A CG  1 
ATOM   132  C CD1 . TYR A 1 33  ? -3.828  8.000   -2.427  1.00 53.83 ? 33  TYR A CD1 1 
ATOM   133  C CD2 . TYR A 1 33  ? -2.695  9.590   -1.035  1.00 53.53 ? 33  TYR A CD2 1 
ATOM   134  C CE1 . TYR A 1 33  ? -3.945  7.142   -1.381  1.00 51.83 ? 33  TYR A CE1 1 
ATOM   135  C CE2 . TYR A 1 33  ? -2.809  8.730   0.033   1.00 51.45 ? 33  TYR A CE2 1 
ATOM   136  C CZ  . TYR A 1 33  ? -3.434  7.504   -0.153  1.00 51.50 ? 33  TYR A CZ  1 
ATOM   137  O OH  . TYR A 1 33  ? -3.561  6.624   0.894   1.00 51.30 ? 33  TYR A OH  1 
ATOM   138  N N   . SER A 1 34  ? -4.501  11.536  -6.025  1.00 63.33 ? 34  SER A N   1 
ATOM   139  C CA  . SER A 1 34  ? -4.207  12.206  -7.301  1.00 64.75 ? 34  SER A CA  1 
ATOM   140  C C   . SER A 1 34  ? -4.925  13.540  -7.455  1.00 65.71 ? 34  SER A C   1 
ATOM   141  O O   . SER A 1 34  ? -4.332  14.545  -7.893  1.00 65.37 ? 34  SER A O   1 
ATOM   142  C CB  . SER A 1 34  ? -4.510  11.297  -8.482  1.00 64.54 ? 34  SER A CB  1 
ATOM   143  O OG  . SER A 1 34  ? -3.287  10.937  -9.094  1.00 65.67 ? 34  SER A OG  1 
ATOM   144  N N   . CYS A 1 35  ? -6.204  13.531  -7.087  1.00 66.66 ? 35  CYS A N   1 
ATOM   145  C CA  . CYS A 1 35  ? -6.977  14.745  -6.955  1.00 68.13 ? 35  CYS A CA  1 
ATOM   146  C C   . CYS A 1 35  ? -6.330  15.740  -5.946  1.00 68.01 ? 35  CYS A C   1 
ATOM   147  O O   . CYS A 1 35  ? -6.779  16.878  -5.816  1.00 68.47 ? 35  CYS A O   1 
ATOM   148  C CB  . CYS A 1 35  ? -8.414  14.392  -6.561  1.00 68.26 ? 35  CYS A CB  1 
ATOM   149  S SG  . CYS A 1 35  ? -8.617  13.989  -4.780  1.00 72.05 ? 35  CYS A SG  1 
ATOM   150  N N   . LYS A 1 36  ? -5.284  15.305  -5.246  1.00 68.06 ? 36  LYS A N   1 
ATOM   151  C CA  . LYS A 1 36  ? -4.487  16.181  -4.372  1.00 68.12 ? 36  LYS A CA  1 
ATOM   152  C C   . LYS A 1 36  ? -3.037  16.321  -4.881  1.00 68.31 ? 36  LYS A C   1 
ATOM   153  O O   . LYS A 1 36  ? -2.204  16.943  -4.226  1.00 68.47 ? 36  LYS A O   1 
ATOM   154  C CB  . LYS A 1 36  ? -4.490  15.665  -2.927  1.00 67.94 ? 36  LYS A CB  1 
ATOM   155  C CG  . LYS A 1 36  ? -5.866  15.529  -2.284  1.00 69.12 ? 36  LYS A CG  1 
ATOM   156  C CD  . LYS A 1 36  ? -6.318  16.841  -1.636  1.00 71.26 ? 36  LYS A CD  1 
ATOM   157  C CE  . LYS A 1 36  ? -7.778  16.775  -1.180  1.00 72.74 ? 36  LYS A CE  1 
ATOM   158  N NZ  . LYS A 1 36  ? -8.080  17.768  -0.081  1.00 74.04 ? 36  LYS A NZ  1 
ATOM   159  N N   . GLY A 1 37  ? -2.745  15.740  -6.046  1.00 68.42 ? 37  GLY A N   1 
ATOM   160  C CA  . GLY A 1 37  ? -1.407  15.786  -6.642  1.00 68.44 ? 37  GLY A CA  1 
ATOM   161  C C   . GLY A 1 37  ? -0.380  15.011  -5.838  1.00 68.56 ? 37  GLY A C   1 
ATOM   162  O O   . GLY A 1 37  ? 0.847   15.262  -5.918  1.00 68.24 ? 37  GLY A O   1 
ATOM   163  N N   . CYS A 1 38  ? -0.898  14.051  -5.073  1.00 68.56 ? 38  CYS A N   1 
ATOM   164  C CA  . CYS A 1 38  ? -0.112  13.269  -4.117  1.00 68.16 ? 38  CYS A CA  1 
ATOM   165  C C   . CYS A 1 38  ? -0.015  11.779  -4.446  1.00 66.88 ? 38  CYS A C   1 
ATOM   166  O O   . CYS A 1 38  ? 0.367   10.975  -3.586  1.00 66.93 ? 38  CYS A O   1 
ATOM   167  C CB  . CYS A 1 38  ? -0.642  13.491  -2.697  1.00 68.30 ? 38  CYS A CB  1 
ATOM   168  S SG  . CYS A 1 38  ? -0.403  15.195  -2.177  1.00 71.59 ? 38  CYS A SG  1 
ATOM   169  N N   . ARG A 1 39  ? -0.360  11.409  -5.678  1.00 65.40 ? 39  ARG A N   1 
ATOM   170  C CA  . ARG A 1 39  ? -0.066  10.061  -6.130  1.00 63.75 ? 39  ARG A CA  1 
ATOM   171  C C   . ARG A 1 39  ? 1.412   9.995   -6.465  1.00 62.68 ? 39  ARG A C   1 
ATOM   172  O O   . ARG A 1 39  ? 1.920   10.811  -7.242  1.00 61.91 ? 39  ARG A O   1 
ATOM   173  C CB  . ARG A 1 39  ? -0.903  9.665   -7.337  1.00 63.94 ? 39  ARG A CB  1 
ATOM   174  C CG  . ARG A 1 39  ? -0.433  8.338   -7.909  1.00 64.23 ? 39  ARG A CG  1 
ATOM   175  C CD  . ARG A 1 39  ? -1.194  7.877   -9.116  1.00 63.90 ? 39  ARG A CD  1 
ATOM   176  N NE  . ARG A 1 39  ? -0.685  6.570   -9.525  1.00 61.91 ? 39  ARG A NE  1 
ATOM   177  C CZ  . ARG A 1 39  ? -0.954  5.969   -10.683 1.00 60.10 ? 39  ARG A CZ  1 
ATOM   178  N NH1 . ARG A 1 39  ? -1.744  6.553   -11.586 1.00 57.98 ? 39  ARG A NH1 1 
ATOM   179  N NH2 . ARG A 1 39  ? -0.430  4.772   -10.921 1.00 57.91 ? 39  ARG A NH2 1 
ATOM   180  N N   . TYR A 1 40  ? 2.102   9.036   -5.855  1.00 61.68 ? 40  TYR A N   1 
ATOM   181  C CA  . TYR A 1 40  ? 3.549   8.888   -6.064  1.00 60.84 ? 40  TYR A CA  1 
ATOM   182  C C   . TYR A 1 40  ? 3.931   7.540   -6.669  1.00 59.89 ? 40  TYR A C   1 
ATOM   183  O O   . TYR A 1 40  ? 5.089   7.324   -7.001  1.00 59.79 ? 40  TYR A O   1 
ATOM   184  C CB  . TYR A 1 40  ? 4.326   9.126   -4.752  1.00 60.81 ? 40  TYR A CB  1 
ATOM   185  C CG  . TYR A 1 40  ? 3.980   10.418  -4.039  1.00 60.39 ? 40  TYR A CG  1 
ATOM   186  C CD1 . TYR A 1 40  ? 3.726   11.578  -4.753  1.00 59.94 ? 40  TYR A CD1 1 
ATOM   187  C CD2 . TYR A 1 40  ? 3.919   10.483  -2.642  1.00 60.72 ? 40  TYR A CD2 1 
ATOM   188  C CE1 . TYR A 1 40  ? 3.398   12.773  -4.110  1.00 60.92 ? 40  TYR A CE1 1 
ATOM   189  C CE2 . TYR A 1 40  ? 3.583   11.680  -1.984  1.00 59.73 ? 40  TYR A CE2 1 
ATOM   190  C CZ  . TYR A 1 40  ? 3.330   12.822  -2.731  1.00 59.96 ? 40  TYR A CZ  1 
ATOM   191  O OH  . TYR A 1 40  ? 3.011   14.025  -2.146  1.00 59.57 ? 40  TYR A OH  1 
ATOM   192  N N   . LEU A 1 41  ? 2.957   6.639   -6.791  1.00 59.04 ? 41  LEU A N   1 
ATOM   193  C CA  . LEU A 1 41  ? 3.187   5.283   -7.316  1.00 58.15 ? 41  LEU A CA  1 
ATOM   194  C C   . LEU A 1 41  ? 3.009   5.355   -8.805  1.00 57.92 ? 41  LEU A C   1 
ATOM   195  O O   . LEU A 1 41  ? 1.963   5.766   -9.286  1.00 58.36 ? 41  LEU A O   1 
ATOM   196  C CB  . LEU A 1 41  ? 2.189   4.284   -6.736  1.00 57.52 ? 41  LEU A CB  1 
ATOM   197  C CG  . LEU A 1 41  ? 2.292   2.799   -7.098  1.00 56.93 ? 41  LEU A CG  1 
ATOM   198  C CD1 . LEU A 1 41  ? 3.589   2.162   -6.636  1.00 56.42 ? 41  LEU A CD1 1 
ATOM   199  C CD2 . LEU A 1 41  ? 1.137   2.044   -6.497  1.00 56.54 ? 41  LEU A CD2 1 
ATOM   200  N N   . ILE A 1 42  ? 4.043   4.981   -9.535  1.00 57.39 ? 42  ILE A N   1 
ATOM   201  C CA  . ILE A 1 42  ? 4.032   5.125   -10.972 1.00 57.28 ? 42  ILE A CA  1 
ATOM   202  C C   . ILE A 1 42  ? 3.398   3.912   -11.641 1.00 57.04 ? 42  ILE A C   1 
ATOM   203  O O   . ILE A 1 42  ? 2.577   4.058   -12.565 1.00 56.59 ? 42  ILE A O   1 
ATOM   204  C CB  . ILE A 1 42  ? 5.449   5.395   -11.500 1.00 57.37 ? 42  ILE A CB  1 
ATOM   205  C CG1 . ILE A 1 42  ? 5.814   6.856   -11.234 1.00 57.45 ? 42  ILE A CG1 1 
ATOM   206  C CG2 . ILE A 1 42  ? 5.527   5.087   -12.971 1.00 57.90 ? 42  ILE A CG2 1 
ATOM   207  C CD1 . ILE A 1 42  ? 7.293   7.101   -11.199 1.00 59.88 ? 42  ILE A CD1 1 
ATOM   208  N N   . ASP A 1 43  ? 3.766   2.733   -11.143 1.00 56.83 ? 43  ASP A N   1 
ATOM   209  C CA  . ASP A 1 43  ? 3.245   1.473   -11.622 1.00 57.40 ? 43  ASP A CA  1 
ATOM   210  C C   . ASP A 1 43  ? 3.560   0.414   -10.602 1.00 57.36 ? 43  ASP A C   1 
ATOM   211  O O   . ASP A 1 43  ? 4.428   0.600   -9.756  1.00 57.24 ? 43  ASP A O   1 
ATOM   212  C CB  . ASP A 1 43  ? 3.899   1.084   -12.950 1.00 58.07 ? 43  ASP A CB  1 
ATOM   213  C CG  . ASP A 1 43  ? 5.397   0.831   -12.816 1.00 59.09 ? 43  ASP A CG  1 
ATOM   214  O OD1 . ASP A 1 43  ? 6.165   1.676   -13.342 1.00 60.63 ? 43  ASP A OD1 1 
ATOM   215  O OD2 . ASP A 1 43  ? 5.796   -0.188  -12.185 1.00 58.71 ? 43  ASP A OD2 1 
ATOM   216  N N   . ALA A 1 44  ? 2.874   -0.715  -10.711 1.00 57.36 ? 44  ALA A N   1 
ATOM   217  C CA  . ALA A 1 44  ? 3.008   -1.766  -9.731  1.00 57.78 ? 44  ALA A CA  1 
ATOM   218  C C   . ALA A 1 44  ? 2.683   -3.137  -10.304 1.00 58.18 ? 44  ALA A C   1 
ATOM   219  O O   . ALA A 1 44  ? 1.983   -3.262  -11.309 1.00 58.68 ? 44  ALA A O   1 
ATOM   220  C CB  . ALA A 1 44  ? 2.138   -1.476  -8.528  1.00 57.55 ? 44  ALA A CB  1 
ATOM   221  N N   . GLN A 1 45  ? 3.204   -4.156  -9.644  1.00 58.56 ? 45  GLN A N   1 
ATOM   222  C CA  . GLN A 1 45  ? 3.006   -5.525  -10.025 1.00 59.47 ? 45  GLN A CA  1 
ATOM   223  C C   . GLN A 1 45  ? 2.642   -6.268  -8.782  1.00 58.95 ? 45  GLN A C   1 
ATOM   224  O O   . GLN A 1 45  ? 3.184   -5.995  -7.723  1.00 59.22 ? 45  GLN A O   1 
ATOM   225  C CB  . GLN A 1 45  ? 4.301   -6.122  -10.580 1.00 60.33 ? 45  GLN A CB  1 
ATOM   226  C CG  . GLN A 1 45  ? 4.724   -5.582  -11.941 1.00 63.96 ? 45  GLN A CG  1 
ATOM   227  C CD  . GLN A 1 45  ? 5.863   -4.603  -11.832 1.00 68.94 ? 45  GLN A CD  1 
ATOM   228  O OE1 . GLN A 1 45  ? 7.012   -5.009  -11.621 1.00 70.40 ? 45  GLN A OE1 1 
ATOM   229  N NE2 . GLN A 1 45  ? 5.565   -3.305  -11.984 1.00 70.42 ? 45  GLN A NE2 1 
ATOM   230  N N   . TYR A 1 46  ? 1.733   -7.222  -8.898  1.00 58.74 ? 46  TYR A N   1 
ATOM   231  C CA  . TYR A 1 46  ? 1.320   -7.965  -7.731  1.00 58.47 ? 46  TYR A CA  1 
ATOM   232  C C   . TYR A 1 46  ? 1.310   -9.467  -7.978  1.00 58.79 ? 46  TYR A C   1 
ATOM   233  O O   . TYR A 1 46  ? 1.395   -9.915  -9.127  1.00 57.87 ? 46  TYR A O   1 
ATOM   234  C CB  . TYR A 1 46  ? -0.048  -7.464  -7.263  1.00 58.49 ? 46  TYR A CB  1 
ATOM   235  C CG  . TYR A 1 46  ? -1.224  -8.267  -7.761  1.00 57.70 ? 46  TYR A CG  1 
ATOM   236  C CD1 . TYR A 1 46  ? -1.645  -8.181  -9.088  1.00 57.02 ? 46  TYR A CD1 1 
ATOM   237  C CD2 . TYR A 1 46  ? -1.904  -9.110  -6.907  1.00 56.67 ? 46  TYR A CD2 1 
ATOM   238  C CE1 . TYR A 1 46  ? -2.708  -8.922  -9.549  1.00 56.57 ? 46  TYR A CE1 1 
ATOM   239  C CE2 . TYR A 1 46  ? -2.967  -9.854  -7.349  1.00 58.54 ? 46  TYR A CE2 1 
ATOM   240  C CZ  . TYR A 1 46  ? -3.378  -9.756  -8.678  1.00 58.44 ? 46  TYR A CZ  1 
ATOM   241  O OH  . TYR A 1 46  ? -4.460  -10.515 -9.116  1.00 58.11 ? 46  TYR A OH  1 
ATOM   242  N N   . SER A 1 47  ? 1.230   -10.215 -6.875  1.00 59.36 ? 47  SER A N   1 
ATOM   243  C CA  . SER A 1 47  ? 0.886   -11.618 -6.862  1.00 60.33 ? 47  SER A CA  1 
ATOM   244  C C   . SER A 1 47  ? 0.110   -11.924 -5.579  1.00 61.17 ? 47  SER A C   1 
ATOM   245  O O   . SER A 1 47  ? 0.396   -11.340 -4.532  1.00 61.06 ? 47  SER A O   1 
ATOM   246  C CB  . SER A 1 47  ? 2.141   -12.472 -6.907  1.00 60.53 ? 47  SER A CB  1 
ATOM   247  O OG  . SER A 1 47  ? 1.870   -13.776 -6.407  1.00 61.04 ? 47  SER A OG  1 
ATOM   248  N N   . ALA A 1 48  ? -0.836  -12.869 -5.658  1.00 62.13 ? 48  ALA A N   1 
ATOM   249  C CA  . ALA A 1 48  ? -1.774  -13.152 -4.554  1.00 63.24 ? 48  ALA A CA  1 
ATOM   250  C C   . ALA A 1 48  ? -2.077  -14.645 -4.255  1.00 64.15 ? 48  ALA A C   1 
ATOM   251  O O   . ALA A 1 48  ? -1.905  -15.525 -5.099  1.00 64.83 ? 48  ALA A O   1 
ATOM   252  C CB  . ALA A 1 48  ? -3.077  -12.371 -4.778  1.00 63.08 ? 48  ALA A CB  1 
ATOM   253  N N   . THR A 1 49  ? -2.525  -14.936 -3.040  1.00 64.88 ? 49  THR A N   1 
ATOM   254  C CA  . THR A 1 49  ? -3.002  -16.283 -2.699  1.00 65.47 ? 49  THR A CA  1 
ATOM   255  C C   . THR A 1 49  ? -4.181  -16.165 -1.731  1.00 66.30 ? 49  THR A C   1 
ATOM   256  O O   . THR A 1 49  ? -4.409  -15.094 -1.159  1.00 67.07 ? 49  THR A O   1 
ATOM   257  C CB  . THR A 1 49  ? -1.882  -17.223 -2.097  1.00 65.44 ? 49  THR A CB  1 
ATOM   258  O OG1 . THR A 1 49  ? -1.679  -16.966 -0.698  1.00 64.93 ? 49  THR A OG1 1 
ATOM   259  C CG2 . THR A 1 49  ? -0.563  -17.080 -2.850  1.00 65.25 ? 49  THR A CG2 1 
ATOM   260  N N   . GLU A 1 50  ? -4.947  -17.245 -1.573  1.00 66.67 ? 50  GLU A N   1 
ATOM   261  C CA  . GLU A 1 50  ? -5.894  -17.388 -0.469  1.00 66.81 ? 50  GLU A CA  1 
ATOM   262  C C   . GLU A 1 50  ? -5.630  -16.350 0.640   1.00 66.29 ? 50  GLU A C   1 
ATOM   263  O O   . GLU A 1 50  ? -6.519  -15.570 1.004   1.00 66.64 ? 50  GLU A O   1 
ATOM   264  C CB  . GLU A 1 50  ? -5.770  -18.813 0.111   1.00 67.21 ? 50  GLU A CB  1 
ATOM   265  C CG  . GLU A 1 50  ? -7.069  -19.511 0.453   1.00 69.37 ? 50  GLU A CG  1 
ATOM   266  C CD  . GLU A 1 50  ? -7.856  -19.929 -0.787  1.00 73.74 ? 50  GLU A CD  1 
ATOM   267  O OE1 . GLU A 1 50  ? -7.973  -21.152 -1.029  1.00 75.50 ? 50  GLU A OE1 1 
ATOM   268  O OE2 . GLU A 1 50  ? -8.357  -19.044 -1.529  1.00 75.48 ? 50  GLU A OE2 1 
ATOM   269  N N   . ASP A 1 51  ? -4.405  -16.333 1.168   1.00 65.65 ? 51  ASP A N   1 
ATOM   270  C CA  . ASP A 1 51  ? -4.101  -15.444 2.282   1.00 65.24 ? 51  ASP A CA  1 
ATOM   271  C C   . ASP A 1 51  ? -2.798  -14.602 2.236   1.00 64.46 ? 51  ASP A C   1 
ATOM   272  O O   . ASP A 1 51  ? -2.236  -14.282 3.297   1.00 64.69 ? 51  ASP A O   1 
ATOM   273  C CB  . ASP A 1 51  ? -4.262  -16.174 3.634   1.00 65.71 ? 51  ASP A CB  1 
ATOM   274  C CG  . ASP A 1 51  ? -3.838  -17.620 3.585   1.00 66.14 ? 51  ASP A CG  1 
ATOM   275  O OD1 . ASP A 1 51  ? -2.631  -17.868 3.431   1.00 66.41 ? 51  ASP A OD1 1 
ATOM   276  O OD2 . ASP A 1 51  ? -4.722  -18.501 3.729   1.00 67.43 ? 51  ASP A OD2 1 
ATOM   277  N N   . SER A 1 52  ? -2.347  -14.198 1.044   1.00 62.55 ? 52  SER A N   1 
ATOM   278  C CA  . SER A 1 52  ? -1.149  -13.370 0.979   1.00 60.94 ? 52  SER A CA  1 
ATOM   279  C C   . SER A 1 52  ? -1.058  -12.570 -0.306  1.00 60.24 ? 52  SER A C   1 
ATOM   280  O O   . SER A 1 52  ? -1.464  -13.049 -1.357  1.00 59.83 ? 52  SER A O   1 
ATOM   281  C CB  . SER A 1 52  ? 0.108   -14.226 1.165   1.00 60.73 ? 52  SER A CB  1 
ATOM   282  O OG  . SER A 1 52  ? 0.611   -14.659 -0.083  1.00 59.71 ? 52  SER A OG  1 
ATOM   283  N N   . VAL A 1 53  ? -0.507  -11.361 -0.205  1.00 59.21 ? 53  VAL A N   1 
ATOM   284  C CA  . VAL A 1 53  ? -0.261  -10.506 -1.356  1.00 58.94 ? 53  VAL A CA  1 
ATOM   285  C C   . VAL A 1 53  ? 1.192   -10.047 -1.321  1.00 59.27 ? 53  VAL A C   1 
ATOM   286  O O   . VAL A 1 53  ? 1.729   -9.742  -0.244  1.00 59.68 ? 53  VAL A O   1 
ATOM   287  C CB  . VAL A 1 53  ? -1.137  -9.238  -1.333  1.00 58.63 ? 53  VAL A CB  1 
ATOM   288  C CG1 . VAL A 1 53  ? -0.866  -8.356  -2.531  1.00 58.12 ? 53  VAL A CG1 1 
ATOM   289  C CG2 . VAL A 1 53  ? -2.571  -9.588  -1.314  1.00 59.62 ? 53  VAL A CG2 1 
ATOM   290  N N   . LEU A 1 54  ? 1.806   -10.000 -2.505  1.00 59.00 ? 54  LEU A N   1 
ATOM   291  C CA  . LEU A 1 54  ? 3.142   -9.464  -2.731  1.00 58.77 ? 54  LEU A CA  1 
ATOM   292  C C   . LEU A 1 54  ? 3.018   -8.442  -3.837  1.00 58.62 ? 54  LEU A C   1 
ATOM   293  O O   . LEU A 1 54  ? 2.396   -8.702  -4.860  1.00 58.68 ? 54  LEU A O   1 
ATOM   294  C CB  . LEU A 1 54  ? 4.108   -10.582 -3.165  1.00 59.29 ? 54  LEU A CB  1 
ATOM   295  C CG  . LEU A 1 54  ? 5.554   -10.262 -3.585  1.00 60.51 ? 54  LEU A CG  1 
ATOM   296  C CD1 . LEU A 1 54  ? 6.420   -9.981  -2.377  1.00 61.69 ? 54  LEU A CD1 1 
ATOM   297  C CD2 . LEU A 1 54  ? 6.202   -11.377 -4.411  1.00 61.19 ? 54  LEU A CD2 1 
ATOM   298  N N   . ALA A 1 55  ? 3.599   -7.269  -3.641  1.00 58.46 ? 55  ALA A N   1 
ATOM   299  C CA  . ALA A 1 55  ? 3.522   -6.230  -4.648  1.00 58.18 ? 55  ALA A CA  1 
ATOM   300  C C   . ALA A 1 55  ? 4.853   -5.498  -4.769  1.00 58.21 ? 55  ALA A C   1 
ATOM   301  O O   . ALA A 1 55  ? 5.618   -5.455  -3.820  1.00 58.95 ? 55  ALA A O   1 
ATOM   302  C CB  . ALA A 1 55  ? 2.415   -5.265  -4.304  1.00 57.97 ? 55  ALA A CB  1 
ATOM   303  N N   . TYR A 1 56  ? 5.123   -4.924  -5.932  1.00 57.91 ? 56  TYR A N   1 
ATOM   304  C CA  . TYR A 1 56  ? 6.301   -4.095  -6.131  1.00 58.18 ? 56  TYR A CA  1 
ATOM   305  C C   . TYR A 1 56  ? 5.831   -2.836  -6.808  1.00 57.63 ? 56  TYR A C   1 
ATOM   306  O O   . TYR A 1 56  ? 4.932   -2.901  -7.642  1.00 57.34 ? 56  TYR A O   1 
ATOM   307  C CB  . TYR A 1 56  ? 7.288   -4.761  -7.090  1.00 58.83 ? 56  TYR A CB  1 
ATOM   308  C CG  . TYR A 1 56  ? 7.918   -6.044  -6.604  1.00 60.42 ? 56  TYR A CG  1 
ATOM   309  C CD1 . TYR A 1 56  ? 7.273   -7.270  -6.768  1.00 60.79 ? 56  TYR A CD1 1 
ATOM   310  C CD2 . TYR A 1 56  ? 9.184   -6.032  -6.026  1.00 62.11 ? 56  TYR A CD2 1 
ATOM   311  C CE1 . TYR A 1 56  ? 7.860   -8.446  -6.347  1.00 63.15 ? 56  TYR A CE1 1 
ATOM   312  C CE2 . TYR A 1 56  ? 9.788   -7.204  -5.613  1.00 63.43 ? 56  TYR A CE2 1 
ATOM   313  C CZ  . TYR A 1 56  ? 9.126   -8.407  -5.767  1.00 64.68 ? 56  TYR A CZ  1 
ATOM   314  O OH  . TYR A 1 56  ? 9.739   -9.572  -5.335  1.00 66.83 ? 56  TYR A OH  1 
ATOM   315  N N   . GLY A 1 57  ? 6.454   -1.702  -6.493  1.00 56.72 ? 57  GLY A N   1 
ATOM   316  C CA  . GLY A 1 57  ? 6.051   -0.456  -7.113  1.00 56.27 ? 57  GLY A CA  1 
ATOM   317  C C   . GLY A 1 57  ? 7.193   0.488   -7.382  1.00 56.20 ? 57  GLY A C   1 
ATOM   318  O O   . GLY A 1 57  ? 8.251   0.395   -6.764  1.00 56.62 ? 57  GLY A O   1 
ATOM   319  N N   . ASN A 1 58  ? 6.976   1.410   -8.303  1.00 55.94 ? 58  ASN A N   1 
ATOM   320  C CA  . ASN A 1 58  ? 7.987   2.395   -8.616  1.00 56.04 ? 58  ASN A CA  1 
ATOM   321  C C   . ASN A 1 58  ? 7.387   3.776   -8.430  1.00 55.64 ? 58  ASN A C   1 
ATOM   322  O O   . ASN A 1 58  ? 6.266   4.048   -8.846  1.00 55.03 ? 58  ASN A O   1 
ATOM   323  C CB  . ASN A 1 58  ? 8.580   2.177   -10.025 1.00 56.62 ? 58  ASN A CB  1 
ATOM   324  C CG  . ASN A 1 58  ? 9.081   0.718   -10.244 1.00 58.28 ? 58  ASN A CG  1 
ATOM   325  O OD1 . ASN A 1 58  ? 8.514   -0.043  -11.045 1.00 57.44 ? 58  ASN A OD1 1 
ATOM   326  N ND2 . ASN A 1 58  ? 10.131  0.333   -9.509  1.00 59.70 ? 58  ASN A ND2 1 
ATOM   327  N N   . PHE A 1 59  ? 8.146   4.626   -7.756  1.00 55.53 ? 59  PHE A N   1 
ATOM   328  C CA  . PHE A 1 59  ? 7.653   5.871   -7.223  1.00 55.13 ? 59  PHE A CA  1 
ATOM   329  C C   . PHE A 1 59  ? 8.476   7.061   -7.712  1.00 56.74 ? 59  PHE A C   1 
ATOM   330  O O   . PHE A 1 59  ? 9.630   6.916   -8.145  1.00 56.34 ? 59  PHE A O   1 
ATOM   331  C CB  . PHE A 1 59  ? 7.747   5.852   -5.693  1.00 54.21 ? 59  PHE A CB  1 
ATOM   332  C CG  . PHE A 1 59  ? 6.965   4.747   -5.012  1.00 50.11 ? 59  PHE A CG  1 
ATOM   333  C CD1 . PHE A 1 59  ? 5.652   4.966   -4.565  1.00 46.66 ? 59  PHE A CD1 1 
ATOM   334  C CD2 . PHE A 1 59  ? 7.557   3.508   -4.775  1.00 45.03 ? 59  PHE A CD2 1 
ATOM   335  C CE1 . PHE A 1 59  ? 4.952   3.951   -3.920  1.00 44.73 ? 59  PHE A CE1 1 
ATOM   336  C CE2 . PHE A 1 59  ? 6.875   2.495   -4.136  1.00 41.50 ? 59  PHE A CE2 1 
ATOM   337  C CZ  . PHE A 1 59  ? 5.573   2.711   -3.705  1.00 43.77 ? 59  PHE A CZ  1 
ATOM   338  N N   . THR A 1 60  ? 7.846   8.234   -7.640  1.00 58.75 ? 60  THR A N   1 
ATOM   339  C CA  . THR A 1 60  ? 8.508   9.539   -7.750  1.00 60.82 ? 60  THR A CA  1 
ATOM   340  C C   . THR A 1 60  ? 7.760   10.598  -6.893  1.00 62.13 ? 60  THR A C   1 
ATOM   341  O O   . THR A 1 60  ? 6.530   10.568  -6.809  1.00 62.15 ? 60  THR A O   1 
ATOM   342  C CB  . THR A 1 60  ? 8.702   9.998   -9.234  1.00 60.67 ? 60  THR A CB  1 
ATOM   343  O OG1 . THR A 1 60  ? 9.673   11.053  -9.290  1.00 61.13 ? 60  THR A OG1 1 
ATOM   344  C CG2 . THR A 1 60  ? 7.392   10.479  -9.871  1.00 61.02 ? 60  THR A CG2 1 
ATOM   345  N N   . ILE A 1 61  ? 8.503   11.490  -6.231  1.00 63.99 ? 61  ILE A N   1 
ATOM   346  C CA  . ILE A 1 61  ? 7.898   12.584  -5.455  1.00 66.09 ? 61  ILE A CA  1 
ATOM   347  C C   . ILE A 1 61  ? 8.270   13.940  -6.054  1.00 67.38 ? 61  ILE A C   1 
ATOM   348  O O   . ILE A 1 61  ? 9.443   14.340  -6.043  1.00 67.72 ? 61  ILE A O   1 
ATOM   349  C CB  . ILE A 1 61  ? 8.253   12.522  -3.937  1.00 66.01 ? 61  ILE A CB  1 
ATOM   350  C CG1 . ILE A 1 61  ? 7.439   11.436  -3.239  1.00 66.54 ? 61  ILE A CG1 1 
ATOM   351  C CG2 . ILE A 1 61  ? 7.986   13.867  -3.252  1.00 65.97 ? 61  ILE A CG2 1 
ATOM   352  C CD1 . ILE A 1 61  ? 8.009   11.017  -1.887  1.00 67.39 ? 61  ILE A CD1 1 
ATOM   353  N N   . GLY A 1 62  ? 7.271   14.638  -6.587  1.00 68.91 ? 62  GLY A N   1 
ATOM   354  C CA  . GLY A 1 62  ? 7.520   15.886  -7.306  1.00 71.12 ? 62  GLY A CA  1 
ATOM   355  C C   . GLY A 1 62  ? 7.785   17.011  -6.329  1.00 72.50 ? 62  GLY A C   1 
ATOM   356  O O   . GLY A 1 62  ? 8.723   17.796  -6.484  1.00 72.61 ? 62  GLY A O   1 
ATOM   357  N N   . GLU A 1 63  ? 6.934   17.068  -5.314  1.00 73.81 ? 63  GLU A N   1 
ATOM   358  C CA  . GLU A 1 63  ? 7.034   18.050  -4.252  1.00 75.14 ? 63  GLU A CA  1 
ATOM   359  C C   . GLU A 1 63  ? 6.222   17.519  -3.078  1.00 75.25 ? 63  GLU A C   1 
ATOM   360  O O   . GLU A 1 63  ? 5.227   16.778  -3.262  1.00 75.57 ? 63  GLU A O   1 
ATOM   361  C CB  . GLU A 1 63  ? 6.499   19.422  -4.717  1.00 75.63 ? 63  GLU A CB  1 
ATOM   362  C CG  . GLU A 1 63  ? 7.067   20.646  -3.953  1.00 77.70 ? 63  GLU A CG  1 
ATOM   363  C CD  . GLU A 1 63  ? 6.563   21.998  -4.506  1.00 80.20 ? 63  GLU A CD  1 
ATOM   364  O OE1 . GLU A 1 63  ? 6.900   23.049  -3.893  1.00 80.34 ? 63  GLU A OE1 1 
ATOM   365  O OE2 . GLU A 1 63  ? 5.844   22.007  -5.543  1.00 79.21 ? 63  GLU A OE2 1 
ATOM   366  N N   . SER A 1 64  ? 6.651   17.884  -1.874  1.00 75.23 ? 64  SER A N   1 
ATOM   367  C CA  . SER A 1 64  ? 5.862   17.607  -0.683  1.00 75.35 ? 64  SER A CA  1 
ATOM   368  C C   . SER A 1 64  ? 4.576   18.443  -0.749  1.00 75.30 ? 64  SER A C   1 
ATOM   369  O O   . SER A 1 64  ? 4.589   19.602  -1.189  1.00 75.34 ? 64  SER A O   1 
ATOM   370  C CB  . SER A 1 64  ? 6.675   17.900  0.588   1.00 75.37 ? 64  SER A CB  1 
ATOM   371  O OG  . SER A 1 64  ? 7.757   16.982  0.713   1.00 75.44 ? 64  SER A OG  1 
ATOM   372  N N   . ALA A 1 65  ? 3.458   17.843  -0.359  1.00 75.05 ? 65  ALA A N   1 
ATOM   373  C CA  . ALA A 1 65  ? 2.211   18.601  -0.256  1.00 74.64 ? 65  ALA A CA  1 
ATOM   374  C C   . ALA A 1 65  ? 2.150   19.411  1.042   1.00 74.20 ? 65  ALA A C   1 
ATOM   375  O O   . ALA A 1 65  ? 1.440   20.422  1.105   1.00 74.27 ? 65  ALA A O   1 
ATOM   376  C CB  . ALA A 1 65  ? 1.023   17.676  -0.339  1.00 74.61 ? 65  ALA A CB  1 
ATOM   377  N N   . TYR A 1 66  ? 2.911   18.974  2.053   1.00 73.13 ? 66  TYR A N   1 
ATOM   378  C CA  . TYR A 1 66  ? 2.667   19.374  3.444   1.00 72.22 ? 66  TYR A CA  1 
ATOM   379  C C   . TYR A 1 66  ? 3.699   20.346  4.041   1.00 71.43 ? 66  TYR A C   1 
ATOM   380  O O   . TYR A 1 66  ? 3.330   21.216  4.844   1.00 71.51 ? 66  TYR A O   1 
ATOM   381  C CB  . TYR A 1 66  ? 2.515   18.117  4.317   1.00 72.17 ? 66  TYR A CB  1 
ATOM   382  C CG  . TYR A 1 66  ? 3.786   17.303  4.455   1.00 72.31 ? 66  TYR A CG  1 
ATOM   383  C CD1 . TYR A 1 66  ? 4.713   17.605  5.456   1.00 71.60 ? 66  TYR A CD1 1 
ATOM   384  C CD2 . TYR A 1 66  ? 4.073   16.240  3.589   1.00 71.32 ? 66  TYR A CD2 1 
ATOM   385  C CE1 . TYR A 1 66  ? 5.888   16.878  5.603   1.00 71.14 ? 66  TYR A CE1 1 
ATOM   386  C CE2 . TYR A 1 66  ? 5.266   15.511  3.723   1.00 70.19 ? 66  TYR A CE2 1 
ATOM   387  C CZ  . TYR A 1 66  ? 6.166   15.834  4.745   1.00 70.67 ? 66  TYR A CZ  1 
ATOM   388  O OH  . TYR A 1 66  ? 7.351   15.134  4.946   1.00 71.03 ? 66  TYR A OH  1 
ATOM   389  N N   . ILE A 1 67  ? 4.969   20.170  3.658   1.00 70.31 ? 67  ILE A N   1 
ATOM   390  C CA  . ILE A 1 67  ? 6.106   21.010  4.085   1.00 69.33 ? 67  ILE A CA  1 
ATOM   391  C C   . ILE A 1 67  ? 6.738   21.701  2.858   1.00 69.45 ? 67  ILE A C   1 
ATOM   392  O O   . ILE A 1 67  ? 6.433   21.326  1.714   1.00 69.23 ? 67  ILE A O   1 
ATOM   393  C CB  . ILE A 1 67  ? 7.184   20.176  4.848   1.00 69.07 ? 67  ILE A CB  1 
ATOM   394  C CG1 . ILE A 1 67  ? 8.055   21.059  5.745   1.00 67.68 ? 67  ILE A CG1 1 
ATOM   395  C CG2 . ILE A 1 67  ? 8.036   19.322  3.879   1.00 69.01 ? 67  ILE A CG2 1 
ATOM   396  C CD1 . ILE A 1 67  ? 9.004   20.261  6.632   1.00 66.46 ? 67  ILE A CD1 1 
ATOM   397  N N   . ARG A 1 68  ? 7.566   22.711  3.115   0.80 69.18 ? 68  ARG A N   1 
ATOM   398  C CA  . ARG A 1 68  ? 8.232   23.458  2.057   0.80 68.80 ? 68  ARG A CA  1 
ATOM   399  C C   . ARG A 1 68  ? 9.004   22.485  1.187   0.80 69.41 ? 68  ARG A C   1 
ATOM   400  O O   . ARG A 1 68  ? 8.437   21.865  0.288   0.80 69.73 ? 68  ARG A O   1 
ATOM   401  C CB  . ARG A 1 68  ? 9.177   24.505  2.649   0.60 68.27 ? 68  ARG A CB  1 
ATOM   402  C CG  . ARG A 1 68  ? 8.747   25.941  2.397   0.60 65.85 ? 68  ARG A CG  1 
ATOM   403  C CD  . ARG A 1 68  ? 9.084   26.833  3.581   0.60 61.40 ? 68  ARG A CD  1 
ATOM   404  N NE  . ARG A 1 68  ? 9.887   27.986  3.184   0.60 56.66 ? 68  ARG A NE  1 
ATOM   405  C CZ  . ARG A 1 68  ? 11.140  28.195  3.574   0.60 56.35 ? 68  ARG A CZ  1 
ATOM   406  N NH1 . ARG A 1 68  ? 11.741  27.326  4.376   0.60 54.14 ? 68  ARG A NH1 1 
ATOM   407  N NH2 . ARG A 1 68  ? 11.795  29.273  3.164   0.60 55.60 ? 68  ARG A NH2 1 
ATOM   408  N N   . SER A 1 69  ? 10.296  22.338  1.457   1.00 70.01 ? 69  SER A N   1 
ATOM   409  C CA  . SER A 1 69  ? 11.075  21.371  0.717   1.00 70.69 ? 69  SER A CA  1 
ATOM   410  C C   . SER A 1 69  ? 12.268  20.939  1.539   1.00 70.86 ? 69  SER A C   1 
ATOM   411  O O   . SER A 1 69  ? 13.181  21.741  1.821   1.00 70.74 ? 69  SER A O   1 
ATOM   412  C CB  . SER A 1 69  ? 11.489  21.901  -0.657  1.00 70.72 ? 69  SER A CB  1 
ATOM   413  O OG  . SER A 1 69  ? 11.674  20.814  -1.555  1.00 71.63 ? 69  SER A OG  1 
ATOM   414  N N   . THR A 1 70  ? 12.211  19.669  1.940   1.00 70.81 ? 70  THR A N   1 
ATOM   415  C CA  . THR A 1 70  ? 13.279  18.987  2.659   1.00 70.91 ? 70  THR A CA  1 
ATOM   416  C C   . THR A 1 70  ? 14.508  18.695  1.765   1.00 71.13 ? 70  THR A C   1 
ATOM   417  O O   . THR A 1 70  ? 15.662  18.823  2.202   1.00 71.03 ? 70  THR A O   1 
ATOM   418  C CB  . THR A 1 70  ? 12.740  17.678  3.276   1.00 70.90 ? 70  THR A CB  1 
ATOM   419  O OG1 . THR A 1 70  ? 12.199  16.842  2.241   1.00 70.91 ? 70  THR A OG1 1 
ATOM   420  C CG2 . THR A 1 70  ? 11.652  17.987  4.318   1.00 69.98 ? 70  THR A CG2 1 
ATOM   421  N N   . GLY A 1 71  ? 14.242  18.326  0.511   1.00 71.52 ? 71  GLY A N   1 
ATOM   422  C CA  . GLY A 1 71  ? 15.273  17.841  -0.403  1.00 71.59 ? 71  GLY A CA  1 
ATOM   423  C C   . GLY A 1 71  ? 15.666  16.392  -0.103  1.00 71.72 ? 71  GLY A C   1 
ATOM   424  O O   . GLY A 1 71  ? 16.736  15.936  -0.539  1.00 72.18 ? 71  GLY A O   1 
ATOM   425  N N   . HIS A 1 72  ? 14.808  15.678  0.646   1.00 71.09 ? 72  HIS A N   1 
ATOM   426  C CA  . HIS A 1 72  ? 14.999  14.248  0.957   1.00 70.30 ? 72  HIS A CA  1 
ATOM   427  C C   . HIS A 1 72  ? 13.673  13.488  1.164   1.00 69.57 ? 72  HIS A C   1 
ATOM   428  O O   . HIS A 1 72  ? 12.588  13.961  0.785   1.00 69.76 ? 72  HIS A O   1 
ATOM   429  C CB  . HIS A 1 72  ? 15.944  14.052  2.159   1.00 70.87 ? 72  HIS A CB  1 
ATOM   430  C CG  . HIS A 1 72  ? 15.479  14.727  3.410   1.00 70.68 ? 72  HIS A CG  1 
ATOM   431  N ND1 . HIS A 1 72  ? 16.047  15.893  3.881   1.00 71.49 ? 72  HIS A ND1 1 
ATOM   432  C CD2 . HIS A 1 72  ? 14.482  14.420  4.270   1.00 70.17 ? 72  HIS A CD2 1 
ATOM   433  C CE1 . HIS A 1 72  ? 15.427  16.266  4.986   1.00 71.31 ? 72  HIS A CE1 1 
ATOM   434  N NE2 . HIS A 1 72  ? 14.469  15.393  5.242   1.00 70.39 ? 72  HIS A NE2 1 
ATOM   435  N N   . PHE A 1 73  ? 13.761  12.308  1.767   1.00 68.32 ? 73  PHE A N   1 
ATOM   436  C CA  . PHE A 1 73  ? 12.655  11.378  1.701   1.00 67.31 ? 73  PHE A CA  1 
ATOM   437  C C   . PHE A 1 73  ? 11.524  11.456  2.728   1.00 66.28 ? 73  PHE A C   1 
ATOM   438  O O   . PHE A 1 73  ? 10.369  11.205  2.385   1.00 66.42 ? 73  PHE A O   1 
ATOM   439  C CB  . PHE A 1 73  ? 13.131  9.922   1.732   1.00 67.69 ? 73  PHE A CB  1 
ATOM   440  C CG  . PHE A 1 73  ? 12.007  8.934   1.615   1.00 68.24 ? 73  PHE A CG  1 
ATOM   441  C CD1 . PHE A 1 73  ? 10.948  9.167   0.733   1.00 68.00 ? 73  PHE A CD1 1 
ATOM   442  C CD2 . PHE A 1 73  ? 11.991  7.777   2.386   1.00 68.54 ? 73  PHE A CD2 1 
ATOM   443  C CE1 . PHE A 1 73  ? 9.885   8.266   0.630   1.00 68.11 ? 73  PHE A CE1 1 
ATOM   444  C CE2 . PHE A 1 73  ? 10.931  6.868   2.276   1.00 67.67 ? 73  PHE A CE2 1 
ATOM   445  C CZ  . PHE A 1 73  ? 9.882   7.118   1.401   1.00 67.38 ? 73  PHE A CZ  1 
ATOM   446  N N   . ASN A 1 74  ? 11.841  11.773  3.978   1.00 64.49 ? 74  ASN A N   1 
ATOM   447  C CA  . ASN A 1 74  ? 10.808  11.865  5.033   1.00 63.11 ? 74  ASN A CA  1 
ATOM   448  C C   . ASN A 1 74  ? 10.188  10.527  5.472   1.00 61.73 ? 74  ASN A C   1 
ATOM   449  O O   . ASN A 1 74  ? 10.519  9.477   4.937   1.00 62.16 ? 74  ASN A O   1 
ATOM   450  C CB  . ASN A 1 74  ? 9.900   13.056  4.689   1.00 63.10 ? 74  ASN A CB  1 
ATOM   451  C CG  . ASN A 1 74  ? 10.708  14.352  4.440   1.00 64.01 ? 74  ASN A CG  1 
ATOM   452  O OD1 . ASN A 1 74  ? 11.586  14.690  5.222   1.00 64.43 ? 74  ASN A OD1 1 
ATOM   453  N ND2 . ASN A 1 74  ? 10.416  15.058  3.347   1.00 62.56 ? 74  ASN A ND2 1 
ATOM   454  N N   . ALA A 1 75  ? 9.348   10.556  6.494   1.00 59.31 ? 75  ALA A N   1 
ATOM   455  C CA  . ALA A 1 75  ? 8.877   9.327   7.088   1.00 57.32 ? 75  ALA A CA  1 
ATOM   456  C C   . ALA A 1 75  ? 7.408   9.331   6.722   1.00 56.15 ? 75  ALA A C   1 
ATOM   457  O O   . ALA A 1 75  ? 6.757   8.285   6.624   1.00 55.66 ? 75  ALA A O   1 
ATOM   458  C CB  . ALA A 1 75  ? 9.056   9.227   8.584   1.00 56.96 ? 75  ALA A CB  1 
ATOM   459  N N   . VAL A 1 76  ? 6.907   10.544  6.548   1.00 54.76 ? 76  VAL A N   1 
ATOM   460  C CA  . VAL A 1 76  ? 5.543   10.825  6.159   1.00 53.64 ? 76  VAL A CA  1 
ATOM   461  C C   . VAL A 1 76  ? 5.287   10.224  4.764   1.00 52.98 ? 76  VAL A C   1 
ATOM   462  O O   . VAL A 1 76  ? 4.189   9.740   4.457   1.00 52.03 ? 76  VAL A O   1 
ATOM   463  C CB  . VAL A 1 76  ? 5.343   12.364  6.151   1.00 53.40 ? 76  VAL A CB  1 
ATOM   464  C CG1 . VAL A 1 76  ? 4.022   12.750  5.523   1.00 54.50 ? 76  VAL A CG1 1 
ATOM   465  C CG2 . VAL A 1 76  ? 5.408   12.896  7.551   1.00 52.80 ? 76  VAL A CG2 1 
ATOM   466  N N   . GLU A 1 77  ? 6.336   10.241  3.946   1.00 52.40 ? 77  GLU A N   1 
ATOM   467  C CA  . GLU A 1 77  ? 6.252   9.823   2.567   1.00 51.74 ? 77  GLU A CA  1 
ATOM   468  C C   . GLU A 1 77  ? 6.483   8.336   2.424   1.00 50.79 ? 77  GLU A C   1 
ATOM   469  O O   . GLU A 1 77  ? 5.925   7.691   1.525   1.00 50.69 ? 77  GLU A O   1 
ATOM   470  C CB  . GLU A 1 77  ? 7.194   10.663  1.715   1.00 52.22 ? 77  GLU A CB  1 
ATOM   471  C CG  . GLU A 1 77  ? 6.504   11.990  1.304   1.00 54.56 ? 77  GLU A CG  1 
ATOM   472  C CD  . GLU A 1 77  ? 7.415   13.217  1.298   1.00 57.54 ? 77  GLU A CD  1 
ATOM   473  O OE1 . GLU A 1 77  ? 7.051   14.241  0.651   1.00 58.36 ? 77  GLU A OE1 1 
ATOM   474  O OE2 . GLU A 1 77  ? 8.480   13.162  1.950   1.00 57.75 ? 77  GLU A OE2 1 
ATOM   475  N N   . LEU A 1 78  ? 7.262   7.775   3.336   1.00 49.46 ? 78  LEU A N   1 
ATOM   476  C CA  . LEU A 1 78  ? 7.328   6.332   3.457   1.00 47.79 ? 78  LEU A CA  1 
ATOM   477  C C   . LEU A 1 78  ? 5.907   5.813   3.653   1.00 47.71 ? 78  LEU A C   1 
ATOM   478  O O   . LEU A 1 78  ? 5.454   4.963   2.871   1.00 48.46 ? 78  LEU A O   1 
ATOM   479  C CB  . LEU A 1 78  ? 8.260   5.897   4.595   1.00 46.99 ? 78  LEU A CB  1 
ATOM   480  C CG  . LEU A 1 78  ? 8.362   4.383   4.804   1.00 45.50 ? 78  LEU A CG  1 
ATOM   481  C CD1 . LEU A 1 78  ? 9.781   3.956   4.999   1.00 44.37 ? 78  LEU A CD1 1 
ATOM   482  C CD2 . LEU A 1 78  ? 7.478   3.870   5.943   1.00 42.84 ? 78  LEU A CD2 1 
ATOM   483  N N   . ILE A 1 79  ? 5.203   6.338   4.659   1.00 46.54 ? 79  ILE A N   1 
ATOM   484  C CA  . ILE A 1 79  ? 3.836   5.901   4.959   1.00 46.00 ? 79  ILE A CA  1 
ATOM   485  C C   . ILE A 1 79  ? 2.935   6.121   3.746   1.00 45.62 ? 79  ILE A C   1 
ATOM   486  O O   . ILE A 1 79  ? 2.172   5.238   3.346   1.00 45.42 ? 79  ILE A O   1 
ATOM   487  C CB  . ILE A 1 79  ? 3.218   6.674   6.172   1.00 46.25 ? 79  ILE A CB  1 
ATOM   488  C CG1 . ILE A 1 79  ? 4.018   6.471   7.467   1.00 47.29 ? 79  ILE A CG1 1 
ATOM   489  C CG2 . ILE A 1 79  ? 1.757   6.294   6.379   1.00 46.21 ? 79  ILE A CG2 1 
ATOM   490  C CD1 . ILE A 1 79  ? 4.056   4.993   8.000   1.00 52.19 ? 79  ILE A CD1 1 
ATOM   491  N N   . LEU A 1 80  ? 3.014   7.322   3.186   1.00 45.04 ? 80  LEU A N   1 
ATOM   492  C CA  . LEU A 1 80  ? 2.224   7.682   2.034   1.00 44.93 ? 80  LEU A CA  1 
ATOM   493  C C   . LEU A 1 80  ? 2.405   6.671   0.922   1.00 45.77 ? 80  LEU A C   1 
ATOM   494  O O   . LEU A 1 80  ? 1.435   6.267   0.289   1.00 46.45 ? 80  LEU A O   1 
ATOM   495  C CB  . LEU A 1 80  ? 2.596   9.078   1.547   1.00 44.61 ? 80  LEU A CB  1 
ATOM   496  C CG  . LEU A 1 80  ? 1.575   10.185  1.777   1.00 43.30 ? 80  LEU A CG  1 
ATOM   497  C CD1 . LEU A 1 80  ? 0.416   9.716   2.680   1.00 42.34 ? 80  LEU A CD1 1 
ATOM   498  C CD2 . LEU A 1 80  ? 2.255   11.444  2.309   1.00 39.94 ? 80  LEU A CD2 1 
ATOM   499  N N   . CYS A 1 81  ? 3.641   6.241   0.696   1.00 46.03 ? 81  CYS A N   1 
ATOM   500  C CA  . CYS A 1 81  ? 3.921   5.280   -0.367  1.00 45.93 ? 81  CYS A CA  1 
ATOM   501  C C   . CYS A 1 81  ? 3.450   3.868   -0.028  1.00 45.49 ? 81  CYS A C   1 
ATOM   502  O O   . CYS A 1 81  ? 3.025   3.109   -0.908  1.00 46.03 ? 81  CYS A O   1 
ATOM   503  C CB  . CYS A 1 81  ? 5.405   5.327   -0.730  1.00 46.20 ? 81  CYS A CB  1 
ATOM   504  S SG  . CYS A 1 81  ? 5.815   6.954   -1.465  1.00 47.38 ? 81  CYS A SG  1 
ATOM   505  N N   . PHE A 1 82  ? 3.501   3.524   1.250   1.00 44.75 ? 82  PHE A N   1 
ATOM   506  C CA  . PHE A 1 82  ? 3.042   2.212   1.704   1.00 43.93 ? 82  PHE A CA  1 
ATOM   507  C C   . PHE A 1 82  ? 1.552   2.086   1.483   1.00 43.62 ? 82  PHE A C   1 
ATOM   508  O O   . PHE A 1 82  ? 1.104   1.110   0.903   1.00 43.94 ? 82  PHE A O   1 
ATOM   509  C CB  . PHE A 1 82  ? 3.443   1.966   3.167   1.00 43.28 ? 82  PHE A CB  1 
ATOM   510  C CG  . PHE A 1 82  ? 2.555   1.013   3.889   1.00 43.02 ? 82  PHE A CG  1 
ATOM   511  C CD1 . PHE A 1 82  ? 1.472   1.469   4.622   1.00 41.97 ? 82  PHE A CD1 1 
ATOM   512  C CD2 . PHE A 1 82  ? 2.801   -0.351  3.854   1.00 43.75 ? 82  PHE A CD2 1 
ATOM   513  C CE1 . PHE A 1 82  ? 0.663   0.595   5.292   1.00 40.75 ? 82  PHE A CE1 1 
ATOM   514  C CE2 . PHE A 1 82  ? 1.974   -1.239  4.532   1.00 40.75 ? 82  PHE A CE2 1 
ATOM   515  C CZ  . PHE A 1 82  ? 0.910   -0.756  5.245   1.00 39.44 ? 82  PHE A CZ  1 
ATOM   516  N N   . ASN A 1 83  ? 0.805   3.099   1.915   1.00 44.00 ? 83  ASN A N   1 
ATOM   517  C CA  . ASN A 1 83  ? -0.641  3.212   1.683   1.00 44.28 ? 83  ASN A CA  1 
ATOM   518  C C   . ASN A 1 83  ? -1.001  3.010   0.216   1.00 44.70 ? 83  ASN A C   1 
ATOM   519  O O   . ASN A 1 83  ? -1.808  2.155   -0.119  1.00 45.03 ? 83  ASN A O   1 
ATOM   520  C CB  . ASN A 1 83  ? -1.148  4.583   2.138   1.00 44.00 ? 83  ASN A CB  1 
ATOM   521  C CG  . ASN A 1 83  ? -1.005  4.793   3.631   1.00 44.41 ? 83  ASN A CG  1 
ATOM   522  O OD1 . ASN A 1 83  ? -1.097  5.918   4.120   1.00 44.14 ? 83  ASN A OD1 1 
ATOM   523  N ND2 . ASN A 1 83  ? -0.788  3.711   4.367   1.00 44.51 ? 83  ASN A ND2 1 
ATOM   524  N N   . GLN A 1 84  ? -0.374  3.779   -0.660  1.00 45.05 ? 84  GLN A N   1 
ATOM   525  C CA  . GLN A 1 84  ? -0.639  3.687   -2.075  1.00 45.79 ? 84  GLN A CA  1 
ATOM   526  C C   . GLN A 1 84  ? -0.355  2.309   -2.625  1.00 46.54 ? 84  GLN A C   1 
ATOM   527  O O   . GLN A 1 84  ? -1.097  1.819   -3.467  1.00 47.26 ? 84  GLN A O   1 
ATOM   528  C CB  . GLN A 1 84  ? 0.154   4.732   -2.827  1.00 45.81 ? 84  GLN A CB  1 
ATOM   529  C CG  . GLN A 1 84  ? -0.561  6.058   -2.825  1.00 47.15 ? 84  GLN A CG  1 
ATOM   530  C CD  . GLN A 1 84  ? 0.368   7.213   -3.029  1.00 49.86 ? 84  GLN A CD  1 
ATOM   531  O OE1 . GLN A 1 84  ? 1.073   7.318   -4.055  1.00 49.72 ? 84  GLN A OE1 1 
ATOM   532  N NE2 . GLN A 1 84  ? 0.384   8.111   -2.048  1.00 50.89 ? 84  GLN A NE2 1 
ATOM   533  N N   . LEU A 1 85  ? 0.690   1.657   -2.139  1.00 46.86 ? 85  LEU A N   1 
ATOM   534  C CA  . LEU A 1 85  ? 1.048   0.380   -2.715  1.00 47.09 ? 85  LEU A CA  1 
ATOM   535  C C   . LEU A 1 85  ? 0.128   -0.702  -2.198  1.00 47.55 ? 85  LEU A C   1 
ATOM   536  O O   . LEU A 1 85  ? -0.214  -1.634  -2.949  1.00 47.27 ? 85  LEU A O   1 
ATOM   537  C CB  . LEU A 1 85  ? 2.477   0.025   -2.363  1.00 47.42 ? 85  LEU A CB  1 
ATOM   538  C CG  . LEU A 1 85  ? 2.987   -1.281  -2.953  1.00 47.06 ? 85  LEU A CG  1 
ATOM   539  C CD1 . LEU A 1 85  ? 2.779   -1.285  -4.458  1.00 46.13 ? 85  LEU A CD1 1 
ATOM   540  C CD2 . LEU A 1 85  ? 4.455   -1.378  -2.597  1.00 46.52 ? 85  LEU A CD2 1 
ATOM   541  N N   . ALA A 1 86  ? -0.238  -0.593  -0.911  1.00 47.22 ? 86  ALA A N   1 
ATOM   542  C CA  . ALA A 1 86  ? -1.101  -1.573  -0.273  1.00 46.84 ? 86  ALA A CA  1 
ATOM   543  C C   . ALA A 1 86  ? -2.451  -1.405  -0.920  1.00 47.12 ? 86  ALA A C   1 
ATOM   544  O O   . ALA A 1 86  ? -3.044  -2.365  -1.381  1.00 47.44 ? 86  ALA A O   1 
ATOM   545  C CB  . ALA A 1 86  ? -1.196  -1.326  1.178   1.00 46.27 ? 86  ALA A CB  1 
ATOM   546  N N   . TYR A 1 87  ? -2.913  -0.159  -0.982  1.00 47.12 ? 87  TYR A N   1 
ATOM   547  C CA  . TYR A 1 87  ? -4.174  0.147   -1.588  1.00 46.81 ? 87  TYR A CA  1 
ATOM   548  C C   . TYR A 1 87  ? -4.166  -0.523  -2.947  1.00 46.65 ? 87  TYR A C   1 
ATOM   549  O O   . TYR A 1 87  ? -5.001  -1.381  -3.208  1.00 46.55 ? 87  TYR A O   1 
ATOM   550  C CB  . TYR A 1 87  ? -4.368  1.664   -1.730  1.00 47.10 ? 87  TYR A CB  1 
ATOM   551  C CG  . TYR A 1 87  ? -5.196  2.348   -0.639  1.00 48.17 ? 87  TYR A CG  1 
ATOM   552  C CD1 . TYR A 1 87  ? -4.894  3.655   -0.239  1.00 49.22 ? 87  TYR A CD1 1 
ATOM   553  C CD2 . TYR A 1 87  ? -6.282  1.707   -0.026  1.00 48.04 ? 87  TYR A CD2 1 
ATOM   554  C CE1 . TYR A 1 87  ? -5.642  4.312   0.737   1.00 50.07 ? 87  TYR A CE1 1 
ATOM   555  C CE2 . TYR A 1 87  ? -7.042  2.348   0.955   1.00 50.00 ? 87  TYR A CE2 1 
ATOM   556  C CZ  . TYR A 1 87  ? -6.721  3.662   1.337   1.00 51.19 ? 87  TYR A CZ  1 
ATOM   557  O OH  . TYR A 1 87  ? -7.450  4.334   2.316   1.00 49.61 ? 87  TYR A OH  1 
ATOM   558  N N   . SER A 1 88  ? -3.204  -0.144  -3.790  1.00 46.02 ? 88  SER A N   1 
ATOM   559  C CA  . SER A 1 88  ? -3.033  -0.740  -5.108  1.00 45.82 ? 88  SER A CA  1 
ATOM   560  C C   . SER A 1 88  ? -2.915  -2.286  -5.160  1.00 45.73 ? 88  SER A C   1 
ATOM   561  O O   . SER A 1 88  ? -3.631  -2.937  -5.908  1.00 45.82 ? 88  SER A O   1 
ATOM   562  C CB  . SER A 1 88  ? -1.807  -0.152  -5.761  1.00 45.21 ? 88  SER A CB  1 
ATOM   563  O OG  . SER A 1 88  ? -1.970  1.226   -5.898  1.00 47.49 ? 88  SER A OG  1 
ATOM   564  N N   . ALA A 1 89  ? -1.999  -2.871  -4.395  1.00 45.40 ? 89  ALA A N   1 
ATOM   565  C CA  . ALA A 1 89  ? -1.834  -4.331  -4.420  1.00 45.07 ? 89  ALA A CA  1 
ATOM   566  C C   . ALA A 1 89  ? -3.114  -5.126  -4.109  1.00 44.32 ? 89  ALA A C   1 
ATOM   567  O O   . ALA A 1 89  ? -3.283  -6.213  -4.624  1.00 44.22 ? 89  ALA A O   1 
ATOM   568  C CB  . ALA A 1 89  ? -0.681  -4.782  -3.501  1.00 44.76 ? 89  ALA A CB  1 
ATOM   569  N N   . PHE A 1 90  ? -3.995  -4.602  -3.265  1.00 43.88 ? 90  PHE A N   1 
ATOM   570  C CA  . PHE A 1 90  ? -5.187  -5.365  -2.896  1.00 44.19 ? 90  PHE A CA  1 
ATOM   571  C C   . PHE A 1 90  ? -6.315  -5.240  -3.926  1.00 44.35 ? 90  PHE A C   1 
ATOM   572  O O   . PHE A 1 90  ? -7.193  -6.113  -3.989  1.00 43.50 ? 90  PHE A O   1 
ATOM   573  C CB  . PHE A 1 90  ? -5.685  -4.987  -1.513  1.00 43.33 ? 90  PHE A CB  1 
ATOM   574  C CG  . PHE A 1 90  ? -5.121  -5.835  -0.435  1.00 44.18 ? 90  PHE A CG  1 
ATOM   575  C CD1 . PHE A 1 90  ? -3.808  -5.619  0.031   1.00 44.13 ? 90  PHE A CD1 1 
ATOM   576  C CD2 . PHE A 1 90  ? -5.880  -6.862  0.122   1.00 43.65 ? 90  PHE A CD2 1 
ATOM   577  C CE1 . PHE A 1 90  ? -3.268  -6.390  1.032   1.00 41.76 ? 90  PHE A CE1 1 
ATOM   578  C CE2 . PHE A 1 90  ? -5.348  -7.654  1.137   1.00 44.07 ? 90  PHE A CE2 1 
ATOM   579  C CZ  . PHE A 1 90  ? -4.034  -7.401  1.610   1.00 43.21 ? 90  PHE A CZ  1 
ATOM   580  N N   . ALA A 1 91  ? -6.282  -4.162  -4.709  1.00 44.27 ? 91  ALA A N   1 
ATOM   581  C CA  . ALA A 1 91  ? -7.263  -3.952  -5.755  1.00 45.84 ? 91  ALA A CA  1 
ATOM   582  C C   . ALA A 1 91  ? -7.431  -5.201  -6.686  1.00 47.07 ? 91  ALA A C   1 
ATOM   583  O O   . ALA A 1 91  ? -8.507  -5.850  -6.641  1.00 47.56 ? 91  ALA A O   1 
ATOM   584  C CB  . ALA A 1 91  ? -6.967  -2.682  -6.554  1.00 44.86 ? 91  ALA A CB  1 
ATOM   585  N N   . PRO A 1 92  ? -6.382  -5.567  -7.481  1.00 47.32 ? 92  PRO A N   1 
ATOM   586  C CA  . PRO A 1 92  ? -6.593  -6.691  -8.404  1.00 47.66 ? 92  PRO A CA  1 
ATOM   587  C C   . PRO A 1 92  ? -6.871  -8.001  -7.692  1.00 47.90 ? 92  PRO A C   1 
ATOM   588  O O   . PRO A 1 92  ? -7.677  -8.788  -8.177  1.00 48.18 ? 92  PRO A O   1 
ATOM   589  C CB  . PRO A 1 92  ? -5.308  -6.770  -9.215  1.00 47.66 ? 92  PRO A CB  1 
ATOM   590  C CG  . PRO A 1 92  ? -4.318  -5.855  -8.540  1.00 47.74 ? 92  PRO A CG  1 
ATOM   591  C CD  . PRO A 1 92  ? -5.013  -5.023  -7.546  1.00 47.47 ? 92  PRO A CD  1 
ATOM   592  N N   . ALA A 1 93  ? -6.265  -8.214  -6.534  1.00 48.19 ? 93  ALA A N   1 
ATOM   593  C CA  . ALA A 1 93  ? -6.605  -9.386  -5.739  1.00 49.38 ? 93  ALA A CA  1 
ATOM   594  C C   . ALA A 1 93  ? -8.107  -9.480  -5.481  1.00 50.63 ? 93  ALA A C   1 
ATOM   595  O O   . ALA A 1 93  ? -8.714  -10.552 -5.657  1.00 51.21 ? 93  ALA A O   1 
ATOM   596  C CB  . ALA A 1 93  ? -5.846  -9.402  -4.430  1.00 48.73 ? 93  ALA A CB  1 
ATOM   597  N N   . VAL A 1 94  ? -8.705  -8.370  -5.053  1.00 51.79 ? 94  VAL A N   1 
ATOM   598  C CA  . VAL A 1 94  ? -10.112 -8.375  -4.687  1.00 52.71 ? 94  VAL A CA  1 
ATOM   599  C C   . VAL A 1 94  ? -10.933 -8.590  -5.953  1.00 53.60 ? 94  VAL A C   1 
ATOM   600  O O   . VAL A 1 94  ? -11.892 -9.374  -5.948  1.00 53.64 ? 94  VAL A O   1 
ATOM   601  C CB  . VAL A 1 94  ? -10.528 -7.077  -3.945  1.00 52.65 ? 94  VAL A CB  1 
ATOM   602  C CG1 . VAL A 1 94  ? -12.050 -6.998  -3.756  1.00 52.36 ? 94  VAL A CG1 1 
ATOM   603  C CG2 . VAL A 1 94  ? -9.833  -6.997  -2.590  1.00 52.75 ? 94  VAL A CG2 1 
ATOM   604  N N   . LEU A 1 95  ? -10.517 -7.931  -7.032  1.00 54.27 ? 95  LEU A N   1 
ATOM   605  C CA  . LEU A 1 95  ? -11.222 -7.994  -8.303  1.00 55.59 ? 95  LEU A CA  1 
ATOM   606  C C   . LEU A 1 95  ? -11.259 -9.419  -8.890  1.00 56.52 ? 95  LEU A C   1 
ATOM   607  O O   . LEU A 1 95  ? -12.306 -9.922  -9.295  1.00 56.74 ? 95  LEU A O   1 
ATOM   608  C CB  . LEU A 1 95  ? -10.614 -7.015  -9.310  1.00 54.95 ? 95  LEU A CB  1 
ATOM   609  C CG  . LEU A 1 95  ? -11.263 -7.166  -10.685 1.00 54.91 ? 95  LEU A CG  1 
ATOM   610  C CD1 . LEU A 1 95  ? -12.600 -6.425  -10.711 1.00 55.07 ? 95  LEU A CD1 1 
ATOM   611  C CD2 . LEU A 1 95  ? -10.345 -6.696  -11.788 1.00 53.15 ? 95  LEU A CD2 1 
ATOM   612  N N   . ASN A 1 96  ? -10.106 -10.063 -8.936  1.00 57.65 ? 96  ASN A N   1 
ATOM   613  C CA  . ASN A 1 96  ? -10.025 -11.414 -9.452  1.00 58.53 ? 96  ASN A CA  1 
ATOM   614  C C   . ASN A 1 96  ? -10.365 -12.362 -8.335  1.00 59.40 ? 96  ASN A C   1 
ATOM   615  O O   . ASN A 1 96  ? -10.110 -13.551 -8.432  1.00 59.71 ? 96  ASN A O   1 
ATOM   616  C CB  . ASN A 1 96  ? -8.627  -11.671 -10.006 1.00 58.35 ? 96  ASN A CB  1 
ATOM   617  C CG  . ASN A 1 96  ? -8.225  -10.636 -11.040 1.00 58.76 ? 96  ASN A CG  1 
ATOM   618  O OD1 . ASN A 1 96  ? -8.987  -10.343 -11.964 1.00 62.22 ? 96  ASN A OD1 1 
ATOM   619  N ND2 . ASN A 1 96  ? -7.053  -10.053 -10.875 1.00 57.50 ? 96  ASN A ND2 1 
ATOM   620  N N   . GLU A 1 97  ? -10.944 -11.803 -7.271  1.00 60.46 ? 97  GLU A N   1 
ATOM   621  C CA  . GLU A 1 97  ? -11.441 -12.547 -6.116  1.00 61.66 ? 97  GLU A CA  1 
ATOM   622  C C   . GLU A 1 97  ? -10.454 -13.576 -5.562  1.00 61.81 ? 97  GLU A C   1 
ATOM   623  O O   . GLU A 1 97  ? -10.856 -14.681 -5.171  1.00 62.05 ? 97  GLU A O   1 
ATOM   624  C CB  . GLU A 1 97  ? -12.765 -13.229 -6.458  1.00 61.99 ? 97  GLU A CB  1 
ATOM   625  C CG  . GLU A 1 97  ? -13.789 -12.363 -7.188  1.00 65.12 ? 97  GLU A CG  1 
ATOM   626  C CD  . GLU A 1 97  ? -15.030 -13.170 -7.559  1.00 70.12 ? 97  GLU A CD  1 
ATOM   627  O OE1 . GLU A 1 97  ? -16.115 -12.916 -6.981  1.00 71.75 ? 97  GLU A OE1 1 
ATOM   628  O OE2 . GLU A 1 97  ? -14.912 -14.085 -8.410  1.00 71.76 ? 97  GLU A OE2 1 
ATOM   629  N N   . GLU A 1 98  ? -9.171  -13.220 -5.513  1.00 62.19 ? 98  GLU A N   1 
ATOM   630  C CA  . GLU A 1 98  ? -8.128  -14.179 -5.100  1.00 62.48 ? 98  GLU A CA  1 
ATOM   631  C C   . GLU A 1 98  ? -7.944  -14.285 -3.590  1.00 62.57 ? 98  GLU A C   1 
ATOM   632  O O   . GLU A 1 98  ? -7.457  -15.310 -3.122  1.00 62.61 ? 98  GLU A O   1 
ATOM   633  C CB  . GLU A 1 98  ? -6.780  -13.855 -5.745  1.00 62.41 ? 98  GLU A CB  1 
ATOM   634  C CG  . GLU A 1 98  ? -6.733  -14.013 -7.245  1.00 63.22 ? 98  GLU A CG  1 
ATOM   635  C CD  . GLU A 1 98  ? -5.584  -13.252 -7.840  1.00 63.97 ? 98  GLU A CD  1 
ATOM   636  O OE1 . GLU A 1 98  ? -4.429  -13.681 -7.622  1.00 65.80 ? 98  GLU A OE1 1 
ATOM   637  O OE2 . GLU A 1 98  ? -5.833  -12.216 -8.498  1.00 61.83 ? 98  GLU A OE2 1 
ATOM   638  N N   . ILE A 1 99  ? -8.287  -13.222 -2.850  1.00 63.04 ? 99  ILE A N   1 
ATOM   639  C CA  . ILE A 1 99  ? -8.239  -13.227 -1.367  1.00 63.47 ? 99  ILE A CA  1 
ATOM   640  C C   . ILE A 1 99  ? -9.531  -13.841 -0.817  1.00 64.02 ? 99  ILE A C   1 
ATOM   641  O O   . ILE A 1 99  ? -10.621 -13.311 -1.087  1.00 63.80 ? 99  ILE A O   1 
ATOM   642  C CB  . ILE A 1 99  ? -8.049  -11.797 -0.765  1.00 63.27 ? 99  ILE A CB  1 
ATOM   643  C CG1 . ILE A 1 99  ? -6.807  -11.099 -1.348  1.00 62.98 ? 99  ILE A CG1 1 
ATOM   644  C CG2 . ILE A 1 99  ? -7.986  -11.849 0.758   1.00 62.47 ? 99  ILE A CG2 1 
ATOM   645  C CD1 . ILE A 1 99  ? -5.489  -11.832 -1.113  1.00 60.53 ? 99  ILE A CD1 1 
ATOM   646  N N   . ARG A 1 100 ? -9.403  -14.942 -0.066  1.00 64.49 ? 100 ARG A N   1 
ATOM   647  C CA  . ARG A 1 100 ? -10.560 -15.754 0.321   1.00 65.66 ? 100 ARG A CA  1 
ATOM   648  C C   . ARG A 1 100 ? -11.446 -14.967 1.256   1.00 65.95 ? 100 ARG A C   1 
ATOM   649  O O   . ARG A 1 100 ? -12.638 -14.794 0.996   1.00 66.35 ? 100 ARG A O   1 
ATOM   650  C CB  . ARG A 1 100 ? -10.141 -17.079 0.986   1.00 65.90 ? 100 ARG A CB  1 
ATOM   651  C CG  . ARG A 1 100 ? -11.309 -18.080 1.193   1.00 67.88 ? 100 ARG A CG  1 
ATOM   652  C CD  . ARG A 1 100 ? -11.011 -19.182 2.221   1.00 70.63 ? 100 ARG A CD  1 
ATOM   653  N NE  . ARG A 1 100 ? -10.323 -18.629 3.388   1.00 73.42 ? 100 ARG A NE  1 
ATOM   654  C CZ  . ARG A 1 100 ? -9.127  -19.023 3.842   1.00 75.23 ? 100 ARG A CZ  1 
ATOM   655  N NH1 . ARG A 1 100 ? -8.599  -18.408 4.902   1.00 75.32 ? 100 ARG A NH1 1 
ATOM   656  N NH2 . ARG A 1 100 ? -8.458  -20.029 3.261   1.00 74.64 ? 100 ARG A NH2 1 
ATOM   657  N N   . VAL A 1 101 ? -10.843 -14.472 2.333   1.00 66.36 ? 101 VAL A N   1 
ATOM   658  C CA  . VAL A 1 101 ? -11.550 -13.731 3.387   1.00 66.30 ? 101 VAL A CA  1 
ATOM   659  C C   . VAL A 1 101 ? -12.263 -12.479 2.854   1.00 65.91 ? 101 VAL A C   1 
ATOM   660  O O   . VAL A 1 101 ? -13.186 -11.962 3.503   1.00 65.80 ? 101 VAL A O   1 
ATOM   661  C CB  . VAL A 1 101 ? -10.603 -13.418 4.594   1.00 66.41 ? 101 VAL A CB  1 
ATOM   662  C CG1 . VAL A 1 101 ? -9.182  -13.968 4.342   1.00 67.03 ? 101 VAL A CG1 1 
ATOM   663  C CG2 . VAL A 1 101 ? -10.554 -11.931 4.879   1.00 66.39 ? 101 VAL A CG2 1 
ATOM   664  N N   . LEU A 1 102 ? -11.853 -12.036 1.662   1.00 65.51 ? 102 LEU A N   1 
ATOM   665  C CA  . LEU A 1 102 ? -12.419 -10.845 1.013   1.00 65.59 ? 102 LEU A CA  1 
ATOM   666  C C   . LEU A 1 102 ? -13.389 -11.109 -0.138  1.00 65.73 ? 102 LEU A C   1 
ATOM   667  O O   . LEU A 1 102 ? -13.963 -10.166 -0.685  1.00 65.80 ? 102 LEU A O   1 
ATOM   668  C CB  . LEU A 1 102 ? -11.304 -9.896  0.537   1.00 65.22 ? 102 LEU A CB  1 
ATOM   669  C CG  . LEU A 1 102 ? -10.546 -9.116  1.612   1.00 64.57 ? 102 LEU A CG  1 
ATOM   670  C CD1 . LEU A 1 102 ? -9.528  -8.150  0.982   1.00 62.29 ? 102 LEU A CD1 1 
ATOM   671  C CD2 . LEU A 1 102 ? -11.518 -8.388  2.550   1.00 63.92 ? 102 LEU A CD2 1 
ATOM   672  N N   . ARG A 1 103 ? -13.566 -12.373 -0.516  1.00 66.30 ? 103 ARG A N   1 
ATOM   673  C CA  . ARG A 1 103 ? -14.591 -12.733 -1.502  1.00 66.99 ? 103 ARG A CA  1 
ATOM   674  C C   . ARG A 1 103 ? -15.970 -12.319 -0.942  1.00 67.48 ? 103 ARG A C   1 
ATOM   675  O O   . ARG A 1 103 ? -16.331 -12.659 0.204   1.00 67.80 ? 103 ARG A O   1 
ATOM   676  C CB  . ARG A 1 103 ? -14.545 -14.233 -1.829  1.00 67.05 ? 103 ARG A CB  1 
ATOM   677  C CG  . ARG A 1 103 ? -13.325 -14.681 -2.660  1.00 67.30 ? 103 ARG A CG  1 
ATOM   678  C CD  . ARG A 1 103 ? -13.212 -16.198 -2.694  0.70 66.89 ? 103 ARG A CD  1 
ATOM   679  N NE  . ARG A 1 103 ? -11.876 -16.655 -3.077  0.70 67.37 ? 103 ARG A NE  1 
ATOM   680  C CZ  . ARG A 1 103 ? -11.370 -17.857 -2.784  0.70 67.09 ? 103 ARG A CZ  1 
ATOM   681  N NH1 . ARG A 1 103 ? -10.141 -18.176 -3.185  0.70 65.54 ? 103 ARG A NH1 1 
ATOM   682  N NH2 . ARG A 1 103 ? -12.084 -18.741 -2.094  0.70 65.32 ? 103 ARG A NH2 1 
ATOM   683  N N   . GLY A 1 104 ? -16.721 -11.558 -1.728  1.00 67.28 ? 104 GLY A N   1 
ATOM   684  C CA  . GLY A 1 104 ? -17.949 -10.955 -1.218  1.00 67.59 ? 104 GLY A CA  1 
ATOM   685  C C   . GLY A 1 104 ? -17.833 -9.452  -1.359  1.00 67.71 ? 104 GLY A C   1 
ATOM   686  O O   . GLY A 1 104 ? -18.836 -8.723  -1.404  1.00 67.66 ? 104 GLY A O   1 
ATOM   687  N N   . TRP A 1 105 ? -16.591 -8.988  -1.425  1.00 67.36 ? 105 TRP A N   1 
ATOM   688  C CA  . TRP A 1 105 ? -16.338 -7.644  -1.892  1.00 67.11 ? 105 TRP A CA  1 
ATOM   689  C C   . TRP A 1 105 ? -16.201 -7.704  -3.406  1.00 66.88 ? 105 TRP A C   1 
ATOM   690  O O   . TRP A 1 105 ? -15.476 -8.534  -3.951  1.00 67.51 ? 105 TRP A O   1 
ATOM   691  C CB  . TRP A 1 105 ? -15.073 -7.054  -1.229  1.00 67.32 ? 105 TRP A CB  1 
ATOM   692  C CG  . TRP A 1 105 ? -15.323 -6.289  0.084   1.00 66.04 ? 105 TRP A CG  1 
ATOM   693  C CD1 . TRP A 1 105 ? -16.472 -6.275  0.824   1.00 65.37 ? 105 TRP A CD1 1 
ATOM   694  C CD2 . TRP A 1 105 ? -14.393 -5.451  0.783   1.00 64.74 ? 105 TRP A CD2 1 
ATOM   695  N NE1 . TRP A 1 105 ? -16.318 -5.475  1.927   1.00 65.04 ? 105 TRP A NE1 1 
ATOM   696  C CE2 . TRP A 1 105 ? -15.050 -4.962  1.931   1.00 63.45 ? 105 TRP A CE2 1 
ATOM   697  C CE3 . TRP A 1 105 ? -13.066 -5.065  0.553   1.00 66.22 ? 105 TRP A CE3 1 
ATOM   698  C CZ2 . TRP A 1 105 ? -14.427 -4.115  2.855   1.00 63.11 ? 105 TRP A CZ2 1 
ATOM   699  C CZ3 . TRP A 1 105 ? -12.443 -4.204  1.488   1.00 65.43 ? 105 TRP A CZ3 1 
ATOM   700  C CH2 . TRP A 1 105 ? -13.132 -3.743  2.617   1.00 62.63 ? 105 TRP A CH2 1 
ATOM   701  N N   . SER A 1 106 ? -16.929 -6.855  -4.101  1.00 66.16 ? 106 SER A N   1 
ATOM   702  C CA  . SER A 1 106 ? -16.529 -6.505  -5.449  1.00 65.46 ? 106 SER A CA  1 
ATOM   703  C C   . SER A 1 106 ? -15.381 -5.498  -5.286  1.00 64.49 ? 106 SER A C   1 
ATOM   704  O O   . SER A 1 106 ? -15.066 -5.092  -4.162  1.00 64.77 ? 106 SER A O   1 
ATOM   705  C CB  . SER A 1 106 ? -17.709 -5.867  -6.186  1.00 65.84 ? 106 SER A CB  1 
ATOM   706  O OG  . SER A 1 106 ? -18.318 -4.847  -5.391  1.00 67.23 ? 106 SER A OG  1 
ATOM   707  N N   . ILE A 1 107 ? -14.753 -5.096  -6.384  1.00 62.94 ? 107 ILE A N   1 
ATOM   708  C CA  . ILE A 1 107 ? -13.878 -3.929  -6.358  1.00 61.87 ? 107 ILE A CA  1 
ATOM   709  C C   . ILE A 1 107 ? -14.642 -2.631  -6.005  1.00 61.08 ? 107 ILE A C   1 
ATOM   710  O O   . ILE A 1 107 ? -14.055 -1.613  -5.613  1.00 60.82 ? 107 ILE A O   1 
ATOM   711  C CB  . ILE A 1 107 ? -13.141 -3.769  -7.710  1.00 61.98 ? 107 ILE A CB  1 
ATOM   712  C CG1 . ILE A 1 107 ? -12.207 -2.556  -7.680  1.00 61.81 ? 107 ILE A CG1 1 
ATOM   713  C CG2 . ILE A 1 107 ? -14.131 -3.720  -8.893  1.00 62.05 ? 107 ILE A CG2 1 
ATOM   714  C CD1 . ILE A 1 107 ? -10.966 -2.792  -6.863  1.00 62.01 ? 107 ILE A CD1 1 
ATOM   715  N N   . ASP A 1 108 ? -15.957 -2.684  -6.166  1.00 60.30 ? 108 ASP A N   1 
ATOM   716  C CA  . ASP A 1 108 ? -16.832 -1.551  -5.913  1.00 59.84 ? 108 ASP A CA  1 
ATOM   717  C C   . ASP A 1 108 ? -16.889 -1.312  -4.417  1.00 58.68 ? 108 ASP A C   1 
ATOM   718  O O   . ASP A 1 108 ? -16.750 -0.171  -3.955  1.00 58.29 ? 108 ASP A O   1 
ATOM   719  C CB  . ASP A 1 108 ? -18.226 -1.828  -6.494  1.00 60.47 ? 108 ASP A CB  1 
ATOM   720  C CG  . ASP A 1 108 ? -18.287 -1.638  -8.008  1.00 62.16 ? 108 ASP A CG  1 
ATOM   721  O OD1 . ASP A 1 108 ? -18.577 -2.618  -8.732  1.00 65.57 ? 108 ASP A OD1 1 
ATOM   722  O OD2 . ASP A 1 108 ? -18.057 -0.501  -8.480  1.00 63.26 ? 108 ASP A OD2 1 
ATOM   723  N N   . ASP A 1 109 ? -17.071 -2.411  -3.678  1.00 57.78 ? 109 ASP A N   1 
ATOM   724  C CA  . ASP A 1 109 ? -16.968 -2.456  -2.214  1.00 57.08 ? 109 ASP A CA  1 
ATOM   725  C C   . ASP A 1 109 ? -15.654 -1.898  -1.705  1.00 56.18 ? 109 ASP A C   1 
ATOM   726  O O   . ASP A 1 109 ? -15.632 -0.991  -0.874  1.00 56.67 ? 109 ASP A O   1 
ATOM   727  C CB  . ASP A 1 109 ? -17.068 -3.894  -1.740  1.00 57.53 ? 109 ASP A CB  1 
ATOM   728  C CG  . ASP A 1 109 ? -18.400 -4.525  -2.060  1.00 59.18 ? 109 ASP A CG  1 
ATOM   729  O OD1 . ASP A 1 109 ? -19.442 -3.985  -1.622  1.00 59.16 ? 109 ASP A OD1 1 
ATOM   730  O OD2 . ASP A 1 109 ? -18.405 -5.578  -2.732  1.00 61.65 ? 109 ASP A OD2 1 
ATOM   731  N N   . TYR A 1 110 ? -14.563 -2.443  -2.223  1.00 54.96 ? 110 TYR A N   1 
ATOM   732  C CA  . TYR A 1 110 ? -13.233 -2.005  -1.885  1.00 54.24 ? 110 TYR A CA  1 
ATOM   733  C C   . TYR A 1 110 ? -13.067 -0.495  -1.990  1.00 54.46 ? 110 TYR A C   1 
ATOM   734  O O   . TYR A 1 110 ? -12.647 0.134   -1.027  1.00 53.88 ? 110 TYR A O   1 
ATOM   735  C CB  . TYR A 1 110 ? -12.221 -2.733  -2.767  1.00 53.99 ? 110 TYR A CB  1 
ATOM   736  C CG  . TYR A 1 110 ? -10.772 -2.492  -2.394  1.00 52.41 ? 110 TYR A CG  1 
ATOM   737  C CD1 . TYR A 1 110 ? -10.178 -3.182  -1.348  1.00 53.18 ? 110 TYR A CD1 1 
ATOM   738  C CD2 . TYR A 1 110 ? -9.989  -1.588  -3.102  1.00 50.88 ? 110 TYR A CD2 1 
ATOM   739  C CE1 . TYR A 1 110 ? -8.833  -2.969  -1.009  1.00 51.91 ? 110 TYR A CE1 1 
ATOM   740  C CE2 . TYR A 1 110 ? -8.659  -1.371  -2.774  1.00 50.37 ? 110 TYR A CE2 1 
ATOM   741  C CZ  . TYR A 1 110 ? -8.094  -2.068  -1.730  1.00 50.76 ? 110 TYR A CZ  1 
ATOM   742  O OH  . TYR A 1 110 ? -6.786  -1.863  -1.408  1.00 51.43 ? 110 TYR A OH  1 
ATOM   743  N N   . CYS A 1 111 ? -13.405 0.097   -3.133  1.00 55.33 ? 111 CYS A N   1 
ATOM   744  C CA  . CYS A 1 111 ? -13.173 1.545   -3.306  1.00 56.92 ? 111 CYS A CA  1 
ATOM   745  C C   . CYS A 1 111 ? -14.096 2.430   -2.466  1.00 57.46 ? 111 CYS A C   1 
ATOM   746  O O   . CYS A 1 111 ? -13.770 3.584   -2.200  1.00 57.90 ? 111 CYS A O   1 
ATOM   747  C CB  . CYS A 1 111 ? -13.225 1.977   -4.776  1.00 56.95 ? 111 CYS A CB  1 
ATOM   748  S SG  . CYS A 1 111 ? -12.209 0.985   -5.914  1.00 59.42 ? 111 CYS A SG  1 
ATOM   749  N N   . GLN A 1 112 ? -15.247 1.906   -2.051  1.00 58.12 ? 112 GLN A N   1 
ATOM   750  C CA  . GLN A 1 112 ? -16.084 2.634   -1.090  1.00 58.81 ? 112 GLN A CA  1 
ATOM   751  C C   . GLN A 1 112 ? -15.506 2.616   0.368   1.00 58.93 ? 112 GLN A C   1 
ATOM   752  O O   . GLN A 1 112 ? -15.757 3.539   1.143   1.00 58.87 ? 112 GLN A O   1 
ATOM   753  C CB  . GLN A 1 112 ? -17.563 2.134   -1.142  1.00 58.98 ? 112 GLN A CB  1 
ATOM   754  N N   . HIS A 1 113 ? -14.724 1.583   0.708   1.00 58.92 ? 113 HIS A N   1 
ATOM   755  C CA  . HIS A 1 113 ? -14.161 1.384   2.062   1.00 58.94 ? 113 HIS A CA  1 
ATOM   756  C C   . HIS A 1 113 ? -12.715 1.815   2.224   1.00 58.09 ? 113 HIS A C   1 
ATOM   757  O O   . HIS A 1 113 ? -12.112 1.590   3.260   1.00 57.35 ? 113 HIS A O   1 
ATOM   758  C CB  . HIS A 1 113 ? -14.292 -0.089  2.464   1.00 59.54 ? 113 HIS A CB  1 
ATOM   759  C CG  . HIS A 1 113 ? -15.710 -0.537  2.582   1.00 62.59 ? 113 HIS A CG  1 
ATOM   760  N ND1 . HIS A 1 113 ? -16.506 -0.207  3.661   1.00 66.58 ? 113 HIS A ND1 1 
ATOM   761  C CD2 . HIS A 1 113 ? -16.500 -1.229  1.728   1.00 63.60 ? 113 HIS A CD2 1 
ATOM   762  C CE1 . HIS A 1 113 ? -17.719 -0.697  3.475   1.00 66.13 ? 113 HIS A CE1 1 
ATOM   763  N NE2 . HIS A 1 113 ? -17.739 -1.326  2.312   1.00 65.24 ? 113 HIS A NE2 1 
ATOM   764  N N   . GLN A 1 114 ? -12.161 2.444   1.199   1.00 58.09 ? 114 GLN A N   1 
ATOM   765  C CA  . GLN A 1 114 ? -10.766 2.854   1.239   1.00 58.12 ? 114 GLN A CA  1 
ATOM   766  C C   . GLN A 1 114 ? -10.480 3.833   2.365   1.00 58.11 ? 114 GLN A C   1 
ATOM   767  O O   . GLN A 1 114 ? -9.813  3.486   3.340   1.00 58.25 ? 114 GLN A O   1 
ATOM   768  C CB  . GLN A 1 114 ? -10.327 3.425   -0.104  1.00 57.84 ? 114 GLN A CB  1 
ATOM   769  C CG  . GLN A 1 114 ? -10.054 2.364   -1.133  1.00 57.79 ? 114 GLN A CG  1 
ATOM   770  C CD  . GLN A 1 114 ? -9.238  2.895   -2.276  1.00 58.27 ? 114 GLN A CD  1 
ATOM   771  O OE1 . GLN A 1 114 ? -8.078  3.278   -2.114  1.00 59.02 ? 114 GLN A OE1 1 
ATOM   772  N NE2 . GLN A 1 114 ? -9.837  2.925   -3.447  1.00 59.08 ? 114 GLN A NE2 1 
ATOM   773  N N   . LEU A 1 115 ? -11.024 5.034   2.241   1.00 58.19 ? 115 LEU A N   1 
ATOM   774  C CA  . LEU A 1 115 ? -10.694 6.132   3.145   1.00 58.67 ? 115 LEU A CA  1 
ATOM   775  C C   . LEU A 1 115 ? -11.065 5.872   4.613   1.00 58.79 ? 115 LEU A C   1 
ATOM   776  O O   . LEU A 1 115 ? -10.206 5.882   5.493   1.00 58.05 ? 115 LEU A O   1 
ATOM   777  C CB  . LEU A 1 115 ? -11.332 7.442   2.633   1.00 58.61 ? 115 LEU A CB  1 
ATOM   778  C CG  . LEU A 1 115 ? -11.031 7.830   1.173   1.00 58.40 ? 115 LEU A CG  1 
ATOM   779  C CD1 . LEU A 1 115 ? -11.527 9.247   0.834   1.00 58.68 ? 115 LEU A CD1 1 
ATOM   780  C CD2 . LEU A 1 115 ? -9.543  7.700   0.841   1.00 56.23 ? 115 LEU A CD2 1 
ATOM   781  N N   . SER A 1 116 ? -12.353 5.605   4.836   1.00 59.60 ? 116 SER A N   1 
ATOM   782  C CA  . SER A 1 116 ? -12.955 5.455   6.178   1.00 59.81 ? 116 SER A CA  1 
ATOM   783  C C   . SER A 1 116 ? -12.683 4.127   6.905   1.00 59.24 ? 116 SER A C   1 
ATOM   784  O O   . SER A 1 116 ? -12.603 4.097   8.139   1.00 59.40 ? 116 SER A O   1 
ATOM   785  C CB  . SER A 1 116 ? -14.476 5.683   6.087   1.00 59.97 ? 116 SER A CB  1 
ATOM   786  O OG  . SER A 1 116 ? -15.081 4.772   5.172   1.00 60.39 ? 116 SER A OG  1 
ATOM   787  N N   . SER A 1 117 ? -12.545 3.048   6.135   1.00 58.60 ? 117 SER A N   1 
ATOM   788  C CA  . SER A 1 117 ? -12.556 1.692   6.679   1.00 58.21 ? 117 SER A CA  1 
ATOM   789  C C   . SER A 1 117 ? -11.222 0.950   6.742   1.00 57.53 ? 117 SER A C   1 
ATOM   790  O O   . SER A 1 117 ? -11.216 -0.224  7.102   1.00 57.63 ? 117 SER A O   1 
ATOM   791  C CB  . SER A 1 117 ? -13.549 0.821   5.902   1.00 58.35 ? 117 SER A CB  1 
ATOM   792  O OG  . SER A 1 117 ? -14.887 1.156   6.218   1.00 59.37 ? 117 SER A OG  1 
ATOM   793  N N   . MET A 1 118 ? -10.110 1.598   6.382   1.00 56.58 ? 118 MET A N   1 
ATOM   794  C CA  . MET A 1 118 ? -8.799  0.919   6.368   1.00 55.25 ? 118 MET A CA  1 
ATOM   795  C C   . MET A 1 118 ? -7.761  1.735   7.131   1.00 54.46 ? 118 MET A C   1 
ATOM   796  O O   . MET A 1 118 ? -7.466  2.878   6.771   1.00 54.13 ? 118 MET A O   1 
ATOM   797  C CB  . MET A 1 118 ? -8.368  0.591   4.934   1.00 55.27 ? 118 MET A CB  1 
ATOM   798  C CG  . MET A 1 118 ? -9.461  -0.182  4.154   1.00 54.96 ? 118 MET A CG  1 
ATOM   799  S SD  . MET A 1 118 ? -9.099  -0.633  2.428   1.00 54.35 ? 118 MET A SD  1 
ATOM   800  C CE  . MET A 1 118 ? -10.717 -1.090  1.798   1.00 54.39 ? 118 MET A CE  1 
ATOM   801  N N   . LEU A 1 119 ? -7.227  1.130   8.195   1.00 53.45 ? 119 LEU A N   1 
ATOM   802  C CA  . LEU A 1 119 ? -6.485  1.847   9.238   1.00 52.90 ? 119 LEU A CA  1 
ATOM   803  C C   . LEU A 1 119 ? -5.157  1.209   9.581   1.00 52.24 ? 119 LEU A C   1 
ATOM   804  O O   . LEU A 1 119 ? -5.021  -0.005  9.479   1.00 52.39 ? 119 LEU A O   1 
ATOM   805  C CB  . LEU A 1 119 ? -7.309  1.872   10.534  1.00 53.38 ? 119 LEU A CB  1 
ATOM   806  C CG  . LEU A 1 119 ? -8.718  2.480   10.477  1.00 54.03 ? 119 LEU A CG  1 
ATOM   807  C CD1 . LEU A 1 119 ? -9.444  2.379   11.829  1.00 56.22 ? 119 LEU A CD1 1 
ATOM   808  C CD2 . LEU A 1 119 ? -8.653  3.926   9.988   1.00 53.27 ? 119 LEU A CD2 1 
ATOM   809  N N   . ILE A 1 120 ? -4.196  2.026   10.021  1.00 51.39 ? 120 ILE A N   1 
ATOM   810  C CA  . ILE A 1 120 ? -2.919  1.538   10.539  1.00 50.31 ? 120 ILE A CA  1 
ATOM   811  C C   . ILE A 1 120 ? -3.058  1.389   12.050  1.00 50.56 ? 120 ILE A C   1 
ATOM   812  O O   . ILE A 1 120 ? -3.337  2.371   12.729  1.00 50.41 ? 120 ILE A O   1 
ATOM   813  C CB  . ILE A 1 120 ? -1.756  2.517   10.198  1.00 50.15 ? 120 ILE A CB  1 
ATOM   814  C CG1 . ILE A 1 120 ? -1.365  2.392   8.719   1.00 49.48 ? 120 ILE A CG1 1 
ATOM   815  C CG2 . ILE A 1 120 ? -0.506  2.261   11.089  1.00 48.69 ? 120 ILE A CG2 1 
ATOM   816  C CD1 . ILE A 1 120 ? -1.135  3.721   8.010   1.00 46.93 ? 120 ILE A CD1 1 
ATOM   817  N N   . ARG A 1 121 ? -2.907  0.173   12.559  1.00 50.58 ? 121 ARG A N   1 
ATOM   818  C CA  . ARG A 1 121 ? -3.014  -0.066  13.993  1.00 51.35 ? 121 ARG A CA  1 
ATOM   819  C C   . ARG A 1 121 ? -1.683  0.278   14.638  1.00 51.28 ? 121 ARG A C   1 
ATOM   820  O O   . ARG A 1 121 ? -1.573  1.235   15.403  1.00 50.51 ? 121 ARG A O   1 
ATOM   821  C CB  . ARG A 1 121 ? -3.379  -1.524  14.272  1.00 51.14 ? 121 ARG A CB  1 
ATOM   822  C CG  . ARG A 1 121 ? -4.829  -1.868  13.977  1.00 53.04 ? 121 ARG A CG  1 
ATOM   823  C CD  . ARG A 1 121 ? -5.140  -3.312  14.339  1.00 56.74 ? 121 ARG A CD  1 
ATOM   824  N NE  . ARG A 1 121 ? -5.294  -3.494  15.779  1.00 59.07 ? 121 ARG A NE  1 
ATOM   825  C CZ  . ARG A 1 121 ? -6.350  -3.085  16.475  1.00 63.57 ? 121 ARG A CZ  1 
ATOM   826  N NH1 . ARG A 1 121 ? -6.405  -3.293  17.783  1.00 63.84 ? 121 ARG A NH1 1 
ATOM   827  N NH2 . ARG A 1 121 ? -7.350  -2.467  15.863  1.00 65.87 ? 121 ARG A NH2 1 
ATOM   828  N N   . LYS A 1 122 ? -0.669  -0.514  14.309  1.00 52.02 ? 122 LYS A N   1 
ATOM   829  C CA  . LYS A 1 122 ? 0.680   -0.274  14.774  1.00 52.40 ? 122 LYS A CA  1 
ATOM   830  C C   . LYS A 1 122 ? 1.603   -0.353  13.574  1.00 52.40 ? 122 LYS A C   1 
ATOM   831  O O   . LYS A 1 122 ? 1.230   -0.892  12.528  1.00 53.09 ? 122 LYS A O   1 
ATOM   832  C CB  . LYS A 1 122 ? 1.110   -1.259  15.849  1.00 52.45 ? 122 LYS A CB  1 
ATOM   833  C CG  . LYS A 1 122 ? 0.777   -2.668  15.593  1.00 54.05 ? 122 LYS A CG  1 
ATOM   834  C CD  . LYS A 1 122 ? 1.193   -3.506  16.795  1.00 58.42 ? 122 LYS A CD  1 
ATOM   835  C CE  . LYS A 1 122 ? 0.076   -4.489  17.208  1.00 62.29 ? 122 LYS A CE  1 
ATOM   836  N NZ  . LYS A 1 122 ? 0.570   -5.668  18.005  1.00 62.57 ? 122 LYS A NZ  1 
ATOM   837  N N   . ALA A 1 123 ? 2.797   0.214   13.728  1.00 51.84 ? 123 ALA A N   1 
ATOM   838  C CA  . ALA A 1 123 ? 3.763   0.325   12.660  1.00 50.95 ? 123 ALA A CA  1 
ATOM   839  C C   . ALA A 1 123 ? 5.200   0.436   13.240  1.00 50.85 ? 123 ALA A C   1 
ATOM   840  O O   . ALA A 1 123 ? 5.393   0.754   14.402  1.00 49.95 ? 123 ALA A O   1 
ATOM   841  C CB  . ALA A 1 123 ? 3.399   1.508   11.765  1.00 50.11 ? 123 ALA A CB  1 
ATOM   842  N N   . SER A 1 124 ? 6.193   0.138   12.415  1.00 51.54 ? 124 SER A N   1 
ATOM   843  C CA  . SER A 1 124 ? 7.591   0.110   12.822  1.00 52.36 ? 124 SER A CA  1 
ATOM   844  C C   . SER A 1 124 ? 8.500   0.442   11.660  1.00 53.23 ? 124 SER A C   1 
ATOM   845  O O   . SER A 1 124 ? 8.595   -0.321  10.697  1.00 53.41 ? 124 SER A O   1 
ATOM   846  C CB  . SER A 1 124 ? 7.966   -1.264  13.351  1.00 52.13 ? 124 SER A CB  1 
ATOM   847  O OG  . SER A 1 124 ? 7.865   -1.260  14.751  1.00 52.28 ? 124 SER A OG  1 
ATOM   848  N N   . SER A 1 125 ? 9.191   1.564   11.760  1.00 54.23 ? 125 SER A N   1 
ATOM   849  C CA  . SER A 1 125 ? 10.016  2.025   10.657  1.00 55.61 ? 125 SER A CA  1 
ATOM   850  C C   . SER A 1 125 ? 11.513  1.983   10.977  1.00 56.38 ? 125 SER A C   1 
ATOM   851  O O   . SER A 1 125 ? 11.906  2.140   12.145  1.00 56.14 ? 125 SER A O   1 
ATOM   852  C CB  . SER A 1 125 ? 9.596   3.452   10.300  1.00 55.73 ? 125 SER A CB  1 
ATOM   853  O OG  . SER A 1 125 ? 8.227   3.498   9.925   1.00 57.12 ? 125 SER A OG  1 
ATOM   854  N N   . ARG A 1 126 ? 12.333  1.774   9.944   1.00 56.80 ? 126 ARG A N   1 
ATOM   855  C CA  A ARG A 1 126 ? 13.792  1.828   10.054  0.50 57.49 ? 126 ARG A CA  1 
ATOM   856  C CA  B ARG A 1 126 ? 13.787  1.890   10.082  0.50 57.72 ? 126 ARG A CA  1 
ATOM   857  C C   . ARG A 1 126 ? 14.312  2.640   8.873   1.00 58.17 ? 126 ARG A C   1 
ATOM   858  O O   . ARG A 1 126 ? 13.780  2.502   7.783   1.00 58.53 ? 126 ARG A O   1 
ATOM   859  C CB  A ARG A 1 126 ? 14.372  0.415   10.001  0.50 57.16 ? 126 ARG A CB  1 
ATOM   860  C CB  B ARG A 1 126 ? 14.468  0.519   10.237  0.50 57.58 ? 126 ARG A CB  1 
ATOM   861  C CG  A ARG A 1 126 ? 15.294  0.040   11.162  0.50 56.31 ? 126 ARG A CG  1 
ATOM   862  C CG  B ARG A 1 126 ? 16.018  0.551   10.215  0.50 57.62 ? 126 ARG A CG  1 
ATOM   863  C CD  A ARG A 1 126 ? 14.500  -0.553  12.312  0.50 52.89 ? 126 ARG A CD  1 
ATOM   864  C CD  B ARG A 1 126 ? 16.725  0.301   11.573  0.50 56.56 ? 126 ARG A CD  1 
ATOM   865  N NE  A ARG A 1 126 ? 13.415  -1.375  11.790  0.50 50.30 ? 126 ARG A NE  1 
ATOM   866  N NE  B ARG A 1 126 ? 18.166  0.466   11.402  0.50 53.38 ? 126 ARG A NE  1 
ATOM   867  C CZ  A ARG A 1 126 ? 12.308  -1.672  12.463  0.50 48.39 ? 126 ARG A CZ  1 
ATOM   868  C CZ  B ARG A 1 126 ? 18.856  1.534   11.795  0.50 53.66 ? 126 ARG A CZ  1 
ATOM   869  N NH1 A ARG A 1 126 ? 12.140  -1.208  13.693  0.50 47.20 ? 126 ARG A NH1 1 
ATOM   870  N NH1 B ARG A 1 126 ? 18.268  2.534   12.445  0.50 50.75 ? 126 ARG A NH1 1 
ATOM   871  N NH2 A ARG A 1 126 ? 11.369  -2.429  11.903  0.50 45.79 ? 126 ARG A NH2 1 
ATOM   872  N NH2 B ARG A 1 126 ? 20.158  1.595   11.550  0.50 54.61 ? 126 ARG A NH2 1 
ATOM   873  N N   . PHE A 1 127 ? 15.343  3.468   9.078   1.00 59.40 ? 127 PHE A N   1 
ATOM   874  C CA  . PHE A 1 127 ? 15.914  4.294   7.984   1.00 60.61 ? 127 PHE A CA  1 
ATOM   875  C C   . PHE A 1 127 ? 17.446  4.276   7.939   1.00 62.05 ? 127 PHE A C   1 
ATOM   876  O O   . PHE A 1 127 ? 18.106  4.702   8.902   1.00 61.73 ? 127 PHE A O   1 
ATOM   877  C CB  . PHE A 1 127 ? 15.444  5.760   8.052   1.00 60.25 ? 127 PHE A CB  1 
ATOM   878  C CG  . PHE A 1 127 ? 13.982  5.964   7.751   1.00 59.21 ? 127 PHE A CG  1 
ATOM   879  C CD1 . PHE A 1 127 ? 13.038  5.929   8.772   1.00 57.78 ? 127 PHE A CD1 1 
ATOM   880  C CD2 . PHE A 1 127 ? 13.553  6.228   6.455   1.00 58.64 ? 127 PHE A CD2 1 
ATOM   881  C CE1 . PHE A 1 127 ? 11.692  6.134   8.510   1.00 56.66 ? 127 PHE A CE1 1 
ATOM   882  C CE2 . PHE A 1 127 ? 12.211  6.422   6.183   1.00 57.55 ? 127 PHE A CE2 1 
ATOM   883  C CZ  . PHE A 1 127 ? 11.278  6.382   7.220   1.00 57.44 ? 127 PHE A CZ  1 
ATOM   884  N N   . ARG A 1 128 ? 17.991  3.788   6.814   1.00 63.83 ? 128 ARG A N   1 
ATOM   885  C CA  . ARG A 1 128 ? 19.420  3.918   6.470   1.00 65.47 ? 128 ARG A CA  1 
ATOM   886  C C   . ARG A 1 128 ? 19.611  4.990   5.398   1.00 66.25 ? 128 ARG A C   1 
ATOM   887  O O   . ARG A 1 128 ? 18.918  6.023   5.420   1.00 66.13 ? 128 ARG A O   1 
ATOM   888  C CB  . ARG A 1 128 ? 19.978  2.585   5.981   1.00 65.66 ? 128 ARG A CB  1 
ATOM   889  C CG  . ARG A 1 128 ? 20.120  1.564   7.083   1.00 67.37 ? 128 ARG A CG  1 
ATOM   890  C CD  . ARG A 1 128 ? 19.645  0.186   6.631   1.00 68.83 ? 128 ARG A CD  1 
ATOM   891  N NE  . ARG A 1 128 ? 18.192  0.102   6.555   0.80 70.82 ? 128 ARG A NE  1 
ATOM   892  C CZ  . ARG A 1 128 ? 17.440  -0.726  7.280   0.70 72.14 ? 128 ARG A CZ  1 
ATOM   893  N NH1 . ARG A 1 128 ? 17.993  -1.569  8.153   0.70 72.41 ? 128 ARG A NH1 1 
ATOM   894  N NH2 . ARG A 1 128 ? 16.120  -0.717  7.126   0.70 71.98 ? 128 ARG A NH2 1 
ATOM   895  N N   . LYS A 1 129 ? 20.532  4.735   4.460   1.00 67.22 ? 129 LYS A N   1 
ATOM   896  C CA  . LYS A 1 129 ? 20.838  5.688   3.386   1.00 68.17 ? 129 LYS A CA  1 
ATOM   897  C C   . LYS A 1 129 ? 19.580  6.354   2.840   1.00 68.64 ? 129 LYS A C   1 
ATOM   898  O O   . LYS A 1 129 ? 18.706  5.673   2.296   1.00 68.20 ? 129 LYS A O   1 
ATOM   899  C CB  . LYS A 1 129 ? 21.673  5.047   2.259   1.00 68.51 ? 129 LYS A CB  1 
ATOM   900  C CG  . LYS A 1 129 ? 21.620  5.774   0.888   1.00 69.26 ? 129 LYS A CG  1 
ATOM   901  C CD  . LYS A 1 129 ? 22.730  6.790   0.564   1.00 70.28 ? 129 LYS A CD  1 
ATOM   902  C CE  . LYS A 1 129 ? 22.708  7.042   -0.968  1.00 71.12 ? 129 LYS A CE  1 
ATOM   903  N NZ  . LYS A 1 129 ? 23.421  8.255   -1.477  1.00 71.62 ? 129 LYS A NZ  1 
ATOM   904  N N   . PRO A 1 130 ? 19.475  7.692   3.026   1.00 69.41 ? 130 PRO A N   1 
ATOM   905  C CA  . PRO A 1 130 ? 18.299  8.445   2.589   1.00 69.59 ? 130 PRO A CA  1 
ATOM   906  C C   . PRO A 1 130 ? 17.931  8.135   1.148   1.00 69.52 ? 130 PRO A C   1 
ATOM   907  O O   . PRO A 1 130 ? 18.774  8.221   0.242   1.00 70.19 ? 130 PRO A O   1 
ATOM   908  C CB  . PRO A 1 130 ? 18.734  9.909   2.740   1.00 69.69 ? 130 PRO A CB  1 
ATOM   909  C CG  . PRO A 1 130 ? 19.721  9.879   3.862   1.00 69.52 ? 130 PRO A CG  1 
ATOM   910  C CD  . PRO A 1 130 ? 20.460  8.565   3.705   1.00 69.52 ? 130 PRO A CD  1 
ATOM   911  N N   . LEU A 1 131 ? 16.682  7.737   0.969   1.00 69.09 ? 131 LEU A N   1 
ATOM   912  C CA  . LEU A 1 131 ? 16.107  7.487   -0.333  1.00 68.76 ? 131 LEU A CA  1 
ATOM   913  C C   . LEU A 1 131 ? 16.105  8.763   -1.188  1.00 68.49 ? 131 LEU A C   1 
ATOM   914  O O   . LEU A 1 131 ? 15.859  9.874   -0.681  1.00 68.41 ? 131 LEU A O   1 
ATOM   915  C CB  . LEU A 1 131 ? 14.684  6.937   -0.145  1.00 69.06 ? 131 LEU A CB  1 
ATOM   916  C CG  . LEU A 1 131 ? 14.381  5.435   -0.018  1.00 68.41 ? 131 LEU A CG  1 
ATOM   917  C CD1 . LEU A 1 131 ? 14.241  4.837   -1.387  1.00 68.84 ? 131 LEU A CD1 1 
ATOM   918  C CD2 . LEU A 1 131 ? 15.408  4.657   0.802   1.00 67.94 ? 131 LEU A CD2 1 
ATOM   919  N N   . ASN A 1 132 ? 16.405  8.585   -2.477  1.00 67.82 ? 132 ASN A N   1 
ATOM   920  C CA  . ASN A 1 132 ? 16.148  9.589   -3.509  1.00 67.21 ? 132 ASN A CA  1 
ATOM   921  C C   . ASN A 1 132 ? 14.626  9.665   -3.750  1.00 66.65 ? 132 ASN A C   1 
ATOM   922  O O   . ASN A 1 132 ? 14.042  8.747   -4.331  1.00 66.60 ? 132 ASN A O   1 
ATOM   923  C CB  . ASN A 1 132 ? 16.899  9.205   -4.792  1.00 67.10 ? 132 ASN A CB  1 
ATOM   924  C CG  . ASN A 1 132 ? 16.697  10.199  -5.936  1.00 67.55 ? 132 ASN A CG  1 
ATOM   925  O OD1 . ASN A 1 132 ? 16.363  11.369  -5.736  1.00 66.62 ? 132 ASN A OD1 1 
ATOM   926  N ND2 . ASN A 1 132 ? 16.917  9.722   -7.155  1.00 67.87 ? 132 ASN A ND2 1 
ATOM   927  N N   . PRO A 1 133 ? 13.975  10.755  -3.281  1.00 66.17 ? 133 PRO A N   1 
ATOM   928  C CA  . PRO A 1 133 ? 12.533  10.919  -3.469  1.00 65.72 ? 133 PRO A CA  1 
ATOM   929  C C   . PRO A 1 133 ? 12.089  10.966  -4.940  1.00 65.51 ? 133 PRO A C   1 
ATOM   930  O O   . PRO A 1 133 ? 10.901  10.897  -5.227  1.00 65.24 ? 133 PRO A O   1 
ATOM   931  C CB  . PRO A 1 133 ? 12.247  12.263  -2.786  1.00 65.56 ? 133 PRO A CB  1 
ATOM   932  C CG  . PRO A 1 133 ? 13.547  12.953  -2.708  1.00 65.42 ? 133 PRO A CG  1 
ATOM   933  C CD  . PRO A 1 133 ? 14.542  11.872  -2.503  1.00 65.94 ? 133 PRO A CD  1 
ATOM   934  N N   . GLN A 1 134 ? 13.049  11.071  -5.854  1.00 65.58 ? 134 GLN A N   1 
ATOM   935  C CA  . GLN A 1 134 ? 12.785  11.203  -7.295  1.00 65.50 ? 134 GLN A CA  1 
ATOM   936  C C   . GLN A 1 134 ? 12.519  9.873   -8.017  1.00 64.50 ? 134 GLN A C   1 
ATOM   937  O O   . GLN A 1 134 ? 11.464  9.710   -8.624  1.00 64.41 ? 134 GLN A O   1 
ATOM   938  C CB  . GLN A 1 134 ? 13.930  11.958  -7.981  1.00 66.03 ? 134 GLN A CB  1 
ATOM   939  C CG  . GLN A 1 134 ? 13.515  13.270  -8.643  1.00 68.28 ? 134 GLN A CG  1 
ATOM   940  C CD  . GLN A 1 134 ? 13.110  14.351  -7.652  1.00 70.98 ? 134 GLN A CD  1 
ATOM   941  O OE1 . GLN A 1 134 ? 11.983  14.874  -7.716  1.00 72.24 ? 134 GLN A OE1 1 
ATOM   942  N NE2 . GLN A 1 134 ? 14.028  14.710  -6.744  1.00 70.81 ? 134 GLN A NE2 1 
ATOM   943  N N   . LYS A 1 135 ? 13.481  8.949   -7.972  1.00 63.27 ? 135 LYS A N   1 
ATOM   944  C CA  . LYS A 1 135 ? 13.301  7.580   -8.491  1.00 62.13 ? 135 LYS A CA  1 
ATOM   945  C C   . LYS A 1 135 ? 13.605  6.559   -7.400  1.00 60.94 ? 135 LYS A C   1 
ATOM   946  O O   . LYS A 1 135 ? 14.769  6.334   -7.048  1.00 60.76 ? 135 LYS A O   1 
ATOM   947  C CB  . LYS A 1 135 ? 14.139  7.319   -9.775  1.00 62.49 ? 135 LYS A CB  1 
ATOM   948  C CG  . LYS A 1 135 ? 14.659  5.845   -10.018 1.00 63.03 ? 135 LYS A CG  1 
ATOM   949  C CD  . LYS A 1 135 ? 13.554  4.751   -10.068 0.50 63.48 ? 135 LYS A CD  1 
ATOM   950  C CE  . LYS A 1 135 ? 12.847  4.684   -11.424 0.50 63.60 ? 135 LYS A CE  1 
ATOM   951  N NZ  . LYS A 1 135 ? 11.630  3.835   -11.376 0.50 63.90 ? 135 LYS A NZ  1 
ATOM   952  N N   . PHE A 1 136 ? 12.546  5.951   -6.859  1.00 59.71 ? 136 PHE A N   1 
ATOM   953  C CA  . PHE A 1 136 ? 12.711  4.829   -5.916  1.00 58.11 ? 136 PHE A CA  1 
ATOM   954  C C   . PHE A 1 136 ? 11.688  3.741   -6.121  1.00 56.89 ? 136 PHE A C   1 
ATOM   955  O O   . PHE A 1 136 ? 10.756  3.905   -6.896  1.00 56.26 ? 136 PHE A O   1 
ATOM   956  C CB  . PHE A 1 136 ? 12.741  5.302   -4.454  1.00 57.92 ? 136 PHE A CB  1 
ATOM   957  C CG  . PHE A 1 136 ? 11.486  6.000   -3.991  1.00 56.58 ? 136 PHE A CG  1 
ATOM   958  C CD1 . PHE A 1 136 ? 10.497  5.300   -3.312  1.00 56.71 ? 136 PHE A CD1 1 
ATOM   959  C CD2 . PHE A 1 136 ? 11.324  7.363   -4.172  1.00 55.37 ? 136 PHE A CD2 1 
ATOM   960  C CE1 . PHE A 1 136 ? 9.350   5.950   -2.859  1.00 56.92 ? 136 PHE A CE1 1 
ATOM   961  C CE2 . PHE A 1 136 ? 10.189  8.011   -3.731  1.00 55.09 ? 136 PHE A CE2 1 
ATOM   962  C CZ  . PHE A 1 136 ? 9.199   7.313   -3.078  1.00 55.37 ? 136 PHE A CZ  1 
ATOM   963  N N   . SER A 1 137 ? 11.881  2.637   -5.414  1.00 55.94 ? 137 SER A N   1 
ATOM   964  C CA  . SER A 1 137 ? 11.024  1.482   -5.530  1.00 55.65 ? 137 SER A CA  1 
ATOM   965  C C   . SER A 1 137 ? 10.729  0.870   -4.170  1.00 55.70 ? 137 SER A C   1 
ATOM   966  O O   . SER A 1 137 ? 11.462  1.114   -3.191  1.00 55.13 ? 137 SER A O   1 
ATOM   967  C CB  . SER A 1 137 ? 11.730  0.449   -6.380  1.00 55.75 ? 137 SER A CB  1 
ATOM   968  O OG  . SER A 1 137 ? 12.345  1.081   -7.474  1.00 56.27 ? 137 SER A OG  1 
ATOM   969  N N   . ALA A 1 138 ? 9.675   0.046   -4.121  1.00 55.60 ? 138 ALA A N   1 
ATOM   970  C CA  . ALA A 1 138 ? 9.341   -0.720  -2.908  1.00 55.57 ? 138 ALA A CA  1 
ATOM   971  C C   . ALA A 1 138 ? 8.922   -2.148  -3.193  1.00 55.74 ? 138 ALA A C   1 
ATOM   972  O O   . ALA A 1 138 ? 8.415   -2.452  -4.260  1.00 56.32 ? 138 ALA A O   1 
ATOM   973  C CB  . ALA A 1 138 ? 8.260   -0.029  -2.135  1.00 55.14 ? 138 ALA A CB  1 
ATOM   974  N N   . ARG A 1 139 ? 9.108   -3.017  -2.210  1.00 56.20 ? 139 ARG A N   1 
ATOM   975  C CA  . ARG A 1 139 ? 8.624   -4.393  -2.258  1.00 56.39 ? 139 ARG A CA  1 
ATOM   976  C C   . ARG A 1 139 ? 7.734   -4.605  -1.043  1.00 55.79 ? 139 ARG A C   1 
ATOM   977  O O   . ARG A 1 139 ? 8.113   -4.227  0.069   1.00 56.08 ? 139 ARG A O   1 
ATOM   978  C CB  . ARG A 1 139 ? 9.814   -5.335  -2.195  1.00 57.02 ? 139 ARG A CB  1 
ATOM   979  C CG  . ARG A 1 139 ? 9.516   -6.747  -2.610  1.00 60.55 ? 139 ARG A CG  1 
ATOM   980  C CD  . ARG A 1 139 ? 10.610  -7.656  -2.102  1.00 66.24 ? 139 ARG A CD  1 
ATOM   981  N NE  . ARG A 1 139 ? 10.289  -7.975  -0.719  1.00 71.00 ? 139 ARG A NE  1 
ATOM   982  C CZ  . ARG A 1 139 ? 9.943   -9.180  -0.280  1.00 73.01 ? 139 ARG A CZ  1 
ATOM   983  N NH1 . ARG A 1 139 ? 9.646   -9.344  1.008   1.00 74.24 ? 139 ARG A NH1 1 
ATOM   984  N NH2 . ARG A 1 139 ? 9.924   -10.220 -1.114  1.00 72.96 ? 139 ARG A NH2 1 
ATOM   985  N N   . LEU A 1 140 ? 6.547   -5.183  -1.238  1.00 54.87 ? 140 LEU A N   1 
ATOM   986  C CA  . LEU A 1 140 ? 5.564   -5.287  -0.151  1.00 53.56 ? 140 LEU A CA  1 
ATOM   987  C C   . LEU A 1 140 ? 5.044   -6.693  -0.012  1.00 53.18 ? 140 LEU A C   1 
ATOM   988  O O   . LEU A 1 140 ? 4.743   -7.326  -1.004  1.00 53.03 ? 140 LEU A O   1 
ATOM   989  C CB  . LEU A 1 140 ? 4.395   -4.309  -0.377  1.00 53.21 ? 140 LEU A CB  1 
ATOM   990  C CG  . LEU A 1 140 ? 3.045   -4.577  0.321   1.00 52.60 ? 140 LEU A CG  1 
ATOM   991  C CD1 . LEU A 1 140 ? 3.166   -4.347  1.822   1.00 52.65 ? 140 LEU A CD1 1 
ATOM   992  C CD2 . LEU A 1 140 ? 1.840   -3.786  -0.270  1.00 50.51 ? 140 LEU A CD2 1 
ATOM   993  N N   . LEU A 1 141 ? 4.914   -7.160  1.222   1.00 53.14 ? 141 LEU A N   1 
ATOM   994  C CA  . LEU A 1 141 ? 4.390   -8.480  1.485   1.00 53.84 ? 141 LEU A CA  1 
ATOM   995  C C   . LEU A 1 141 ? 3.495   -8.487  2.720   1.00 54.65 ? 141 LEU A C   1 
ATOM   996  O O   . LEU A 1 141 ? 3.963   -8.223  3.826   1.00 54.70 ? 141 LEU A O   1 
ATOM   997  C CB  . LEU A 1 141 ? 5.544   -9.503  1.616   1.00 53.93 ? 141 LEU A CB  1 
ATOM   998  C CG  . LEU A 1 141 ? 5.347   -11.020 1.913   1.00 53.23 ? 141 LEU A CG  1 
ATOM   999  C CD1 . LEU A 1 141 ? 5.647   -11.367 3.391   1.00 53.37 ? 141 LEU A CD1 1 
ATOM   1000 C CD2 . LEU A 1 141 ? 3.975   -11.586 1.477   1.00 50.29 ? 141 LEU A CD2 1 
ATOM   1001 N N   . CYS A 1 142 ? 2.212   -8.800  2.509   1.00 55.87 ? 142 CYS A N   1 
ATOM   1002 C CA  . CYS A 1 142 ? 1.230   -8.945  3.583   1.00 56.95 ? 142 CYS A CA  1 
ATOM   1003 C C   . CYS A 1 142 ? 0.841   -10.420 3.601   1.00 57.82 ? 142 CYS A C   1 
ATOM   1004 O O   . CYS A 1 142 ? 0.695   -11.037 2.542   1.00 57.93 ? 142 CYS A O   1 
ATOM   1005 C CB  . CYS A 1 142 ? 0.000   -7.998  3.429   1.00 56.36 ? 142 CYS A CB  1 
ATOM   1006 S SG  . CYS A 1 142 ? 0.332   -6.162  3.133   1.00 57.95 ? 142 CYS A SG  1 
ATOM   1007 N N   . ARG A 1 143 ? 0.701   -10.963 4.813   1.00 59.11 ? 143 ARG A N   1 
ATOM   1008 C CA  . ARG A 1 143 ? 0.672   -12.413 5.099   1.00 60.44 ? 143 ARG A CA  1 
ATOM   1009 C C   . ARG A 1 143 ? -0.137  -12.701 6.361   1.00 61.30 ? 143 ARG A C   1 
ATOM   1010 O O   . ARG A 1 143 ? -0.259  -11.838 7.235   1.00 62.04 ? 143 ARG A O   1 
ATOM   1011 C CB  . ARG A 1 143 ? 2.089   -12.934 5.361   1.00 60.56 ? 143 ARG A CB  1 
ATOM   1012 C CG  . ARG A 1 143 ? 2.684   -13.822 4.299   0.60 61.11 ? 143 ARG A CG  1 
ATOM   1013 C CD  . ARG A 1 143 ? 3.627   -14.843 4.954   0.50 62.57 ? 143 ARG A CD  1 
ATOM   1014 N NE  . ARG A 1 143 ? 4.960   -14.309 5.248   0.50 62.50 ? 143 ARG A NE  1 
ATOM   1015 C CZ  . ARG A 1 143 ? 5.977   -15.053 5.686   0.50 62.41 ? 143 ARG A CZ  1 
ATOM   1016 N NH1 . ARG A 1 143 ? 5.809   -16.355 5.890   0.50 61.88 ? 143 ARG A NH1 1 
ATOM   1017 N NH2 . ARG A 1 143 ? 7.159   -14.500 5.924   0.50 61.91 ? 143 ARG A NH2 1 
ATOM   1018 N N   . ASP A 1 144 ? -0.666  -13.920 6.472   1.00 62.08 ? 144 ASP A N   1 
ATOM   1019 C CA  . ASP A 1 144 ? -1.432  -14.349 7.655   1.00 63.06 ? 144 ASP A CA  1 
ATOM   1020 C C   . ASP A 1 144 ? -2.592  -13.404 7.963   1.00 63.04 ? 144 ASP A C   1 
ATOM   1021 O O   . ASP A 1 144 ? -2.889  -13.121 9.150   1.00 63.03 ? 144 ASP A O   1 
ATOM   1022 C CB  . ASP A 1 144 ? -0.522  -14.514 8.892   1.00 63.52 ? 144 ASP A CB  1 
ATOM   1023 C CG  . ASP A 1 144 ? 0.636   -15.464 8.639   1.00 64.83 ? 144 ASP A CG  1 
ATOM   1024 O OD1 . ASP A 1 144 ? 0.386   -16.564 8.078   1.00 65.95 ? 144 ASP A OD1 1 
ATOM   1025 O OD2 . ASP A 1 144 ? 1.785   -15.106 8.985   1.00 64.49 ? 144 ASP A OD2 1 
ATOM   1026 N N   . LEU A 1 145 ? -3.235  -12.917 6.892   1.00 62.58 ? 145 LEU A N   1 
ATOM   1027 C CA  . LEU A 1 145 ? -4.453  -12.119 7.029   1.00 62.35 ? 145 LEU A CA  1 
ATOM   1028 C C   . LEU A 1 145 ? -5.415  -12.916 7.875   1.00 62.48 ? 145 LEU A C   1 
ATOM   1029 O O   . LEU A 1 145 ? -5.499  -14.131 7.728   1.00 63.05 ? 145 LEU A O   1 
ATOM   1030 C CB  . LEU A 1 145 ? -5.084  -11.820 5.668   1.00 61.68 ? 145 LEU A CB  1 
ATOM   1031 C CG  . LEU A 1 145 ? -4.189  -11.264 4.555   1.00 61.89 ? 145 LEU A CG  1 
ATOM   1032 C CD1 . LEU A 1 145 ? -5.034  -10.672 3.408   1.00 61.83 ? 145 LEU A CD1 1 
ATOM   1033 C CD2 . LEU A 1 145 ? -3.170  -10.246 5.056   1.00 59.95 ? 145 LEU A CD2 1 
ATOM   1034 N N   . GLN A 1 146 ? -6.103  -12.267 8.798   1.00 62.85 ? 146 GLN A N   1 
ATOM   1035 C CA  . GLN A 1 146 ? -7.116  -12.980 9.555   1.00 63.28 ? 146 GLN A CA  1 
ATOM   1036 C C   . GLN A 1 146 ? -8.114  -12.021 10.144  1.00 63.06 ? 146 GLN A C   1 
ATOM   1037 O O   . GLN A 1 146 ? -7.747  -10.932 10.571  1.00 62.58 ? 146 GLN A O   1 
ATOM   1038 C CB  . GLN A 1 146 ? -6.496  -13.905 10.615  1.00 63.53 ? 146 GLN A CB  1 
ATOM   1039 C CG  . GLN A 1 146 ? -6.257  -13.282 11.980  1.00 65.48 ? 146 GLN A CG  1 
ATOM   1040 C CD  . GLN A 1 146 ? -5.182  -14.011 12.779  1.00 67.97 ? 146 GLN A CD  1 
ATOM   1041 O OE1 . GLN A 1 146 ? -3.985  -13.643 12.743  1.00 69.53 ? 146 GLN A OE1 1 
ATOM   1042 N NE2 . GLN A 1 146 ? -5.596  -15.050 13.505  1.00 67.69 ? 146 GLN A NE2 1 
ATOM   1043 N N   . VAL A 1 147 ? -9.372  -12.462 10.141  1.00 63.34 ? 147 VAL A N   1 
ATOM   1044 C CA  . VAL A 1 147 ? -10.533 -11.663 10.510  1.00 63.82 ? 147 VAL A CA  1 
ATOM   1045 C C   . VAL A 1 147 ? -10.720 -11.753 12.008  1.00 64.69 ? 147 VAL A C   1 
ATOM   1046 O O   . VAL A 1 147 ? -10.541 -12.826 12.584  1.00 65.31 ? 147 VAL A O   1 
ATOM   1047 C CB  . VAL A 1 147 ? -11.806 -12.179 9.795   1.00 63.79 ? 147 VAL A CB  1 
ATOM   1048 C CG1 . VAL A 1 147 ? -13.016 -11.318 10.118  1.00 62.70 ? 147 VAL A CG1 1 
ATOM   1049 C CG2 . VAL A 1 147 ? -11.584 -12.233 8.301   1.00 62.69 ? 147 VAL A CG2 1 
ATOM   1050 N N   . ILE A 1 148 ? -11.063 -10.631 12.637  1.00 65.18 ? 148 ILE A N   1 
ATOM   1051 C CA  . ILE A 1 148 ? -11.218 -10.569 14.077  1.00 66.01 ? 148 ILE A CA  1 
ATOM   1052 C C   . ILE A 1 148 ? -12.585 -9.986  14.346  1.00 67.25 ? 148 ILE A C   1 
ATOM   1053 O O   . ILE A 1 148 ? -12.808 -8.802  14.050  1.00 67.66 ? 148 ILE A O   1 
ATOM   1054 C CB  . ILE A 1 148 ? -10.104 -9.683  14.736  1.00 65.76 ? 148 ILE A CB  1 
ATOM   1055 C CG1 . ILE A 1 148 ? -8.788  -10.441 14.872  1.00 64.70 ? 148 ILE A CG1 1 
ATOM   1056 C CG2 . ILE A 1 148 ? -10.493 -9.264  16.126  1.00 65.54 ? 148 ILE A CG2 1 
ATOM   1057 C CD1 . ILE A 1 148 ? -7.969  -10.499 13.635  1.00 63.18 ? 148 ILE A CD1 1 
ATOM   1058 N N   . GLU A 1 149 ? -13.501 -10.805 14.878  1.00 68.54 ? 149 GLU A N   1 
ATOM   1059 C CA  . GLU A 1 149 ? -14.846 -10.316 15.277  1.00 70.07 ? 149 GLU A CA  1 
ATOM   1060 C C   . GLU A 1 149 ? -14.832 -9.795  16.704  1.00 70.80 ? 149 GLU A C   1 
ATOM   1061 O O   . GLU A 1 149 ? -14.115 -10.347 17.552  1.00 71.25 ? 149 GLU A O   1 
ATOM   1062 C CB  . GLU A 1 149 ? -15.917 -11.412 15.196  1.00 70.12 ? 149 GLU A CB  1 
ATOM   1063 C CG  . GLU A 1 149 ? -16.397 -11.795 13.793  1.00 70.69 ? 149 GLU A CG  1 
ATOM   1064 C CD  . GLU A 1 149 ? -15.570 -12.916 13.125  1.00 70.51 ? 149 GLU A CD  1 
ATOM   1065 O OE1 . GLU A 1 149 ? -15.816 -13.155 11.917  1.00 69.61 ? 149 GLU A OE1 1 
ATOM   1066 O OE2 . GLU A 1 149 ? -14.704 -13.555 13.794  1.00 68.90 ? 149 GLU A OE2 1 
ATOM   1067 N N   . ARG A 1 150 ? -15.618 -8.742  16.959  1.00 71.23 ? 150 ARG A N   1 
ATOM   1068 C CA  . ARG A 1 150 ? -15.840 -8.191  18.317  1.00 71.88 ? 150 ARG A CA  1 
ATOM   1069 C C   . ARG A 1 150 ? -16.473 -6.789  18.237  1.00 72.01 ? 150 ARG A C   1 
ATOM   1070 O O   . ARG A 1 150 ? -17.130 -6.459  17.234  1.00 72.34 ? 150 ARG A O   1 
ATOM   1071 C CB  . ARG A 1 150 ? -14.547 -8.145  19.181  1.00 72.11 ? 150 ARG A CB  1 
ATOM   1072 C CG  . ARG A 1 150 ? -13.254 -7.753  18.473  1.00 72.18 ? 150 ARG A CG  1 
ATOM   1073 C CD  . ARG A 1 150 ? -12.043 -8.092  19.343  1.00 73.92 ? 150 ARG A CD  1 
ATOM   1074 N NE  . ARG A 1 150 ? -11.841 -9.535  19.553  1.00 73.33 ? 150 ARG A NE  1 
ATOM   1075 C CZ  . ARG A 1 150 ? -10.654 -10.109 19.782  1.00 71.90 ? 150 ARG A CZ  1 
ATOM   1076 N NH1 . ARG A 1 150 ? -9.546  -9.385  19.825  1.00 70.10 ? 150 ARG A NH1 1 
ATOM   1077 N NH2 . ARG A 1 150 ? -10.566 -11.419 19.955  1.00 73.04 ? 150 ARG A NH2 1 
ATOM   1078 N N   . THR A 1 151 ? -16.288 -5.991  19.301  1.00 72.05 ? 151 THR A N   1 
ATOM   1079 C CA  . THR A 1 151 ? -16.707 -4.561  19.347  1.00 71.44 ? 151 THR A CA  1 
ATOM   1080 C C   . THR A 1 151 ? -16.380 -3.779  18.066  1.00 70.80 ? 151 THR A C   1 
ATOM   1081 O O   . THR A 1 151 ? -17.045 -2.797  17.738  1.00 71.53 ? 151 THR A O   1 
ATOM   1082 C CB  . THR A 1 151 ? -16.279 -3.781  20.660  1.00 71.43 ? 151 THR A CB  1 
ATOM   1083 O OG1 . THR A 1 151 ? -16.112 -2.386  20.361  1.00 71.44 ? 151 THR A OG1 1 
ATOM   1084 C CG2 . THR A 1 151 ? -14.988 -4.340  21.298  1.00 71.27 ? 151 THR A CG2 1 
ATOM   1085 N N   . TRP A 1 152 ? -15.342 -4.215  17.361  1.00 69.32 ? 152 TRP A N   1 
ATOM   1086 C CA  . TRP A 1 152 ? -15.254 -3.981  15.940  1.00 67.62 ? 152 TRP A CA  1 
ATOM   1087 C C   . TRP A 1 152 ? -14.842 -5.279  15.265  1.00 65.99 ? 152 TRP A C   1 
ATOM   1088 O O   . TRP A 1 152 ? -14.073 -6.081  15.812  1.00 65.42 ? 152 TRP A O   1 
ATOM   1089 C CB  . TRP A 1 152 ? -14.265 -2.893  15.605  1.00 68.09 ? 152 TRP A CB  1 
ATOM   1090 C CG  . TRP A 1 152 ? -14.853 -1.536  15.464  1.00 70.23 ? 152 TRP A CG  1 
ATOM   1091 C CD1 . TRP A 1 152 ? -15.469 -1.006  14.358  1.00 70.34 ? 152 TRP A CD1 1 
ATOM   1092 C CD2 . TRP A 1 152 ? -14.816 -0.492  16.444  1.00 72.49 ? 152 TRP A CD2 1 
ATOM   1093 N NE1 . TRP A 1 152 ? -15.839 0.300   14.609  1.00 71.07 ? 152 TRP A NE1 1 
ATOM   1094 C CE2 . TRP A 1 152 ? -15.450 0.640   15.878  1.00 71.64 ? 152 TRP A CE2 1 
ATOM   1095 C CE3 . TRP A 1 152 ? -14.312 -0.405  17.755  1.00 73.17 ? 152 TRP A CE3 1 
ATOM   1096 C CZ2 . TRP A 1 152 ? -15.603 1.842   16.579  1.00 72.80 ? 152 TRP A CZ2 1 
ATOM   1097 C CZ3 . TRP A 1 152 ? -14.469 0.795   18.454  1.00 73.59 ? 152 TRP A CZ3 1 
ATOM   1098 C CH2 . TRP A 1 152 ? -15.107 1.901   17.863  1.00 72.92 ? 152 TRP A CH2 1 
ATOM   1099 N N   . ARG A 1 153 ? -15.365 -5.489  14.061  1.00 63.93 ? 153 ARG A N   1 
ATOM   1100 C CA  . ARG A 1 153 ? -15.030 -6.661  13.263  1.00 61.63 ? 153 ARG A CA  1 
ATOM   1101 C C   . ARG A 1 153 ? -14.126 -6.219  12.122  1.00 59.49 ? 153 ARG A C   1 
ATOM   1102 O O   . ARG A 1 153 ? -14.560 -5.506  11.218  1.00 59.23 ? 153 ARG A O   1 
ATOM   1103 C CB  . ARG A 1 153 ? -16.296 -7.320  12.713  1.00 61.71 ? 153 ARG A CB  1 
ATOM   1104 C CG  . ARG A 1 153 ? -16.084 -8.730  12.190  1.00 61.55 ? 153 ARG A CG  1 
ATOM   1105 C CD  . ARG A 1 153 ? -17.310 -9.232  11.445  1.00 60.67 ? 153 ARG A CD  1 
ATOM   1106 N NE  . ARG A 1 153 ? -17.034 -10.457 10.698  1.00 58.82 ? 153 ARG A NE  1 
ATOM   1107 C CZ  . ARG A 1 153 ? -16.734 -10.491 9.404   1.00 58.19 ? 153 ARG A CZ  1 
ATOM   1108 N NH1 . ARG A 1 153 ? -16.497 -11.652 8.807   1.00 57.39 ? 153 ARG A NH1 1 
ATOM   1109 N NH2 . ARG A 1 153 ? -16.671 -9.366  8.705   1.00 56.42 ? 153 ARG A NH2 1 
ATOM   1110 N N   . TYR A 1 154 ? -12.864 -6.633  12.171  1.00 57.15 ? 154 TYR A N   1 
ATOM   1111 C CA  . TYR A 1 154 ? -11.894 -6.200  11.176  1.00 55.15 ? 154 TYR A CA  1 
ATOM   1112 C C   . TYR A 1 154 ? -11.066 -7.334  10.610  1.00 53.52 ? 154 TYR A C   1 
ATOM   1113 O O   . TYR A 1 154 ? -10.879 -8.360  11.243  1.00 53.46 ? 154 TYR A O   1 
ATOM   1114 C CB  . TYR A 1 154 ? -10.975 -5.107  11.726  1.00 55.09 ? 154 TYR A CB  1 
ATOM   1115 C CG  . TYR A 1 154 ? -10.102 -5.532  12.892  1.00 56.01 ? 154 TYR A CG  1 
ATOM   1116 C CD1 . TYR A 1 154 ? -8.834  -6.105  12.687  1.00 57.35 ? 154 TYR A CD1 1 
ATOM   1117 C CD2 . TYR A 1 154 ? -10.532 -5.347  14.213  1.00 56.24 ? 154 TYR A CD2 1 
ATOM   1118 C CE1 . TYR A 1 154 ? -8.012  -6.483  13.789  1.00 57.65 ? 154 TYR A CE1 1 
ATOM   1119 C CE2 . TYR A 1 154 ? -9.731  -5.723  15.305  1.00 56.66 ? 154 TYR A CE2 1 
ATOM   1120 C CZ  . TYR A 1 154 ? -8.479  -6.283  15.091  1.00 56.94 ? 154 TYR A CZ  1 
ATOM   1121 O OH  . TYR A 1 154 ? -7.718  -6.642  16.180  1.00 55.66 ? 154 TYR A OH  1 
ATOM   1122 N N   . LEU A 1 155 ? -10.579 -7.136  9.397   1.00 51.83 ? 155 LEU A N   1 
ATOM   1123 C CA  . LEU A 1 155 ? -9.524  -7.988  8.865   1.00 50.31 ? 155 LEU A CA  1 
ATOM   1124 C C   . LEU A 1 155 ? -8.201  -7.363  9.257   1.00 49.32 ? 155 LEU A C   1 
ATOM   1125 O O   . LEU A 1 155 ? -7.917  -6.236  8.879   1.00 49.14 ? 155 LEU A O   1 
ATOM   1126 C CB  . LEU A 1 155 ? -9.625  -8.108  7.341   1.00 49.60 ? 155 LEU A CB  1 
ATOM   1127 C CG  . LEU A 1 155 ? -8.410  -8.503  6.515   1.00 49.41 ? 155 LEU A CG  1 
ATOM   1128 C CD1 . LEU A 1 155 ? -7.933  -9.927  6.751   1.00 47.42 ? 155 LEU A CD1 1 
ATOM   1129 C CD2 . LEU A 1 155 ? -8.742  -8.270  5.074   1.00 49.10 ? 155 LEU A CD2 1 
ATOM   1130 N N   . LYS A 1 156 ? -7.420  -8.098  10.028  1.00 48.20 ? 156 LYS A N   1 
ATOM   1131 C CA  . LYS A 1 156 ? -6.110  -7.671  10.433  1.00 48.10 ? 156 LYS A CA  1 
ATOM   1132 C C   . LYS A 1 156 ? -5.098  -8.120  9.403   1.00 48.37 ? 156 LYS A C   1 
ATOM   1133 O O   . LYS A 1 156 ? -5.133  -9.287  8.953   1.00 48.44 ? 156 LYS A O   1 
ATOM   1134 C CB  . LYS A 1 156 ? -5.775  -8.324  11.737  1.00 48.30 ? 156 LYS A CB  1 
ATOM   1135 C CG  . LYS A 1 156 ? -4.504  -7.897  12.294  1.00 49.60 ? 156 LYS A CG  1 
ATOM   1136 C CD  . LYS A 1 156 ? -4.126  -8.813  13.413  1.00 52.58 ? 156 LYS A CD  1 
ATOM   1137 C CE  . LYS A 1 156 ? -3.432  -10.052 12.912  1.00 51.10 ? 156 LYS A CE  1 
ATOM   1138 N NZ  . LYS A 1 156 ? -2.639  -10.575 14.074  1.00 52.25 ? 156 LYS A NZ  1 
ATOM   1139 N N   . VAL A 1 157 ? -4.185  -7.207  9.051   1.00 47.81 ? 157 VAL A N   1 
ATOM   1140 C CA  . VAL A 1 157 ? -3.342  -7.359  7.870   1.00 47.28 ? 157 VAL A CA  1 
ATOM   1141 C C   . VAL A 1 157 ? -1.919  -6.988  8.258   1.00 47.53 ? 157 VAL A C   1 
ATOM   1142 O O   . VAL A 1 157 ? -1.567  -5.813  8.232   1.00 47.55 ? 157 VAL A O   1 
ATOM   1143 C CB  . VAL A 1 157 ? -3.854  -6.464  6.694   1.00 47.01 ? 157 VAL A CB  1 
ATOM   1144 C CG1 . VAL A 1 157 ? -2.979  -6.615  5.446   1.00 46.78 ? 157 VAL A CG1 1 
ATOM   1145 C CG2 . VAL A 1 157 ? -5.288  -6.790  6.363   1.00 46.03 ? 157 VAL A CG2 1 
ATOM   1146 N N   . PRO A 1 158 ? -1.102  -7.992  8.637   1.00 47.74 ? 158 PRO A N   1 
ATOM   1147 C CA  . PRO A 1 158 ? 0.318   -7.837  8.954   1.00 47.63 ? 158 PRO A CA  1 
ATOM   1148 C C   . PRO A 1 158 ? 1.092   -7.621  7.667   1.00 47.65 ? 158 PRO A C   1 
ATOM   1149 O O   . PRO A 1 158 ? 1.033   -8.459  6.785   1.00 48.05 ? 158 PRO A O   1 
ATOM   1150 C CB  . PRO A 1 158 ? 0.705   -9.195  9.547   1.00 47.27 ? 158 PRO A CB  1 
ATOM   1151 C CG  . PRO A 1 158 ? -0.585  -9.941  9.763   1.00 48.02 ? 158 PRO A CG  1 
ATOM   1152 C CD  . PRO A 1 158 ? -1.529  -9.398  8.744   1.00 48.30 ? 158 PRO A CD  1 
ATOM   1153 N N   . CYS A 1 159 ? 1.790   -6.498  7.553   1.00 47.88 ? 159 CYS A N   1 
ATOM   1154 C CA  . CYS A 1 159 ? 2.514   -6.152  6.317   1.00 47.97 ? 159 CYS A CA  1 
ATOM   1155 C C   . CYS A 1 159 ? 4.009   -5.927  6.572   1.00 47.69 ? 159 CYS A C   1 
ATOM   1156 O O   . CYS A 1 159 ? 4.441   -5.651  7.695   1.00 46.89 ? 159 CYS A O   1 
ATOM   1157 C CB  . CYS A 1 159 ? 1.918   -4.907  5.621   1.00 48.19 ? 159 CYS A CB  1 
ATOM   1158 S SG  . CYS A 1 159 ? 0.240   -5.073  5.000   1.00 48.30 ? 159 CYS A SG  1 
ATOM   1159 N N   . VAL A 1 160 ? 4.782   -6.065  5.504   1.00 47.89 ? 160 VAL A N   1 
ATOM   1160 C CA  . VAL A 1 160 ? 6.217   -5.896  5.538   1.00 48.41 ? 160 VAL A CA  1 
ATOM   1161 C C   . VAL A 1 160 ? 6.572   -5.192  4.242   1.00 48.57 ? 160 VAL A C   1 
ATOM   1162 O O   . VAL A 1 160 ? 6.179   -5.643  3.182   1.00 48.61 ? 160 VAL A O   1 
ATOM   1163 C CB  . VAL A 1 160 ? 6.924   -7.281  5.667   1.00 48.31 ? 160 VAL A CB  1 
ATOM   1164 C CG1 . VAL A 1 160 ? 7.559   -7.709  4.363   1.00 48.18 ? 160 VAL A CG1 1 
ATOM   1165 C CG2 . VAL A 1 160 ? 7.961   -7.237  6.755   1.00 47.87 ? 160 VAL A CG2 1 
ATOM   1166 N N   . ILE A 1 161 ? 7.262   -4.060  4.326   1.00 49.11 ? 161 ILE A N   1 
ATOM   1167 C CA  . ILE A 1 161 ? 7.670   -3.324  3.127   1.00 49.17 ? 161 ILE A CA  1 
ATOM   1168 C C   . ILE A 1 161 ? 9.129   -2.881  3.250   1.00 50.48 ? 161 ILE A C   1 
ATOM   1169 O O   . ILE A 1 161 ? 9.638   -2.746  4.360   1.00 50.39 ? 161 ILE A O   1 
ATOM   1170 C CB  . ILE A 1 161 ? 6.729   -2.106  2.830   1.00 49.03 ? 161 ILE A CB  1 
ATOM   1171 C CG1 . ILE A 1 161 ? 7.086   -1.413  1.484   1.00 47.25 ? 161 ILE A CG1 1 
ATOM   1172 C CG2 . ILE A 1 161 ? 6.656   -1.156  4.042   1.00 47.22 ? 161 ILE A CG2 1 
ATOM   1173 C CD1 . ILE A 1 161 ? 5.950   -0.622  0.828   1.00 43.32 ? 161 ILE A CD1 1 
ATOM   1174 N N   . GLU A 1 162 ? 9.776   -2.657  2.103   1.00 51.81 ? 162 GLU A N   1 
ATOM   1175 C CA  . GLU A 1 162 ? 11.184  -2.344  1.999   1.00 53.16 ? 162 GLU A CA  1 
ATOM   1176 C C   . GLU A 1 162 ? 11.351  -1.450  0.780   1.00 53.87 ? 162 GLU A C   1 
ATOM   1177 O O   . GLU A 1 162 ? 10.776  -1.722  -0.276  1.00 53.87 ? 162 GLU A O   1 
ATOM   1178 C CB  . GLU A 1 162 ? 11.991  -3.629  1.788   1.00 53.46 ? 162 GLU A CB  1 
ATOM   1179 C CG  . GLU A 1 162 ? 11.746  -4.766  2.789   1.00 56.81 ? 162 GLU A CG  1 
ATOM   1180 C CD  . GLU A 1 162 ? 12.329  -6.116  2.331   1.00 62.93 ? 162 GLU A CD  1 
ATOM   1181 O OE1 . GLU A 1 162 ? 11.721  -7.191  2.613   1.00 62.63 ? 162 GLU A OE1 1 
ATOM   1182 O OE2 . GLU A 1 162 ? 13.400  -6.095  1.665   1.00 66.59 ? 162 GLU A OE2 1 
ATOM   1183 N N   . PHE A 1 163 ? 12.139  -0.389  0.920   1.00 55.21 ? 163 PHE A N   1 
ATOM   1184 C CA  . PHE A 1 163 ? 12.361  0.597   -0.156  1.00 56.46 ? 163 PHE A CA  1 
ATOM   1185 C C   . PHE A 1 163 ? 13.839  0.609   -0.550  1.00 58.21 ? 163 PHE A C   1 
ATOM   1186 O O   . PHE A 1 163 ? 14.705  0.153   0.217   1.00 58.20 ? 163 PHE A O   1 
ATOM   1187 C CB  . PHE A 1 163 ? 11.962  2.026   0.269   1.00 55.60 ? 163 PHE A CB  1 
ATOM   1188 C CG  . PHE A 1 163 ? 10.504  2.200   0.610   1.00 53.93 ? 163 PHE A CG  1 
ATOM   1189 C CD1 . PHE A 1 163 ? 9.636   2.802   -0.290  1.00 52.85 ? 163 PHE A CD1 1 
ATOM   1190 C CD2 . PHE A 1 163 ? 10.007  1.813   1.849   1.00 52.87 ? 163 PHE A CD2 1 
ATOM   1191 C CE1 . PHE A 1 163 ? 8.278   2.980   0.017   1.00 52.21 ? 163 PHE A CE1 1 
ATOM   1192 C CE2 . PHE A 1 163 ? 8.647   1.989   2.156   1.00 53.09 ? 163 PHE A CE2 1 
ATOM   1193 C CZ  . PHE A 1 163 ? 7.789   2.582   1.243   1.00 51.08 ? 163 PHE A CZ  1 
ATOM   1194 N N   . TRP A 1 164 ? 14.114  1.131   -1.743  1.00 60.19 ? 164 TRP A N   1 
ATOM   1195 C CA  . TRP A 1 164 ? 15.475  1.284   -2.238  1.00 62.47 ? 164 TRP A CA  1 
ATOM   1196 C C   . TRP A 1 164 ? 15.493  2.241   -3.433  1.00 63.47 ? 164 TRP A C   1 
ATOM   1197 O O   . TRP A 1 164 ? 14.431  2.685   -3.898  1.00 64.22 ? 164 TRP A O   1 
ATOM   1198 C CB  . TRP A 1 164 ? 16.077  -0.081  -2.622  1.00 62.74 ? 164 TRP A CB  1 
ATOM   1199 C CG  . TRP A 1 164 ? 15.470  -0.725  -3.851  1.00 65.28 ? 164 TRP A CG  1 
ATOM   1200 C CD1 . TRP A 1 164 ? 15.832  -0.513  -5.163  1.00 67.27 ? 164 TRP A CD1 1 
ATOM   1201 C CD2 . TRP A 1 164 ? 14.417  -1.701  -3.881  1.00 67.54 ? 164 TRP A CD2 1 
ATOM   1202 N NE1 . TRP A 1 164 ? 15.059  -1.290  -6.002  1.00 68.52 ? 164 TRP A NE1 1 
ATOM   1203 C CE2 . TRP A 1 164 ? 14.183  -2.027  -5.241  1.00 68.91 ? 164 TRP A CE2 1 
ATOM   1204 C CE3 . TRP A 1 164 ? 13.635  -2.319  -2.893  1.00 67.99 ? 164 TRP A CE3 1 
ATOM   1205 C CZ2 . TRP A 1 164 ? 13.194  -2.946  -5.633  1.00 69.32 ? 164 TRP A CZ2 1 
ATOM   1206 C CZ3 . TRP A 1 164 ? 12.659  -3.234  -3.287  1.00 68.92 ? 164 TRP A CZ3 1 
ATOM   1207 C CH2 . TRP A 1 164 ? 12.453  -3.542  -4.643  1.00 69.05 ? 164 TRP A CH2 1 
ATOM   1208 N N   . ASP A 1 165 ? 16.692  2.564   -3.917  1.00 64.41 ? 165 ASP A N   1 
ATOM   1209 C CA  . ASP A 1 165 ? 16.858  3.269   -5.188  1.00 65.17 ? 165 ASP A CA  1 
ATOM   1210 C C   . ASP A 1 165 ? 18.157  2.835   -5.894  1.00 65.65 ? 165 ASP A C   1 
ATOM   1211 O O   . ASP A 1 165 ? 18.713  3.580   -6.711  1.00 66.41 ? 165 ASP A O   1 
ATOM   1212 C CB  . ASP A 1 165 ? 16.796  4.800   -4.993  1.00 65.37 ? 165 ASP A CB  1 
ATOM   1213 C CG  . ASP A 1 165 ? 17.840  5.312   -4.015  1.00 65.55 ? 165 ASP A CG  1 
ATOM   1214 O OD1 . ASP A 1 165 ? 17.678  6.430   -3.459  1.00 65.70 ? 165 ASP A OD1 1 
ATOM   1215 O OD2 . ASP A 1 165 ? 18.831  4.583   -3.809  1.00 65.57 ? 165 ASP A OD2 1 
ATOM   1216 N N   . ASN A 1 167 ? 23.436  5.584   -6.621  0.50 68.78 ? 167 ASN A N   1 
ATOM   1217 C CA  . ASN A 1 167 ? 22.685  5.929   -5.420  0.50 69.11 ? 167 ASN A CA  1 
ATOM   1218 C C   . ASN A 1 167 ? 22.115  4.694   -4.725  0.50 69.18 ? 167 ASN A C   1 
ATOM   1219 O O   . ASN A 1 167 ? 21.316  3.960   -5.316  0.50 69.40 ? 167 ASN A O   1 
ATOM   1220 C CB  . ASN A 1 167 ? 21.565  6.917   -5.757  0.50 69.21 ? 167 ASN A CB  1 
ATOM   1221 N N   . GLY A 1 168 ? 22.540  4.472   -3.479  1.00 69.07 ? 168 GLY A N   1 
ATOM   1222 C CA  . GLY A 1 168 ? 22.026  3.388   -2.632  1.00 68.99 ? 168 GLY A CA  1 
ATOM   1223 C C   . GLY A 1 168 ? 20.898  3.953   -1.777  1.00 69.21 ? 168 GLY A C   1 
ATOM   1224 O O   . GLY A 1 168 ? 20.372  5.039   -2.076  1.00 70.26 ? 168 GLY A O   1 
ATOM   1225 N N   . GLY A 1 169 ? 20.508  3.274   -0.704  1.00 68.25 ? 169 GLY A N   1 
ATOM   1226 C CA  . GLY A 1 169 ? 19.424  3.826   0.107   1.00 66.95 ? 169 GLY A CA  1 
ATOM   1227 C C   . GLY A 1 169 ? 18.383  2.790   0.406   1.00 66.15 ? 169 GLY A C   1 
ATOM   1228 O O   . GLY A 1 169 ? 18.020  2.004   -0.477  1.00 66.48 ? 169 GLY A O   1 
ATOM   1229 N N   . ALA A 1 170 ? 17.924  2.771   1.655   1.00 64.67 ? 170 ALA A N   1 
ATOM   1230 C CA  . ALA A 1 170 ? 16.983  1.758   2.111   1.00 63.55 ? 170 ALA A CA  1 
ATOM   1231 C C   . ALA A 1 170 ? 16.196  2.222   3.321   1.00 62.57 ? 170 ALA A C   1 
ATOM   1232 O O   . ALA A 1 170 ? 16.674  3.030   4.121   1.00 62.60 ? 170 ALA A O   1 
ATOM   1233 C CB  . ALA A 1 170 ? 17.685  0.430   2.403   1.00 63.66 ? 170 ALA A CB  1 
ATOM   1234 N N   . ALA A 1 171 ? 14.975  1.697   3.415   1.00 60.88 ? 171 ALA A N   1 
ATOM   1235 C CA  . ALA A 1 171 ? 14.084  1.924   4.528   1.00 59.22 ? 171 ALA A CA  1 
ATOM   1236 C C   . ALA A 1 171 ? 13.116  0.730   4.628   1.00 58.29 ? 171 ALA A C   1 
ATOM   1237 O O   . ALA A 1 171 ? 12.936  -0.009  3.668   1.00 58.11 ? 171 ALA A O   1 
ATOM   1238 C CB  . ALA A 1 171 ? 13.345  3.227   4.339   1.00 59.21 ? 171 ALA A CB  1 
ATOM   1239 N N   . SER A 1 172 ? 12.505  0.513   5.786   1.00 57.04 ? 172 SER A N   1 
ATOM   1240 C CA  . SER A 1 172 ? 11.579  -0.604  5.908   1.00 55.78 ? 172 SER A CA  1 
ATOM   1241 C C   . SER A 1 172 ? 10.603  -0.551  7.080   1.00 55.37 ? 172 SER A C   1 
ATOM   1242 O O   . SER A 1 172 ? 10.683  0.316   7.928   1.00 55.60 ? 172 SER A O   1 
ATOM   1243 C CB  . SER A 1 172 ? 12.339  -1.926  5.917   1.00 55.70 ? 172 SER A CB  1 
ATOM   1244 O OG  . SER A 1 172 ? 13.439  -1.880  6.788   1.00 53.45 ? 172 SER A OG  1 
ATOM   1245 N N   . GLY A 1 173 ? 9.626   -1.418  7.078   1.00 54.72 ? 173 GLY A N   1 
ATOM   1246 C CA  . GLY A 1 173 ? 8.679   -1.305  8.137   1.00 54.04 ? 173 GLY A CA  1 
ATOM   1247 C C   . GLY A 1 173 ? 7.808   -2.495  8.203   1.00 54.15 ? 173 GLY A C   1 
ATOM   1248 O O   . GLY A 1 173 ? 7.587   -3.190  7.228   1.00 55.26 ? 173 GLY A O   1 
ATOM   1249 N N   . GLU A 1 174 ? 7.327   -2.718  9.401   1.00 53.45 ? 174 GLU A N   1 
ATOM   1250 C CA  . GLU A 1 174 ? 6.364   -3.724  9.650   1.00 52.27 ? 174 GLU A CA  1 
ATOM   1251 C C   . GLU A 1 174 ? 5.204   -2.946  10.187  1.00 51.67 ? 174 GLU A C   1 
ATOM   1252 O O   . GLU A 1 174 ? 5.257   -2.439  11.291  1.00 51.72 ? 174 GLU A O   1 
ATOM   1253 C CB  . GLU A 1 174 ? 6.886   -4.678  10.697  1.00 52.43 ? 174 GLU A CB  1 
ATOM   1254 C CG  . GLU A 1 174 ? 8.206   -5.250  10.337  1.00 52.19 ? 174 GLU A CG  1 
ATOM   1255 C CD  . GLU A 1 174 ? 9.088   -5.441  11.530  0.60 54.00 ? 174 GLU A CD  1 
ATOM   1256 O OE1 . GLU A 1 174 ? 10.117  -4.745  11.619  0.60 53.04 ? 174 GLU A OE1 1 
ATOM   1257 O OE2 . GLU A 1 174 ? 8.751   -6.287  12.380  0.60 54.82 ? 174 GLU A OE2 1 
ATOM   1258 N N   . ILE A 1 175 ? 4.161   -2.890  9.373   1.00 50.35 ? 175 ILE A N   1 
ATOM   1259 C CA  . ILE A 1 175 ? 2.928   -2.222  9.691   1.00 49.36 ? 175 ILE A CA  1 
ATOM   1260 C C   . ILE A 1 175 ? 1.767   -3.190  9.696   1.00 48.65 ? 175 ILE A C   1 
ATOM   1261 O O   . ILE A 1 175 ? 1.611   -3.988  8.794   1.00 47.87 ? 175 ILE A O   1 
ATOM   1262 C CB  . ILE A 1 175 ? 2.616   -1.179  8.634   1.00 49.54 ? 175 ILE A CB  1 
ATOM   1263 C CG1 . ILE A 1 175 ? 3.658   -0.066  8.666   1.00 49.52 ? 175 ILE A CG1 1 
ATOM   1264 C CG2 . ILE A 1 175 ? 1.237   -0.630  8.844   1.00 49.41 ? 175 ILE A CG2 1 
ATOM   1265 C CD1 . ILE A 1 175 ? 4.333   0.180   7.360   1.00 47.83 ? 175 ILE A CD1 1 
ATOM   1266 N N   . GLU A 1 176 ? 0.948   -3.105  10.726  1.00 47.71 ? 176 GLU A N   1 
ATOM   1267 C CA  . GLU A 1 176 ? -0.313  -3.841  10.809  1.00 46.82 ? 176 GLU A CA  1 
ATOM   1268 C C   . GLU A 1 176 ? -1.517  -2.988  10.471  1.00 46.11 ? 176 GLU A C   1 
ATOM   1269 O O   . GLU A 1 176 ? -1.762  -2.007  11.129  1.00 46.49 ? 176 GLU A O   1 
ATOM   1270 C CB  . GLU A 1 176 ? -0.517  -4.368  12.202  1.00 46.51 ? 176 GLU A CB  1 
ATOM   1271 C CG  . GLU A 1 176 ? -1.683  -5.296  12.272  1.00 48.69 ? 176 GLU A CG  1 
ATOM   1272 C CD  . GLU A 1 176 ? -2.043  -5.673  13.680  1.00 50.21 ? 176 GLU A CD  1 
ATOM   1273 O OE1 . GLU A 1 176 ? -3.250  -5.663  13.986  1.00 52.63 ? 176 GLU A OE1 1 
ATOM   1274 O OE2 . GLU A 1 176 ? -1.132  -5.974  14.477  1.00 51.19 ? 176 GLU A OE2 1 
ATOM   1275 N N   . LEU A 1 177 ? -2.289  -3.387  9.472   1.00 45.96 ? 177 LEU A N   1 
ATOM   1276 C CA  . LEU A 1 177 ? -3.541  -2.712  9.139   1.00 45.83 ? 177 LEU A CA  1 
ATOM   1277 C C   . LEU A 1 177 ? -4.744  -3.382  9.753   1.00 46.36 ? 177 LEU A C   1 
ATOM   1278 O O   . LEU A 1 177 ? -4.704  -4.558  10.123  1.00 46.29 ? 177 LEU A O   1 
ATOM   1279 C CB  . LEU A 1 177 ? -3.779  -2.666  7.636   1.00 45.37 ? 177 LEU A CB  1 
ATOM   1280 C CG  . LEU A 1 177 ? -2.625  -2.208  6.769   1.00 45.77 ? 177 LEU A CG  1 
ATOM   1281 C CD1 . LEU A 1 177 ? -3.073  -2.380  5.365   1.00 46.26 ? 177 LEU A CD1 1 
ATOM   1282 C CD2 . LEU A 1 177 ? -2.197  -0.759  7.057   1.00 45.13 ? 177 LEU A CD2 1 
ATOM   1283 N N   . ALA A 1 178 ? -5.807  -2.587  9.864   1.00 47.18 ? 178 ALA A N   1 
ATOM   1284 C CA  . ALA A 1 178 ? -7.146  -3.035  10.185  1.00 47.15 ? 178 ALA A CA  1 
ATOM   1285 C C   . ALA A 1 178 ? -7.965  -2.574  8.994   1.00 47.60 ? 178 ALA A C   1 
ATOM   1286 O O   . ALA A 1 178 ? -7.802  -1.455  8.532   1.00 47.46 ? 178 ALA A O   1 
ATOM   1287 C CB  . ALA A 1 178 ? -7.618  -2.384  11.463  1.00 46.33 ? 178 ALA A CB  1 
ATOM   1288 N N   . ALA A 1 179 ? -8.783  -3.458  8.444   1.00 49.01 ? 179 ALA A N   1 
ATOM   1289 C CA  . ALA A 1 179 ? -9.761  -3.062  7.447   1.00 50.61 ? 179 ALA A CA  1 
ATOM   1290 C C   . ALA A 1 179 ? -11.133 -3.362  8.011   1.00 52.30 ? 179 ALA A C   1 
ATOM   1291 O O   . ALA A 1 179 ? -11.421 -4.513  8.391   1.00 52.28 ? 179 ALA A O   1 
ATOM   1292 C CB  . ALA A 1 179 ? -9.548  -3.779  6.141   1.00 50.03 ? 179 ALA A CB  1 
ATOM   1293 N N   . LEU A 1 180 ? -11.977 -2.329  8.028   1.00 54.40 ? 180 LEU A N   1 
ATOM   1294 C CA  . LEU A 1 180 ? -13.150 -2.290  8.911   1.00 56.72 ? 180 LEU A CA  1 
ATOM   1295 C C   . LEU A 1 180 ? -14.453 -2.966  8.471   1.00 58.50 ? 180 LEU A C   1 
ATOM   1296 O O   . LEU A 1 180 ? -15.168 -3.491  9.336   1.00 59.73 ? 180 LEU A O   1 
ATOM   1297 C CB  . LEU A 1 180 ? -13.419 -0.864  9.454   1.00 56.11 ? 180 LEU A CB  1 
ATOM   1298 C CG  . LEU A 1 180 ? -12.423 -0.384  10.522  1.00 54.77 ? 180 LEU A CG  1 
ATOM   1299 C CD1 . LEU A 1 180 ? -12.709 0.997   11.003  1.00 53.24 ? 180 LEU A CD1 1 
ATOM   1300 C CD2 . LEU A 1 180 ? -12.386 -1.324  11.696  1.00 54.63 ? 180 LEU A CD2 1 
ATOM   1301 N N   . ASN A 1 181 ? -14.762 -3.066  7.195   1.00 60.04 ? 181 ASN A N   1 
ATOM   1302 C CA  . ASN A 1 181 ? -16.024 -3.726  6.891   1.00 61.58 ? 181 ASN A CA  1 
ATOM   1303 C C   . ASN A 1 181 ? -16.033 -5.231  6.637   1.00 62.79 ? 181 ASN A C   1 
ATOM   1304 O O   . ASN A 1 181 ? -16.496 -5.985  7.468   1.00 63.31 ? 181 ASN A O   1 
ATOM   1305 C CB  . ASN A 1 181 ? -16.808 -2.975  5.827   1.00 61.49 ? 181 ASN A CB  1 
ATOM   1306 C CG  . ASN A 1 181 ? -17.366 -1.672  6.348   0.50 61.70 ? 181 ASN A CG  1 
ATOM   1307 O OD1 . ASN A 1 181 ? -18.350 -1.656  7.083   0.50 62.17 ? 181 ASN A OD1 1 
ATOM   1308 N ND2 . ASN A 1 181 ? -16.730 -0.569  5.984   1.00 59.80 ? 181 ASN A ND2 1 
ATOM   1309 N N   . ILE A 1 182 ? -15.538 -5.679  5.501   1.00 63.91 ? 182 ILE A N   1 
ATOM   1310 C CA  . ILE A 1 182 ? -15.671 -7.104  5.144   1.00 65.02 ? 182 ILE A CA  1 
ATOM   1311 C C   . ILE A 1 182 ? -16.951 -7.874  5.542   1.00 66.62 ? 182 ILE A C   1 
ATOM   1312 O O   . ILE A 1 182 ? -17.851 -7.282  6.142   1.00 67.02 ? 182 ILE A O   1 
ATOM   1313 C CB  . ILE A 1 182 ? -14.240 -7.597  5.714   1.00 64.57 ? 182 ILE A CB  1 
ATOM   1314 C CG1 . ILE A 1 182 ? -14.299 -7.987  7.194   1.00 63.67 ? 182 ILE A CG1 1 
ATOM   1315 C CG2 . ILE A 1 182 ? -13.123 -6.560  5.502   1.00 63.99 ? 182 ILE A CG2 1 
ATOM   1316 C CD1 . ILE A 1 182 ? -13.129 -8.746  7.687   1.00 62.03 ? 182 ILE A CD1 1 
ATOM   1317 N N   . PRO A 1 183 ? -17.067 -9.170  5.185   1.00 67.95 ? 183 PRO A N   1 
ATOM   1318 C CA  . PRO A 1 183 ? -16.157 -9.922  4.334   1.00 69.03 ? 183 PRO A CA  1 
ATOM   1319 C C   . PRO A 1 183 ? -16.560 -9.420  2.958   1.00 69.65 ? 183 PRO A C   1 
ATOM   1320 O O   . PRO A 1 183 ? -17.709 -9.536  2.562   1.00 69.79 ? 183 PRO A O   1 
ATOM   1321 C CB  . PRO A 1 183 ? -16.556 -11.402 4.522   1.00 69.50 ? 183 PRO A CB  1 
ATOM   1322 C CG  . PRO A 1 183 ? -17.328 -11.451 5.841   1.00 69.09 ? 183 PRO A CG  1 
ATOM   1323 C CD  . PRO A 1 183 ? -17.996 -10.112 5.894   1.00 68.06 ? 183 PRO A CD  1 
ATOM   1324 O OXT . PRO A 1 183 ? -15.758 -8.845  2.226   1.00 70.53 ? 183 PRO A OXT 1 
HETATM 1325 O O1  . DAO B 2 .   ? -5.302  6.321   5.067   1.00 57.53 ? 500 DAO A O1  1 
HETATM 1326 O O2  . DAO B 2 .   ? -4.646  5.215   6.862   1.00 60.23 ? 500 DAO A O2  1 
HETATM 1327 C C1  . DAO B 2 .   ? -4.787  5.299   5.601   1.00 59.13 ? 500 DAO A C1  1 
HETATM 1328 C C2  . DAO B 2 .   ? -4.335  4.178   4.681   1.00 58.44 ? 500 DAO A C2  1 
HETATM 1329 C C3  . DAO B 2 .   ? -4.198  2.832   5.397   1.00 55.73 ? 500 DAO A C3  1 
HETATM 1330 C C4  . DAO B 2 .   ? -3.521  1.813   4.492   1.00 51.26 ? 500 DAO A C4  1 
HETATM 1331 C C5  . DAO B 2 .   ? -4.494  1.317   3.442   1.00 46.93 ? 500 DAO A C5  1 
HETATM 1332 C C6  . DAO B 2 .   ? -4.118  -0.112  3.153   1.00 43.96 ? 500 DAO A C6  1 
HETATM 1333 C C7  . DAO B 2 .   ? -5.397  -0.884  2.904   1.00 43.30 ? 500 DAO A C7  1 
HETATM 1334 C C8  . DAO B 2 .   ? -5.196  -1.938  1.829   1.00 42.78 ? 500 DAO A C8  1 
HETATM 1335 C C9  . DAO B 2 .   ? -5.509  -3.308  2.406   1.00 43.78 ? 500 DAO A C9  1 
HETATM 1336 C C10 . DAO B 2 .   ? -6.989  -3.422  2.646   1.00 43.89 ? 500 DAO A C10 1 
HETATM 1337 C C11 . DAO B 2 .   ? -7.242  -4.852  3.020   1.00 43.92 ? 500 DAO A C11 1 
HETATM 1338 C C12 . DAO B 2 .   ? -8.741  -5.039  2.863   1.00 46.86 ? 500 DAO A C12 1 
HETATM 1339 O O   . HOH C 3 .   ? -5.559  -7.808  -13.070 1.00 55.22 ? 184 HOH A O   1 
HETATM 1340 O O   . HOH C 3 .   ? -5.213  -5.360  -13.676 1.00 40.25 ? 185 HOH A O   1 
HETATM 1341 O O   . HOH C 3 .   ? 2.590   -14.437 -2.069  1.00 51.79 ? 186 HOH A O   1 
HETATM 1342 O O   . HOH C 3 .   ? 5.665   -15.440 -1.198  1.00 59.51 ? 187 HOH A O   1 
HETATM 1343 O O   . HOH C 3 .   ? 7.758   -16.325 -3.950  1.00 58.48 ? 188 HOH A O   1 
HETATM 1344 O O   . HOH C 3 .   ? 10.121  22.474  -5.091  1.00 53.41 ? 189 HOH A O   1 
HETATM 1345 O O   . HOH C 3 .   ? 10.681  16.014  -0.957  1.00 63.90 ? 190 HOH A O   1 
HETATM 1346 O O   . HOH C 3 .   ? 19.436  7.726   9.408   1.00 56.24 ? 191 HOH A O   1 
HETATM 1347 O O   . HOH C 3 .   ? -10.277 -0.642  15.847  1.00 54.83 ? 192 HOH A O   1 
HETATM 1348 O O   . HOH C 3 .   ? 6.325   4.691   10.748  1.00 33.04 ? 193 HOH A O   1 
HETATM 1349 O O   . HOH C 3 .   ? -5.352  -8.025  17.768  1.00 64.18 ? 194 HOH A O   1 
HETATM 1350 O O   . HOH C 3 .   ? -20.475 -10.677 10.388  1.00 49.14 ? 195 HOH A O   1 
HETATM 1351 O O   . HOH C 3 .   ? -3.872  8.002   4.243   1.00 45.88 ? 196 HOH A O   1 
HETATM 1352 O O   . HOH C 3 .   ? -3.812  5.401   10.940  1.00 49.52 ? 197 HOH A O   1 
HETATM 1353 O O   . HOH C 3 .   ? -7.844  5.413   5.895   1.00 44.81 ? 198 HOH A O   1 
HETATM 1354 O O   . HOH C 3 .   ? -2.753  6.654   8.020   1.00 54.66 ? 199 HOH A O   1 
HETATM 1355 O O   . HOH C 3 .   ? 4.542   -7.254  10.320  1.00 49.91 ? 200 HOH A O   1 
HETATM 1356 O O   . HOH C 3 .   ? 2.186   -8.648  17.208  1.00 56.37 ? 201 HOH A O   1 
HETATM 1357 O O   . HOH C 3 .   ? -3.929  6.939   -16.055 1.00 41.58 ? 202 HOH A O   1 
HETATM 1358 O O   . HOH C 3 .   ? 26.475  3.601   -1.754  1.00 54.50 ? 203 HOH A O   1 
HETATM 1359 O O   . HOH C 3 .   ? 2.457   19.441  -4.254  1.00 41.48 ? 204 HOH A O   1 
HETATM 1360 O O   . HOH C 3 .   ? 12.052  30.593  1.321   1.00 49.20 ? 205 HOH A O   1 
HETATM 1361 O O   . HOH C 3 .   ? -18.254 4.008   4.749   1.00 44.05 ? 206 HOH A O   1 
HETATM 1362 O O   . HOH C 3 .   ? 20.279  8.714   -2.531  1.00 51.12 ? 207 HOH A O   1 
HETATM 1363 O O   . HOH C 3 .   ? 21.910  0.343   0.058   1.00 49.78 ? 208 HOH A O   1 
HETATM 1364 O O   . HOH C 3 .   ? 17.049  14.976  -6.335  1.00 48.92 ? 209 HOH A O   1 
HETATM 1365 O O   . HOH C 3 .   ? -17.158 -8.355  21.061  1.00 44.49 ? 210 HOH A O   1 
HETATM 1366 O O   . HOH C 3 .   ? 3.431   -5.871  13.257  1.00 52.43 ? 211 HOH A O   1 
# 
